data_8TFU
# 
_entry.id   8TFU 
# 
_audit_conform.dict_name       mmcif_pdbx.dic 
_audit_conform.dict_version    5.392 
_audit_conform.dict_location   http://mmcif.pdb.org/dictionaries/ascii/mmcif_pdbx.dic 
# 
loop_
_database_2.database_id 
_database_2.database_code 
_database_2.pdbx_database_accession 
_database_2.pdbx_DOI 
PDB   8TFU         pdb_00008tfu 10.2210/pdb8tfu/pdb 
WWPDB D_1000275878 ?            ?                   
# 
loop_
_pdbx_audit_revision_history.ordinal 
_pdbx_audit_revision_history.data_content_type 
_pdbx_audit_revision_history.major_revision 
_pdbx_audit_revision_history.minor_revision 
_pdbx_audit_revision_history.revision_date 
1 'Structure model' 1 0 2024-03-13 
2 'Structure model' 1 1 2024-05-08 
3 'Structure model' 1 2 2024-05-15 
# 
_pdbx_audit_revision_details.ordinal             1 
_pdbx_audit_revision_details.revision_ordinal    1 
_pdbx_audit_revision_details.data_content_type   'Structure model' 
_pdbx_audit_revision_details.provider            repository 
_pdbx_audit_revision_details.type                'Initial release' 
_pdbx_audit_revision_details.description         ? 
_pdbx_audit_revision_details.details             ? 
# 
loop_
_pdbx_audit_revision_group.ordinal 
_pdbx_audit_revision_group.revision_ordinal 
_pdbx_audit_revision_group.data_content_type 
_pdbx_audit_revision_group.group 
1 2 'Structure model' 'Database references' 
2 3 'Structure model' 'Database references' 
# 
loop_
_pdbx_audit_revision_category.ordinal 
_pdbx_audit_revision_category.revision_ordinal 
_pdbx_audit_revision_category.data_content_type 
_pdbx_audit_revision_category.category 
1 2 'Structure model' citation        
2 2 'Structure model' citation_author 
3 3 'Structure model' citation        
# 
loop_
_pdbx_audit_revision_item.ordinal 
_pdbx_audit_revision_item.revision_ordinal 
_pdbx_audit_revision_item.data_content_type 
_pdbx_audit_revision_item.item 
1  2 'Structure model' '_citation.country'                 
2  2 'Structure model' '_citation.journal_abbrev'          
3  2 'Structure model' '_citation.journal_id_ASTM'         
4  2 'Structure model' '_citation.journal_id_CSD'          
5  2 'Structure model' '_citation.journal_id_ISSN'         
6  2 'Structure model' '_citation.page_first'              
7  2 'Structure model' '_citation.page_last'               
8  2 'Structure model' '_citation.pdbx_database_id_DOI'    
9  2 'Structure model' '_citation.pdbx_database_id_PubMed' 
10 2 'Structure model' '_citation.title'                   
11 2 'Structure model' '_citation.year'                    
12 2 'Structure model' '_citation_author.identifier_ORCID' 
13 2 'Structure model' '_citation_author.name'             
14 3 'Structure model' '_citation.journal_volume'          
15 3 'Structure model' '_citation.title'                   
# 
_pdbx_database_status.status_code                     REL 
_pdbx_database_status.status_code_sf                  REL 
_pdbx_database_status.status_code_mr                  ? 
_pdbx_database_status.entry_id                        8TFU 
_pdbx_database_status.recvd_initial_deposition_date   2023-07-11 
_pdbx_database_status.SG_entry                        N 
_pdbx_database_status.deposit_site                    RCSB 
_pdbx_database_status.process_site                    RCSB 
_pdbx_database_status.status_code_cs                  ? 
_pdbx_database_status.status_code_nmr_data            ? 
_pdbx_database_status.methods_development_category    ? 
_pdbx_database_status.pdb_format_compatible           Y 
# 
_pdbx_contact_author.id                 2 
_pdbx_contact_author.email              bell.489@osu.edu 
_pdbx_contact_author.name_first         Charles 
_pdbx_contact_author.name_last          Bell 
_pdbx_contact_author.name_mi            ? 
_pdbx_contact_author.role               'principal investigator/group leader' 
_pdbx_contact_author.identifier_ORCID   0000-0001-6486-9408 
# 
_audit_author.name               'Bell, C.E.' 
_audit_author.pdbx_ordinal       1 
_audit_author.identifier_ORCID   0000-0001-6486-9408 
# 
_citation.abstract                  ? 
_citation.abstract_id_CAS           ? 
_citation.book_id_ISBN              ? 
_citation.book_publisher            ? 
_citation.book_publisher_city       ? 
_citation.book_title                ? 
_citation.coordinate_linkage        ? 
_citation.country                   UK 
_citation.database_id_Medline       ? 
_citation.details                   ? 
_citation.id                        primary 
_citation.journal_abbrev            J.Mol.Biol. 
_citation.journal_id_ASTM           JMOBAK 
_citation.journal_id_CSD            0070 
_citation.journal_id_ISSN           1089-8638 
_citation.journal_full              ? 
_citation.journal_issue             ? 
_citation.journal_volume            436 
_citation.language                  ? 
_citation.page_first                168590 
_citation.page_last                 168590 
_citation.title                     
;Structural Basis for the Interaction of Red beta Single-Strand Annealing Protein with Escherichia coli Single-Stranded DNA-Binding Protein.
;
_citation.year                      2024 
_citation.database_id_CSD           ? 
_citation.pdbx_database_id_DOI      10.1016/j.jmb.2024.168590 
_citation.pdbx_database_id_PubMed   38663547 
_citation.pdbx_database_id_patent   ? 
_citation.unpublished_flag          ? 
# 
loop_
_citation_author.citation_id 
_citation_author.name 
_citation_author.ordinal 
_citation_author.identifier_ORCID 
primary 'Zakharova, K.'   1 ? 
primary 'Liu, M.'         2 ? 
primary 'Greenwald, J.R.' 3 ? 
primary 'Caldwell, B.C.'  4 ? 
primary 'Qi, Z.'          5 ? 
primary 'Wysocki, V.H.'   6 ? 
primary 'Bell, C.E.'      7 ? 
# 
loop_
_entity.id 
_entity.type 
_entity.src_method 
_entity.pdbx_description 
_entity.formula_weight 
_entity.pdbx_number_of_molecules 
_entity.pdbx_ec 
_entity.pdbx_mutation 
_entity.pdbx_fragment 
_entity.details 
1 polymer man 'Recombination protein bet'                           9428.625 2   ? GSHM ?                    ? 
2 polymer syn 'Plasmid-derived single-stranded DNA-binding protein' 1300.392 2   ? ?    'C-terminal peptide' ? 
3 water   nat water                                                 18.015   149 ? ?    ?                    ? 
# 
_entity_name_com.entity_id   2 
_entity_name_com.name        'SSB,Helix-destabilizing protein' 
# 
loop_
_entity_poly.entity_id 
_entity_poly.type 
_entity_poly.nstd_linkage 
_entity_poly.nstd_monomer 
_entity_poly.pdbx_seq_one_letter_code 
_entity_poly.pdbx_seq_one_letter_code_can 
_entity_poly.pdbx_strand_id 
_entity_poly.pdbx_target_identifier 
1 'polypeptide(L)' no no 
;GSHMTAYTAERQPERDITPVNDETMQEINTLLIALDKTWDDDLLPLCSQIFRRDIRASSELTQAEAVKALGFLKQKAAEQ
KVAA
;
;GSHMTAYTAERQPERDITPVNDETMQEINTLLIALDKTWDDDLLPLCSQIFRRDIRASSELTQAEAVKALGFLKQKAAEQ
KVAA
;
A,B ? 
2 'polypeptide(L)' no no WMDFDDDIPF                                                                              WMDFDDDIPF C,D ? 
# 
_pdbx_entity_nonpoly.entity_id   3 
_pdbx_entity_nonpoly.name        water 
_pdbx_entity_nonpoly.comp_id     HOH 
# 
loop_
_entity_poly_seq.entity_id 
_entity_poly_seq.num 
_entity_poly_seq.mon_id 
_entity_poly_seq.hetero 
1 1  GLY n 
1 2  SER n 
1 3  HIS n 
1 4  MET n 
1 5  THR n 
1 6  ALA n 
1 7  TYR n 
1 8  THR n 
1 9  ALA n 
1 10 GLU n 
1 11 ARG n 
1 12 GLN n 
1 13 PRO n 
1 14 GLU n 
1 15 ARG n 
1 16 ASP n 
1 17 ILE n 
1 18 THR n 
1 19 PRO n 
1 20 VAL n 
1 21 ASN n 
1 22 ASP n 
1 23 GLU n 
1 24 THR n 
1 25 MET n 
1 26 GLN n 
1 27 GLU n 
1 28 ILE n 
1 29 ASN n 
1 30 THR n 
1 31 LEU n 
1 32 LEU n 
1 33 ILE n 
1 34 ALA n 
1 35 LEU n 
1 36 ASP n 
1 37 LYS n 
1 38 THR n 
1 39 TRP n 
1 40 ASP n 
1 41 ASP n 
1 42 ASP n 
1 43 LEU n 
1 44 LEU n 
1 45 PRO n 
1 46 LEU n 
1 47 CYS n 
1 48 SER n 
1 49 GLN n 
1 50 ILE n 
1 51 PHE n 
1 52 ARG n 
1 53 ARG n 
1 54 ASP n 
1 55 ILE n 
1 56 ARG n 
1 57 ALA n 
1 58 SER n 
1 59 SER n 
1 60 GLU n 
1 61 LEU n 
1 62 THR n 
1 63 GLN n 
1 64 ALA n 
1 65 GLU n 
1 66 ALA n 
1 67 VAL n 
1 68 LYS n 
1 69 ALA n 
1 70 LEU n 
1 71 GLY n 
1 72 PHE n 
1 73 LEU n 
1 74 LYS n 
1 75 GLN n 
1 76 LYS n 
1 77 ALA n 
1 78 ALA n 
1 79 GLU n 
1 80 GLN n 
1 81 LYS n 
1 82 VAL n 
1 83 ALA n 
1 84 ALA n 
2 1  TRP n 
2 2  MET n 
2 3  ASP n 
2 4  PHE n 
2 5  ASP n 
2 6  ASP n 
2 7  ASP n 
2 8  ILE n 
2 9  PRO n 
2 10 PHE n 
# 
_entity_src_gen.entity_id                          1 
_entity_src_gen.pdbx_src_id                        1 
_entity_src_gen.pdbx_alt_source_flag               sample 
_entity_src_gen.pdbx_seq_type                      'Biological sequence' 
_entity_src_gen.pdbx_beg_seq_num                   1 
_entity_src_gen.pdbx_end_seq_num                   84 
_entity_src_gen.gene_src_common_name               ? 
_entity_src_gen.gene_src_genus                     ? 
_entity_src_gen.pdbx_gene_src_gene                 'bet, betA, red-beta, redB' 
_entity_src_gen.gene_src_species                   ? 
_entity_src_gen.gene_src_strain                    ? 
_entity_src_gen.gene_src_tissue                    ? 
_entity_src_gen.gene_src_tissue_fraction           ? 
_entity_src_gen.gene_src_details                   ? 
_entity_src_gen.pdbx_gene_src_fragment             ? 
_entity_src_gen.pdbx_gene_src_scientific_name      'Escherichia phage Lambda' 
_entity_src_gen.pdbx_gene_src_ncbi_taxonomy_id     2681611 
_entity_src_gen.pdbx_gene_src_variant              ? 
_entity_src_gen.pdbx_gene_src_cell_line            ? 
_entity_src_gen.pdbx_gene_src_atcc                 ? 
_entity_src_gen.pdbx_gene_src_organ                ? 
_entity_src_gen.pdbx_gene_src_organelle            ? 
_entity_src_gen.pdbx_gene_src_cell                 ? 
_entity_src_gen.pdbx_gene_src_cellular_location    ? 
_entity_src_gen.host_org_common_name               ? 
_entity_src_gen.pdbx_host_org_scientific_name      'Escherichia coli BL21' 
_entity_src_gen.pdbx_host_org_ncbi_taxonomy_id     511693 
_entity_src_gen.host_org_genus                     ? 
_entity_src_gen.pdbx_host_org_gene                 ? 
_entity_src_gen.pdbx_host_org_organ                ? 
_entity_src_gen.host_org_species                   ? 
_entity_src_gen.pdbx_host_org_tissue               ? 
_entity_src_gen.pdbx_host_org_tissue_fraction      ? 
_entity_src_gen.pdbx_host_org_strain               ? 
_entity_src_gen.pdbx_host_org_variant              AI 
_entity_src_gen.pdbx_host_org_cell_line            ? 
_entity_src_gen.pdbx_host_org_atcc                 ? 
_entity_src_gen.pdbx_host_org_culture_collection   ? 
_entity_src_gen.pdbx_host_org_cell                 ? 
_entity_src_gen.pdbx_host_org_organelle            ? 
_entity_src_gen.pdbx_host_org_cellular_location    ? 
_entity_src_gen.pdbx_host_org_vector_type          ? 
_entity_src_gen.pdbx_host_org_vector               ? 
_entity_src_gen.host_org_details                   ? 
_entity_src_gen.expression_system_id               ? 
_entity_src_gen.plasmid_name                       pET28b 
_entity_src_gen.plasmid_details                    ? 
_entity_src_gen.pdbx_description                   ? 
# 
_pdbx_entity_src_syn.entity_id              2 
_pdbx_entity_src_syn.pdbx_src_id            1 
_pdbx_entity_src_syn.pdbx_alt_source_flag   sample 
_pdbx_entity_src_syn.pdbx_beg_seq_num       1 
_pdbx_entity_src_syn.pdbx_end_seq_num       10 
_pdbx_entity_src_syn.organism_scientific    'Escherichia coli' 
_pdbx_entity_src_syn.organism_common_name   ? 
_pdbx_entity_src_syn.ncbi_taxonomy_id       562 
_pdbx_entity_src_syn.details                ? 
# 
loop_
_chem_comp.id 
_chem_comp.type 
_chem_comp.mon_nstd_flag 
_chem_comp.name 
_chem_comp.pdbx_synonyms 
_chem_comp.formula 
_chem_comp.formula_weight 
ALA 'L-peptide linking' y ALANINE         ? 'C3 H7 N O2'     89.093  
ARG 'L-peptide linking' y ARGININE        ? 'C6 H15 N4 O2 1' 175.209 
ASN 'L-peptide linking' y ASPARAGINE      ? 'C4 H8 N2 O3'    132.118 
ASP 'L-peptide linking' y 'ASPARTIC ACID' ? 'C4 H7 N O4'     133.103 
CYS 'L-peptide linking' y CYSTEINE        ? 'C3 H7 N O2 S'   121.158 
GLN 'L-peptide linking' y GLUTAMINE       ? 'C5 H10 N2 O3'   146.144 
GLU 'L-peptide linking' y 'GLUTAMIC ACID' ? 'C5 H9 N O4'     147.129 
GLY 'peptide linking'   y GLYCINE         ? 'C2 H5 N O2'     75.067  
HIS 'L-peptide linking' y HISTIDINE       ? 'C6 H10 N3 O2 1' 156.162 
HOH non-polymer         . WATER           ? 'H2 O'           18.015  
ILE 'L-peptide linking' y ISOLEUCINE      ? 'C6 H13 N O2'    131.173 
LEU 'L-peptide linking' y LEUCINE         ? 'C6 H13 N O2'    131.173 
LYS 'L-peptide linking' y LYSINE          ? 'C6 H15 N2 O2 1' 147.195 
MET 'L-peptide linking' y METHIONINE      ? 'C5 H11 N O2 S'  149.211 
PHE 'L-peptide linking' y PHENYLALANINE   ? 'C9 H11 N O2'    165.189 
PRO 'L-peptide linking' y PROLINE         ? 'C5 H9 N O2'     115.130 
SER 'L-peptide linking' y SERINE          ? 'C3 H7 N O3'     105.093 
THR 'L-peptide linking' y THREONINE       ? 'C4 H9 N O3'     119.119 
TRP 'L-peptide linking' y TRYPTOPHAN      ? 'C11 H12 N2 O2'  204.225 
TYR 'L-peptide linking' y TYROSINE        ? 'C9 H11 N O3'    181.189 
VAL 'L-peptide linking' y VALINE          ? 'C5 H11 N O2'    117.146 
# 
loop_
_pdbx_poly_seq_scheme.asym_id 
_pdbx_poly_seq_scheme.entity_id 
_pdbx_poly_seq_scheme.seq_id 
_pdbx_poly_seq_scheme.mon_id 
_pdbx_poly_seq_scheme.ndb_seq_num 
_pdbx_poly_seq_scheme.pdb_seq_num 
_pdbx_poly_seq_scheme.auth_seq_num 
_pdbx_poly_seq_scheme.pdb_mon_id 
_pdbx_poly_seq_scheme.auth_mon_id 
_pdbx_poly_seq_scheme.pdb_strand_id 
_pdbx_poly_seq_scheme.pdb_ins_code 
_pdbx_poly_seq_scheme.hetero 
A 1 1  GLY 1  178 ?   ?   ?   A . n 
A 1 2  SER 2  179 ?   ?   ?   A . n 
A 1 3  HIS 3  180 ?   ?   ?   A . n 
A 1 4  MET 4  181 ?   ?   ?   A . n 
A 1 5  THR 5  182 ?   ?   ?   A . n 
A 1 6  ALA 6  183 ?   ?   ?   A . n 
A 1 7  TYR 7  184 ?   ?   ?   A . n 
A 1 8  THR 8  185 ?   ?   ?   A . n 
A 1 9  ALA 9  186 ?   ?   ?   A . n 
A 1 10 GLU 10 187 ?   ?   ?   A . n 
A 1 11 ARG 11 188 ?   ?   ?   A . n 
A 1 12 GLN 12 189 ?   ?   ?   A . n 
A 1 13 PRO 13 190 ?   ?   ?   A . n 
A 1 14 GLU 14 191 ?   ?   ?   A . n 
A 1 15 ARG 15 192 192 ARG ARG A . n 
A 1 16 ASP 16 193 193 ASP ASP A . n 
A 1 17 ILE 17 194 194 ILE ILE A . n 
A 1 18 THR 18 195 195 THR THR A . n 
A 1 19 PRO 19 196 196 PRO PRO A . n 
A 1 20 VAL 20 197 197 VAL VAL A . n 
A 1 21 ASN 21 198 198 ASN ASN A . n 
A 1 22 ASP 22 199 199 ASP ASP A . n 
A 1 23 GLU 23 200 200 GLU GLU A . n 
A 1 24 THR 24 201 201 THR THR A . n 
A 1 25 MET 25 202 202 MET MET A . n 
A 1 26 GLN 26 203 203 GLN GLN A . n 
A 1 27 GLU 27 204 204 GLU GLU A . n 
A 1 28 ILE 28 205 205 ILE ILE A . n 
A 1 29 ASN 29 206 206 ASN ASN A . n 
A 1 30 THR 30 207 207 THR THR A . n 
A 1 31 LEU 31 208 208 LEU LEU A . n 
A 1 32 LEU 32 209 209 LEU LEU A . n 
A 1 33 ILE 33 210 210 ILE ILE A . n 
A 1 34 ALA 34 211 211 ALA ALA A . n 
A 1 35 LEU 35 212 212 LEU LEU A . n 
A 1 36 ASP 36 213 213 ASP ASP A . n 
A 1 37 LYS 37 214 214 LYS LYS A . n 
A 1 38 THR 38 215 215 THR THR A . n 
A 1 39 TRP 39 216 216 TRP TRP A . n 
A 1 40 ASP 40 217 217 ASP ASP A . n 
A 1 41 ASP 41 218 218 ASP ASP A . n 
A 1 42 ASP 42 219 219 ASP ASP A . n 
A 1 43 LEU 43 220 220 LEU LEU A . n 
A 1 44 LEU 44 221 221 LEU LEU A . n 
A 1 45 PRO 45 222 222 PRO PRO A . n 
A 1 46 LEU 46 223 223 LEU LEU A . n 
A 1 47 CYS 47 224 224 CYS CYS A . n 
A 1 48 SER 48 225 225 SER SER A . n 
A 1 49 GLN 49 226 226 GLN GLN A . n 
A 1 50 ILE 50 227 227 ILE ILE A . n 
A 1 51 PHE 51 228 228 PHE PHE A . n 
A 1 52 ARG 52 229 229 ARG ARG A . n 
A 1 53 ARG 53 230 230 ARG ARG A . n 
A 1 54 ASP 54 231 231 ASP ASP A . n 
A 1 55 ILE 55 232 232 ILE ILE A . n 
A 1 56 ARG 56 233 233 ARG ARG A . n 
A 1 57 ALA 57 234 234 ALA ALA A . n 
A 1 58 SER 58 235 235 SER SER A . n 
A 1 59 SER 59 236 236 SER SER A . n 
A 1 60 GLU 60 237 237 GLU GLU A . n 
A 1 61 LEU 61 238 238 LEU LEU A . n 
A 1 62 THR 62 239 239 THR THR A . n 
A 1 63 GLN 63 240 240 GLN GLN A . n 
A 1 64 ALA 64 241 241 ALA ALA A . n 
A 1 65 GLU 65 242 242 GLU GLU A . n 
A 1 66 ALA 66 243 243 ALA ALA A . n 
A 1 67 VAL 67 244 244 VAL VAL A . n 
A 1 68 LYS 68 245 245 LYS LYS A . n 
A 1 69 ALA 69 246 246 ALA ALA A . n 
A 1 70 LEU 70 247 247 LEU LEU A . n 
A 1 71 GLY 71 248 248 GLY GLY A . n 
A 1 72 PHE 72 249 249 PHE PHE A . n 
A 1 73 LEU 73 250 250 LEU LEU A . n 
A 1 74 LYS 74 251 251 LYS LYS A . n 
A 1 75 GLN 75 252 252 GLN GLN A . n 
A 1 76 LYS 76 253 253 LYS LYS A . n 
A 1 77 ALA 77 254 254 ALA ALA A . n 
A 1 78 ALA 78 255 255 ALA ALA A . n 
A 1 79 GLU 79 256 256 GLU GLU A . n 
A 1 80 GLN 80 257 257 GLN GLN A . n 
A 1 81 LYS 81 258 258 LYS LYS A . n 
A 1 82 VAL 82 259 259 VAL VAL A . n 
A 1 83 ALA 83 260 260 ALA ALA A . n 
A 1 84 ALA 84 261 261 ALA ALA A . n 
B 1 1  GLY 1  178 ?   ?   ?   B . n 
B 1 2  SER 2  179 ?   ?   ?   B . n 
B 1 3  HIS 3  180 ?   ?   ?   B . n 
B 1 4  MET 4  181 ?   ?   ?   B . n 
B 1 5  THR 5  182 ?   ?   ?   B . n 
B 1 6  ALA 6  183 ?   ?   ?   B . n 
B 1 7  TYR 7  184 ?   ?   ?   B . n 
B 1 8  THR 8  185 ?   ?   ?   B . n 
B 1 9  ALA 9  186 ?   ?   ?   B . n 
B 1 10 GLU 10 187 ?   ?   ?   B . n 
B 1 11 ARG 11 188 ?   ?   ?   B . n 
B 1 12 GLN 12 189 ?   ?   ?   B . n 
B 1 13 PRO 13 190 ?   ?   ?   B . n 
B 1 14 GLU 14 191 ?   ?   ?   B . n 
B 1 15 ARG 15 192 192 ARG ARG B . n 
B 1 16 ASP 16 193 193 ASP ASP B . n 
B 1 17 ILE 17 194 194 ILE ILE B . n 
B 1 18 THR 18 195 195 THR THR B . n 
B 1 19 PRO 19 196 196 PRO PRO B . n 
B 1 20 VAL 20 197 197 VAL VAL B . n 
B 1 21 ASN 21 198 198 ASN ASN B . n 
B 1 22 ASP 22 199 199 ASP ASP B . n 
B 1 23 GLU 23 200 200 GLU GLU B . n 
B 1 24 THR 24 201 201 THR THR B . n 
B 1 25 MET 25 202 202 MET MET B . n 
B 1 26 GLN 26 203 203 GLN GLN B . n 
B 1 27 GLU 27 204 204 GLU GLU B . n 
B 1 28 ILE 28 205 205 ILE ILE B . n 
B 1 29 ASN 29 206 206 ASN ASN B . n 
B 1 30 THR 30 207 207 THR THR B . n 
B 1 31 LEU 31 208 208 LEU LEU B . n 
B 1 32 LEU 32 209 209 LEU LEU B . n 
B 1 33 ILE 33 210 210 ILE ILE B . n 
B 1 34 ALA 34 211 211 ALA ALA B . n 
B 1 35 LEU 35 212 212 LEU LEU B . n 
B 1 36 ASP 36 213 213 ASP ASP B . n 
B 1 37 LYS 37 214 214 LYS LYS B . n 
B 1 38 THR 38 215 215 THR THR B . n 
B 1 39 TRP 39 216 216 TRP TRP B . n 
B 1 40 ASP 40 217 217 ASP ASP B . n 
B 1 41 ASP 41 218 218 ASP ASP B . n 
B 1 42 ASP 42 219 219 ASP ASP B . n 
B 1 43 LEU 43 220 220 LEU LEU B . n 
B 1 44 LEU 44 221 221 LEU LEU B . n 
B 1 45 PRO 45 222 222 PRO PRO B . n 
B 1 46 LEU 46 223 223 LEU LEU B . n 
B 1 47 CYS 47 224 224 CYS CYS B . n 
B 1 48 SER 48 225 225 SER SER B . n 
B 1 49 GLN 49 226 226 GLN GLN B . n 
B 1 50 ILE 50 227 227 ILE ILE B . n 
B 1 51 PHE 51 228 228 PHE PHE B . n 
B 1 52 ARG 52 229 229 ARG ARG B . n 
B 1 53 ARG 53 230 230 ARG ARG B . n 
B 1 54 ASP 54 231 231 ASP ASP B . n 
B 1 55 ILE 55 232 232 ILE ILE B . n 
B 1 56 ARG 56 233 233 ARG ARG B . n 
B 1 57 ALA 57 234 234 ALA ALA B . n 
B 1 58 SER 58 235 235 SER SER B . n 
B 1 59 SER 59 236 236 SER SER B . n 
B 1 60 GLU 60 237 237 GLU GLU B . n 
B 1 61 LEU 61 238 238 LEU LEU B . n 
B 1 62 THR 62 239 239 THR THR B . n 
B 1 63 GLN 63 240 240 GLN GLN B . n 
B 1 64 ALA 64 241 241 ALA ALA B . n 
B 1 65 GLU 65 242 242 GLU GLU B . n 
B 1 66 ALA 66 243 243 ALA ALA B . n 
B 1 67 VAL 67 244 244 VAL VAL B . n 
B 1 68 LYS 68 245 245 LYS LYS B . n 
B 1 69 ALA 69 246 246 ALA ALA B . n 
B 1 70 LEU 70 247 247 LEU LEU B . n 
B 1 71 GLY 71 248 248 GLY GLY B . n 
B 1 72 PHE 72 249 249 PHE PHE B . n 
B 1 73 LEU 73 250 250 LEU LEU B . n 
B 1 74 LYS 74 251 251 LYS LYS B . n 
B 1 75 GLN 75 252 252 GLN GLN B . n 
B 1 76 LYS 76 253 253 LYS LYS B . n 
B 1 77 ALA 77 254 254 ALA ALA B . n 
B 1 78 ALA 78 255 255 ALA ALA B . n 
B 1 79 GLU 79 256 256 GLU GLU B . n 
B 1 80 GLN 80 257 257 GLN GLN B . n 
B 1 81 LYS 81 258 258 LYS LYS B . n 
B 1 82 VAL 82 259 259 VAL VAL B . n 
B 1 83 ALA 83 260 260 ALA ALA B . n 
B 1 84 ALA 84 261 ?   ?   ?   B . n 
C 2 1  TRP 1  168 168 TRP TRP C . n 
C 2 2  MET 2  169 169 MET MET C . n 
C 2 3  ASP 3  170 170 ASP ASP C . n 
C 2 4  PHE 4  171 171 PHE PHE C . n 
C 2 5  ASP 5  172 172 ASP ASP C . n 
C 2 6  ASP 6  173 173 ASP ASP C . n 
C 2 7  ASP 7  174 174 ASP ASP C . n 
C 2 8  ILE 8  175 175 ILE ILE C . n 
C 2 9  PRO 9  176 176 PRO PRO C . n 
C 2 10 PHE 10 177 177 PHE PHE C . n 
D 2 1  TRP 1  168 168 TRP TRP D . n 
D 2 2  MET 2  169 169 MET MET D . n 
D 2 3  ASP 3  170 170 ASP ASP D . n 
D 2 4  PHE 4  171 171 PHE PHE D . n 
D 2 5  ASP 5  172 172 ASP ASP D . n 
D 2 6  ASP 6  173 173 ASP ASP D . n 
D 2 7  ASP 7  174 174 ASP ASP D . n 
D 2 8  ILE 8  175 175 ILE ILE D . n 
D 2 9  PRO 9  176 176 PRO PRO D . n 
D 2 10 PHE 10 177 177 PHE PHE D . n 
# 
loop_
_pdbx_nonpoly_scheme.asym_id 
_pdbx_nonpoly_scheme.entity_id 
_pdbx_nonpoly_scheme.mon_id 
_pdbx_nonpoly_scheme.ndb_seq_num 
_pdbx_nonpoly_scheme.pdb_seq_num 
_pdbx_nonpoly_scheme.auth_seq_num 
_pdbx_nonpoly_scheme.pdb_mon_id 
_pdbx_nonpoly_scheme.auth_mon_id 
_pdbx_nonpoly_scheme.pdb_strand_id 
_pdbx_nonpoly_scheme.pdb_ins_code 
E 3 HOH 1  301 237 HOH HOH A . 
E 3 HOH 2  302 126 HOH HOH A . 
E 3 HOH 3  303 117 HOH HOH A . 
E 3 HOH 4  304 42  HOH HOH A . 
E 3 HOH 5  305 128 HOH HOH A . 
E 3 HOH 6  306 124 HOH HOH A . 
E 3 HOH 7  307 249 HOH HOH A . 
E 3 HOH 8  308 145 HOH HOH A . 
E 3 HOH 9  309 243 HOH HOH A . 
E 3 HOH 10 310 125 HOH HOH A . 
E 3 HOH 11 311 48  HOH HOH A . 
E 3 HOH 12 312 9   HOH HOH A . 
E 3 HOH 13 313 27  HOH HOH A . 
E 3 HOH 14 314 165 HOH HOH A . 
E 3 HOH 15 315 88  HOH HOH A . 
E 3 HOH 16 316 39  HOH HOH A . 
E 3 HOH 17 317 129 HOH HOH A . 
E 3 HOH 18 318 236 HOH HOH A . 
E 3 HOH 19 319 8   HOH HOH A . 
E 3 HOH 20 320 25  HOH HOH A . 
E 3 HOH 21 321 83  HOH HOH A . 
E 3 HOH 22 322 20  HOH HOH A . 
E 3 HOH 23 323 229 HOH HOH A . 
E 3 HOH 24 324 17  HOH HOH A . 
E 3 HOH 25 325 205 HOH HOH A . 
E 3 HOH 26 326 10  HOH HOH A . 
E 3 HOH 27 327 14  HOH HOH A . 
E 3 HOH 28 328 11  HOH HOH A . 
E 3 HOH 29 329 41  HOH HOH A . 
E 3 HOH 30 330 34  HOH HOH A . 
E 3 HOH 31 331 181 HOH HOH A . 
E 3 HOH 32 332 19  HOH HOH A . 
E 3 HOH 33 333 12  HOH HOH A . 
E 3 HOH 34 334 38  HOH HOH A . 
E 3 HOH 35 335 89  HOH HOH A . 
E 3 HOH 36 336 140 HOH HOH A . 
E 3 HOH 37 337 172 HOH HOH A . 
E 3 HOH 38 338 174 HOH HOH A . 
E 3 HOH 39 339 49  HOH HOH A . 
E 3 HOH 40 340 122 HOH HOH A . 
E 3 HOH 41 341 143 HOH HOH A . 
E 3 HOH 42 342 120 HOH HOH A . 
E 3 HOH 43 343 40  HOH HOH A . 
E 3 HOH 44 344 171 HOH HOH A . 
E 3 HOH 45 345 137 HOH HOH A . 
E 3 HOH 46 346 268 HOH HOH A . 
E 3 HOH 47 347 119 HOH HOH A . 
E 3 HOH 48 348 235 HOH HOH A . 
E 3 HOH 49 349 260 HOH HOH A . 
E 3 HOH 50 350 258 HOH HOH A . 
E 3 HOH 51 351 77  HOH HOH A . 
E 3 HOH 52 352 270 HOH HOH A . 
E 3 HOH 53 353 264 HOH HOH A . 
E 3 HOH 54 354 123 HOH HOH A . 
E 3 HOH 55 355 13  HOH HOH A . 
E 3 HOH 56 356 157 HOH HOH A . 
E 3 HOH 57 357 37  HOH HOH A . 
E 3 HOH 58 358 272 HOH HOH A . 
E 3 HOH 59 359 24  HOH HOH A . 
E 3 HOH 60 360 269 HOH HOH A . 
E 3 HOH 61 361 244 HOH HOH A . 
E 3 HOH 62 362 271 HOH HOH A . 
E 3 HOH 63 363 279 HOH HOH A . 
E 3 HOH 64 364 241 HOH HOH A . 
E 3 HOH 65 365 203 HOH HOH A . 
E 3 HOH 66 366 225 HOH HOH A . 
E 3 HOH 67 367 81  HOH HOH A . 
E 3 HOH 68 368 18  HOH HOH A . 
E 3 HOH 69 369 227 HOH HOH A . 
F 3 HOH 1  301 238 HOH HOH B . 
F 3 HOH 2  302 94  HOH HOH B . 
F 3 HOH 3  303 112 HOH HOH B . 
F 3 HOH 4  304 61  HOH HOH B . 
F 3 HOH 5  305 65  HOH HOH B . 
F 3 HOH 6  306 96  HOH HOH B . 
F 3 HOH 7  307 232 HOH HOH B . 
F 3 HOH 8  308 69  HOH HOH B . 
F 3 HOH 9  309 67  HOH HOH B . 
F 3 HOH 10 310 176 HOH HOH B . 
F 3 HOH 11 311 5   HOH HOH B . 
F 3 HOH 12 312 33  HOH HOH B . 
F 3 HOH 13 313 231 HOH HOH B . 
F 3 HOH 14 314 100 HOH HOH B . 
F 3 HOH 15 315 32  HOH HOH B . 
F 3 HOH 16 316 240 HOH HOH B . 
F 3 HOH 17 317 256 HOH HOH B . 
F 3 HOH 18 318 162 HOH HOH B . 
F 3 HOH 19 319 31  HOH HOH B . 
F 3 HOH 20 320 175 HOH HOH B . 
F 3 HOH 21 321 30  HOH HOH B . 
F 3 HOH 22 322 215 HOH HOH B . 
F 3 HOH 23 323 217 HOH HOH B . 
F 3 HOH 24 324 22  HOH HOH B . 
F 3 HOH 25 325 182 HOH HOH B . 
F 3 HOH 26 326 57  HOH HOH B . 
F 3 HOH 27 327 253 HOH HOH B . 
F 3 HOH 28 328 111 HOH HOH B . 
F 3 HOH 29 329 60  HOH HOH B . 
F 3 HOH 30 330 213 HOH HOH B . 
F 3 HOH 31 331 277 HOH HOH B . 
F 3 HOH 32 332 152 HOH HOH B . 
F 3 HOH 33 333 250 HOH HOH B . 
F 3 HOH 34 334 85  HOH HOH B . 
F 3 HOH 35 335 2   HOH HOH B . 
F 3 HOH 36 336 4   HOH HOH B . 
F 3 HOH 37 337 222 HOH HOH B . 
F 3 HOH 38 338 214 HOH HOH B . 
F 3 HOH 39 339 113 HOH HOH B . 
F 3 HOH 40 340 200 HOH HOH B . 
F 3 HOH 41 341 239 HOH HOH B . 
F 3 HOH 42 342 278 HOH HOH B . 
F 3 HOH 43 343 115 HOH HOH B . 
F 3 HOH 44 344 233 HOH HOH B . 
F 3 HOH 45 345 276 HOH HOH B . 
F 3 HOH 46 346 92  HOH HOH B . 
F 3 HOH 47 347 93  HOH HOH B . 
F 3 HOH 48 348 273 HOH HOH B . 
F 3 HOH 49 349 153 HOH HOH B . 
F 3 HOH 50 350 90  HOH HOH B . 
F 3 HOH 51 351 7   HOH HOH B . 
F 3 HOH 52 352 265 HOH HOH B . 
F 3 HOH 53 353 228 HOH HOH B . 
F 3 HOH 54 354 255 HOH HOH B . 
F 3 HOH 55 355 262 HOH HOH B . 
F 3 HOH 56 356 242 HOH HOH B . 
F 3 HOH 57 357 15  HOH HOH B . 
G 3 HOH 1  201 252 HOH HOH C . 
G 3 HOH 2  202 266 HOH HOH C . 
G 3 HOH 3  203 62  HOH HOH C . 
G 3 HOH 4  204 6   HOH HOH C . 
G 3 HOH 5  205 110 HOH HOH C . 
G 3 HOH 6  206 263 HOH HOH C . 
G 3 HOH 7  207 226 HOH HOH C . 
G 3 HOH 8  208 257 HOH HOH C . 
G 3 HOH 9  209 267 HOH HOH C . 
H 3 HOH 1  201 180 HOH HOH D . 
H 3 HOH 2  202 26  HOH HOH D . 
H 3 HOH 3  203 261 HOH HOH D . 
H 3 HOH 4  204 274 HOH HOH D . 
H 3 HOH 5  205 223 HOH HOH D . 
H 3 HOH 6  206 189 HOH HOH D . 
H 3 HOH 7  207 234 HOH HOH D . 
H 3 HOH 8  208 275 HOH HOH D . 
H 3 HOH 9  209 72  HOH HOH D . 
H 3 HOH 10 210 43  HOH HOH D . 
H 3 HOH 11 211 246 HOH HOH D . 
H 3 HOH 12 212 251 HOH HOH D . 
H 3 HOH 13 213 194 HOH HOH D . 
H 3 HOH 14 214 245 HOH HOH D . 
# 
loop_
_pdbx_unobs_or_zero_occ_atoms.id 
_pdbx_unobs_or_zero_occ_atoms.PDB_model_num 
_pdbx_unobs_or_zero_occ_atoms.polymer_flag 
_pdbx_unobs_or_zero_occ_atoms.occupancy_flag 
_pdbx_unobs_or_zero_occ_atoms.auth_asym_id 
_pdbx_unobs_or_zero_occ_atoms.auth_comp_id 
_pdbx_unobs_or_zero_occ_atoms.auth_seq_id 
_pdbx_unobs_or_zero_occ_atoms.PDB_ins_code 
_pdbx_unobs_or_zero_occ_atoms.auth_atom_id 
_pdbx_unobs_or_zero_occ_atoms.label_alt_id 
_pdbx_unobs_or_zero_occ_atoms.label_asym_id 
_pdbx_unobs_or_zero_occ_atoms.label_comp_id 
_pdbx_unobs_or_zero_occ_atoms.label_seq_id 
_pdbx_unobs_or_zero_occ_atoms.label_atom_id 
1  1 Y 1 A ARG 192 ? CG  ? A ARG 15 CG  
2  1 Y 1 A ARG 192 ? CD  ? A ARG 15 CD  
3  1 Y 1 A ARG 192 ? NE  ? A ARG 15 NE  
4  1 Y 1 A ARG 192 ? CZ  ? A ARG 15 CZ  
5  1 Y 1 A ARG 192 ? NH1 ? A ARG 15 NH1 
6  1 Y 1 A ARG 192 ? NH2 ? A ARG 15 NH2 
7  1 Y 1 A LYS 258 ? CG  ? A LYS 81 CG  
8  1 Y 1 A LYS 258 ? CD  ? A LYS 81 CD  
9  1 Y 1 A LYS 258 ? CE  ? A LYS 81 CE  
10 1 Y 1 A LYS 258 ? NZ  ? A LYS 81 NZ  
11 1 Y 1 B ARG 192 ? CG  ? B ARG 15 CG  
12 1 Y 1 B ARG 192 ? CD  ? B ARG 15 CD  
13 1 Y 1 B ARG 192 ? NE  ? B ARG 15 NE  
14 1 Y 1 B ARG 192 ? CZ  ? B ARG 15 CZ  
15 1 Y 1 B ARG 192 ? NH1 ? B ARG 15 NH1 
16 1 Y 1 B ARG 192 ? NH2 ? B ARG 15 NH2 
17 1 Y 1 B ARG 233 ? CG  ? B ARG 56 CG  
18 1 Y 1 B ARG 233 ? CD  ? B ARG 56 CD  
19 1 Y 1 B ARG 233 ? NE  ? B ARG 56 NE  
20 1 Y 1 B ARG 233 ? CZ  ? B ARG 56 CZ  
21 1 Y 1 B ARG 233 ? NH1 ? B ARG 56 NH1 
22 1 Y 1 B ARG 233 ? NH2 ? B ARG 56 NH2 
# 
loop_
_software.citation_id 
_software.classification 
_software.compiler_name 
_software.compiler_version 
_software.contact_author 
_software.contact_author_email 
_software.date 
_software.description 
_software.dependencies 
_software.hardware 
_software.language 
_software.location 
_software.mods 
_software.name 
_software.os 
_software.os_version 
_software.type 
_software.version 
_software.pdbx_ordinal 
? refinement       ? ? ? ? ? ? ? ? ? ? ? REFMAC   ? ? ? 5.8.0415 1 
? 'data reduction' ? ? ? ? ? ? ? ? ? ? ? autoPROC ? ? ? 1.1.7    2 
? 'data scaling'   ? ? ? ? ? ? ? ? ? ? ? Aimless  ? ? ? 0.7.4    3 
? phasing          ? ? ? ? ? ? ? ? ? ? ? MOLREP   ? ? ? 11.4.03  4 
# 
_cell.angle_alpha                  90.000 
_cell.angle_alpha_esd              ? 
_cell.angle_beta                   90.000 
_cell.angle_beta_esd               ? 
_cell.angle_gamma                  90.000 
_cell.angle_gamma_esd              ? 
_cell.entry_id                     8TFU 
_cell.details                      ? 
_cell.formula_units_Z              ? 
_cell.length_a                     37.810 
_cell.length_a_esd                 ? 
_cell.length_b                     68.252 
_cell.length_b_esd                 ? 
_cell.length_c                     70.888 
_cell.length_c_esd                 ? 
_cell.volume                       ? 
_cell.volume_esd                   ? 
_cell.Z_PDB                        8 
_cell.reciprocal_angle_alpha       ? 
_cell.reciprocal_angle_beta        ? 
_cell.reciprocal_angle_gamma       ? 
_cell.reciprocal_angle_alpha_esd   ? 
_cell.reciprocal_angle_beta_esd    ? 
_cell.reciprocal_angle_gamma_esd   ? 
_cell.reciprocal_length_a          ? 
_cell.reciprocal_length_b          ? 
_cell.reciprocal_length_c          ? 
_cell.reciprocal_length_a_esd      ? 
_cell.reciprocal_length_b_esd      ? 
_cell.reciprocal_length_c_esd      ? 
_cell.pdbx_unique_axis             ? 
_cell.pdbx_esd_method              ? 
# 
_symmetry.entry_id                         8TFU 
_symmetry.cell_setting                     ? 
_symmetry.Int_Tables_number                19 
_symmetry.space_group_name_Hall            ? 
_symmetry.space_group_name_H-M             'P 21 21 21' 
_symmetry.pdbx_full_space_group_name_H-M   ? 
# 
_exptl.absorpt_coefficient_mu     ? 
_exptl.absorpt_correction_T_max   ? 
_exptl.absorpt_correction_T_min   ? 
_exptl.absorpt_correction_type    ? 
_exptl.absorpt_process_details    ? 
_exptl.entry_id                   8TFU 
_exptl.crystals_number            1 
_exptl.details                    ? 
_exptl.method                     'X-RAY DIFFRACTION' 
_exptl.method_details             ? 
# 
_exptl_crystal.colour                       ? 
_exptl_crystal.density_diffrn               ? 
_exptl_crystal.density_Matthews             2.13 
_exptl_crystal.density_method               ? 
_exptl_crystal.density_percent_sol          42.29 
_exptl_crystal.description                  ? 
_exptl_crystal.F_000                        ? 
_exptl_crystal.id                           1 
_exptl_crystal.preparation                  ? 
_exptl_crystal.size_max                     ? 
_exptl_crystal.size_mid                     ? 
_exptl_crystal.size_min                     ? 
_exptl_crystal.size_rad                     ? 
_exptl_crystal.colour_lustre                ? 
_exptl_crystal.colour_modifier              ? 
_exptl_crystal.colour_primary               ? 
_exptl_crystal.density_meas                 ? 
_exptl_crystal.density_meas_esd             ? 
_exptl_crystal.density_meas_gt              ? 
_exptl_crystal.density_meas_lt              ? 
_exptl_crystal.density_meas_temp            ? 
_exptl_crystal.density_meas_temp_esd        ? 
_exptl_crystal.density_meas_temp_gt         ? 
_exptl_crystal.density_meas_temp_lt         ? 
_exptl_crystal.pdbx_crystal_image_url       ? 
_exptl_crystal.pdbx_crystal_image_format    ? 
_exptl_crystal.pdbx_mosaicity               ? 
_exptl_crystal.pdbx_mosaicity_esd           ? 
_exptl_crystal.pdbx_mosaic_method           ? 
_exptl_crystal.pdbx_mosaic_block_size       ? 
_exptl_crystal.pdbx_mosaic_block_size_esd   ? 
# 
_exptl_crystal_grow.apparatus       ? 
_exptl_crystal_grow.atmosphere      ? 
_exptl_crystal_grow.crystal_id      1 
_exptl_crystal_grow.details         ? 
_exptl_crystal_grow.method          'VAPOR DIFFUSION, HANGING DROP' 
_exptl_crystal_grow.method_ref      ? 
_exptl_crystal_grow.pH              7.2 
_exptl_crystal_grow.pressure        ? 
_exptl_crystal_grow.pressure_esd    ? 
_exptl_crystal_grow.seeding         ? 
_exptl_crystal_grow.seeding_ref     ? 
_exptl_crystal_grow.temp_details    ? 
_exptl_crystal_grow.temp_esd        ? 
_exptl_crystal_grow.time            ? 
_exptl_crystal_grow.pdbx_details    '0.48 M sodium phosphate monobasic monohydrate, 1.2 M potassium phosphate dibasic' 
_exptl_crystal_grow.pdbx_pH_range   ? 
_exptl_crystal_grow.temp            293 
# 
_diffrn.ambient_environment              ? 
_diffrn.ambient_temp                     100 
_diffrn.ambient_temp_details             ? 
_diffrn.ambient_temp_esd                 ? 
_diffrn.crystal_id                       1 
_diffrn.crystal_support                  ? 
_diffrn.crystal_treatment                ? 
_diffrn.details                          ? 
_diffrn.id                               1 
_diffrn.ambient_pressure                 ? 
_diffrn.ambient_pressure_esd             ? 
_diffrn.ambient_pressure_gt              ? 
_diffrn.ambient_pressure_lt              ? 
_diffrn.ambient_temp_gt                  ? 
_diffrn.ambient_temp_lt                  ? 
_diffrn.pdbx_serial_crystal_experiment   N 
# 
_diffrn_detector.details                      ? 
_diffrn_detector.detector                     PIXEL 
_diffrn_detector.diffrn_id                    1 
_diffrn_detector.type                         'DECTRIS PILATUS3 S 6M' 
_diffrn_detector.area_resol_mean              ? 
_diffrn_detector.dtime                        ? 
_diffrn_detector.pdbx_frames_total            ? 
_diffrn_detector.pdbx_collection_time_total   ? 
_diffrn_detector.pdbx_collection_date         2020-08-05 
_diffrn_detector.pdbx_frequency               ? 
_diffrn_detector.id                           ? 
_diffrn_detector.number_of_axes               ? 
# 
_diffrn_radiation.collimation                      ? 
_diffrn_radiation.diffrn_id                        1 
_diffrn_radiation.filter_edge                      ? 
_diffrn_radiation.inhomogeneity                    ? 
_diffrn_radiation.monochromator                    ? 
_diffrn_radiation.polarisn_norm                    ? 
_diffrn_radiation.polarisn_ratio                   ? 
_diffrn_radiation.probe                            ? 
_diffrn_radiation.type                             ? 
_diffrn_radiation.xray_symbol                      ? 
_diffrn_radiation.wavelength_id                    1 
_diffrn_radiation.pdbx_monochromatic_or_laue_m_l   M 
_diffrn_radiation.pdbx_wavelength_list             ? 
_diffrn_radiation.pdbx_wavelength                  ? 
_diffrn_radiation.pdbx_diffrn_protocol             'SINGLE WAVELENGTH' 
_diffrn_radiation.pdbx_analyzer                    ? 
_diffrn_radiation.pdbx_scattering_type             x-ray 
# 
_diffrn_radiation_wavelength.id           1 
_diffrn_radiation_wavelength.wavelength   0.9793 
_diffrn_radiation_wavelength.wt           1.0 
# 
_diffrn_source.current                     ? 
_diffrn_source.details                     ? 
_diffrn_source.diffrn_id                   1 
_diffrn_source.power                       ? 
_diffrn_source.size                        ? 
_diffrn_source.source                      SYNCHROTRON 
_diffrn_source.target                      ? 
_diffrn_source.type                        'APS BEAMLINE 31-ID' 
_diffrn_source.voltage                     ? 
_diffrn_source.take-off_angle              ? 
_diffrn_source.pdbx_wavelength_list        0.9793 
_diffrn_source.pdbx_wavelength             ? 
_diffrn_source.pdbx_synchrotron_beamline   31-ID 
_diffrn_source.pdbx_synchrotron_site       APS 
# 
_reflns.B_iso_Wilson_estimate                          ? 
_reflns.entry_id                                       8TFU 
_reflns.data_reduction_details                         ? 
_reflns.data_reduction_method                          ? 
_reflns.d_resolution_high                              1.48 
_reflns.d_resolution_low                               35.444 
_reflns.details                                        ? 
_reflns.limit_h_max                                    ? 
_reflns.limit_h_min                                    ? 
_reflns.limit_k_max                                    ? 
_reflns.limit_k_min                                    ? 
_reflns.limit_l_max                                    ? 
_reflns.limit_l_min                                    ? 
_reflns.number_all                                     ? 
_reflns.number_obs                                     25018 
_reflns.observed_criterion                             ? 
_reflns.observed_criterion_F_max                       ? 
_reflns.observed_criterion_F_min                       ? 
_reflns.observed_criterion_I_max                       ? 
_reflns.observed_criterion_I_min                       ? 
_reflns.observed_criterion_sigma_F                     ? 
_reflns.observed_criterion_sigma_I                     ? 
_reflns.percent_possible_obs                           80.1 
_reflns.R_free_details                                 ? 
_reflns.Rmerge_F_all                                   ? 
_reflns.Rmerge_F_obs                                   ? 
_reflns.Friedel_coverage                               ? 
_reflns.number_gt                                      ? 
_reflns.threshold_expression                           ? 
_reflns.pdbx_redundancy                                6.2 
_reflns.pdbx_netI_over_av_sigmaI                       ? 
_reflns.pdbx_netI_over_sigmaI                          14.1 
_reflns.pdbx_res_netI_over_av_sigmaI_2                 ? 
_reflns.pdbx_res_netI_over_sigmaI_2                    ? 
_reflns.pdbx_chi_squared                               ? 
_reflns.pdbx_scaling_rejects                           ? 
_reflns.pdbx_d_res_high_opt                            ? 
_reflns.pdbx_d_res_low_opt                             ? 
_reflns.pdbx_d_res_opt_method                          ? 
_reflns.phase_calculation_details                      ? 
_reflns.pdbx_Rrim_I_all                                ? 
_reflns.pdbx_Rpim_I_all                                ? 
_reflns.pdbx_d_opt                                     ? 
_reflns.pdbx_number_measured_all                       ? 
_reflns.pdbx_diffrn_id                                 1 
_reflns.pdbx_ordinal                                   1 
_reflns.pdbx_CC_half                                   ? 
_reflns.pdbx_CC_star                                   ? 
_reflns.pdbx_R_split                                   ? 
_reflns.pdbx_Rmerge_I_obs                              0.062 
_reflns.pdbx_Rmerge_I_all                              ? 
_reflns.pdbx_Rsym_value                                ? 
_reflns.pdbx_CC_split_method                           ? 
_reflns.pdbx_aniso_diffraction_limit_axis_1_ortho[1]   ? 
_reflns.pdbx_aniso_diffraction_limit_axis_1_ortho[2]   ? 
_reflns.pdbx_aniso_diffraction_limit_axis_1_ortho[3]   ? 
_reflns.pdbx_aniso_diffraction_limit_axis_2_ortho[1]   ? 
_reflns.pdbx_aniso_diffraction_limit_axis_2_ortho[2]   ? 
_reflns.pdbx_aniso_diffraction_limit_axis_2_ortho[3]   ? 
_reflns.pdbx_aniso_diffraction_limit_axis_3_ortho[1]   ? 
_reflns.pdbx_aniso_diffraction_limit_axis_3_ortho[2]   ? 
_reflns.pdbx_aniso_diffraction_limit_axis_3_ortho[3]   ? 
_reflns.pdbx_aniso_diffraction_limit_1                 ? 
_reflns.pdbx_aniso_diffraction_limit_2                 ? 
_reflns.pdbx_aniso_diffraction_limit_3                 ? 
_reflns.pdbx_aniso_B_tensor_eigenvector_1_ortho[1]     ? 
_reflns.pdbx_aniso_B_tensor_eigenvector_1_ortho[2]     ? 
_reflns.pdbx_aniso_B_tensor_eigenvector_1_ortho[3]     ? 
_reflns.pdbx_aniso_B_tensor_eigenvector_2_ortho[1]     ? 
_reflns.pdbx_aniso_B_tensor_eigenvector_2_ortho[2]     ? 
_reflns.pdbx_aniso_B_tensor_eigenvector_2_ortho[3]     ? 
_reflns.pdbx_aniso_B_tensor_eigenvector_3_ortho[1]     ? 
_reflns.pdbx_aniso_B_tensor_eigenvector_3_ortho[2]     ? 
_reflns.pdbx_aniso_B_tensor_eigenvector_3_ortho[3]     ? 
_reflns.pdbx_aniso_B_tensor_eigenvalue_1               ? 
_reflns.pdbx_aniso_B_tensor_eigenvalue_2               ? 
_reflns.pdbx_aniso_B_tensor_eigenvalue_3               ? 
_reflns.pdbx_orthogonalization_convention              ? 
_reflns.pdbx_percent_possible_ellipsoidal              ? 
_reflns.pdbx_percent_possible_spherical                ? 
_reflns.pdbx_percent_possible_ellipsoidal_anomalous    ? 
_reflns.pdbx_percent_possible_spherical_anomalous      ? 
_reflns.pdbx_redundancy_anomalous                      ? 
_reflns.pdbx_CC_half_anomalous                         ? 
_reflns.pdbx_absDiff_over_sigma_anomalous              ? 
_reflns.pdbx_percent_possible_anomalous                ? 
_reflns.pdbx_observed_signal_threshold                 ? 
_reflns.pdbx_signal_type                               ? 
_reflns.pdbx_signal_details                            ? 
_reflns.pdbx_signal_software_id                        ? 
# 
_reflns_shell.d_res_high                                    1.48 
_reflns_shell.d_res_low                                     1.59 
_reflns_shell.meanI_over_sigI_all                           ? 
_reflns_shell.meanI_over_sigI_obs                           1.2 
_reflns_shell.number_measured_all                           ? 
_reflns_shell.number_measured_obs                           ? 
_reflns_shell.number_possible                               ? 
_reflns_shell.number_unique_all                             ? 
_reflns_shell.number_unique_obs                             1251 
_reflns_shell.percent_possible_obs                          ? 
_reflns_shell.Rmerge_F_all                                  ? 
_reflns_shell.Rmerge_F_obs                                  ? 
_reflns_shell.meanI_over_sigI_gt                            ? 
_reflns_shell.meanI_over_uI_all                             ? 
_reflns_shell.meanI_over_uI_gt                              ? 
_reflns_shell.number_measured_gt                            ? 
_reflns_shell.number_unique_gt                              ? 
_reflns_shell.percent_possible_gt                           ? 
_reflns_shell.Rmerge_F_gt                                   ? 
_reflns_shell.Rmerge_I_gt                                   ? 
_reflns_shell.pdbx_redundancy                               6.1 
_reflns_shell.pdbx_chi_squared                              ? 
_reflns_shell.pdbx_netI_over_sigmaI_all                     ? 
_reflns_shell.pdbx_netI_over_sigmaI_obs                     ? 
_reflns_shell.pdbx_Rrim_I_all                               1.330 
_reflns_shell.pdbx_Rpim_I_all                               0.526 
_reflns_shell.pdbx_rejects                                  ? 
_reflns_shell.pdbx_ordinal                                  1 
_reflns_shell.pdbx_diffrn_id                                1 
_reflns_shell.pdbx_CC_half                                  0.409 
_reflns_shell.pdbx_CC_star                                  ? 
_reflns_shell.pdbx_R_split                                  ? 
_reflns_shell.percent_possible_all                          21.2 
_reflns_shell.Rmerge_I_all                                  ? 
_reflns_shell.Rmerge_I_obs                                  1.217 
_reflns_shell.pdbx_Rsym_value                               ? 
_reflns_shell.pdbx_percent_possible_ellipsoidal             ? 
_reflns_shell.pdbx_percent_possible_spherical               ? 
_reflns_shell.pdbx_percent_possible_ellipsoidal_anomalous   ? 
_reflns_shell.pdbx_percent_possible_spherical_anomalous     ? 
_reflns_shell.pdbx_redundancy_anomalous                     ? 
_reflns_shell.pdbx_CC_half_anomalous                        ? 
_reflns_shell.pdbx_absDiff_over_sigma_anomalous             ? 
_reflns_shell.pdbx_percent_possible_anomalous               ? 
# 
_refine.aniso_B[1][1]                            0.246 
_refine.aniso_B[1][2]                            -0.000 
_refine.aniso_B[1][3]                            -0.000 
_refine.aniso_B[2][2]                            0.141 
_refine.aniso_B[2][3]                            -0.000 
_refine.aniso_B[3][3]                            -0.387 
_refine.B_iso_max                                ? 
_refine.B_iso_mean                               29.448 
_refine.B_iso_min                                ? 
_refine.correlation_coeff_Fo_to_Fc               0.972 
_refine.correlation_coeff_Fo_to_Fc_free          0.959 
_refine.details                                  'Hydrogens have been added in their riding positions' 
_refine.diff_density_max                         ? 
_refine.diff_density_max_esd                     ? 
_refine.diff_density_min                         ? 
_refine.diff_density_min_esd                     ? 
_refine.diff_density_rms                         ? 
_refine.diff_density_rms_esd                     ? 
_refine.entry_id                                 8TFU 
_refine.pdbx_refine_id                           'X-RAY DIFFRACTION' 
_refine.ls_abs_structure_details                 ? 
_refine.ls_abs_structure_Flack                   ? 
_refine.ls_abs_structure_Flack_esd               ? 
_refine.ls_abs_structure_Rogers                  ? 
_refine.ls_abs_structure_Rogers_esd              ? 
_refine.ls_d_res_high                            1.482 
_refine.ls_d_res_low                             34.149 
_refine.ls_extinction_coef                       ? 
_refine.ls_extinction_coef_esd                   ? 
_refine.ls_extinction_expression                 ? 
_refine.ls_extinction_method                     ? 
_refine.ls_goodness_of_fit_all                   ? 
_refine.ls_goodness_of_fit_all_esd               ? 
_refine.ls_goodness_of_fit_obs                   ? 
_refine.ls_goodness_of_fit_obs_esd               ? 
_refine.ls_hydrogen_treatment                    ? 
_refine.ls_matrix_type                           ? 
_refine.ls_number_constraints                    ? 
_refine.ls_number_parameters                     ? 
_refine.ls_number_reflns_all                     ? 
_refine.ls_number_reflns_obs                     25017 
_refine.ls_number_reflns_R_free                  1215 
_refine.ls_number_reflns_R_work                  23802 
_refine.ls_number_restraints                     ? 
_refine.ls_percent_reflns_obs                    80.106 
_refine.ls_percent_reflns_R_free                 4.857 
_refine.ls_R_factor_all                          0.183 
_refine.ls_R_factor_obs                          ? 
_refine.ls_R_factor_R_free                       0.2202 
_refine.ls_R_factor_R_free_error                 ? 
_refine.ls_R_factor_R_free_error_details         ? 
_refine.ls_R_factor_R_work                       0.1815 
_refine.ls_R_Fsqd_factor_obs                     ? 
_refine.ls_R_I_factor_obs                        ? 
_refine.ls_redundancy_reflns_all                 ? 
_refine.ls_redundancy_reflns_obs                 ? 
_refine.ls_restrained_S_all                      ? 
_refine.ls_restrained_S_obs                      ? 
_refine.ls_shift_over_esd_max                    ? 
_refine.ls_shift_over_esd_mean                   ? 
_refine.ls_structure_factor_coef                 ? 
_refine.ls_weighting_details                     ? 
_refine.ls_weighting_scheme                      ? 
_refine.ls_wR_factor_all                         ? 
_refine.ls_wR_factor_obs                         ? 
_refine.ls_wR_factor_R_free                      ? 
_refine.ls_wR_factor_R_work                      ? 
_refine.occupancy_max                            ? 
_refine.occupancy_min                            ? 
_refine.solvent_model_details                    'MASK BULK SOLVENT' 
_refine.solvent_model_param_bsol                 ? 
_refine.solvent_model_param_ksol                 ? 
_refine.pdbx_R_complete                          ? 
_refine.ls_R_factor_gt                           ? 
_refine.ls_goodness_of_fit_gt                    ? 
_refine.ls_goodness_of_fit_ref                   ? 
_refine.ls_shift_over_su_max                     ? 
_refine.ls_shift_over_su_max_lt                  ? 
_refine.ls_shift_over_su_mean                    ? 
_refine.ls_shift_over_su_mean_lt                 ? 
_refine.pdbx_ls_sigma_I                          ? 
_refine.pdbx_ls_sigma_F                          ? 
_refine.pdbx_ls_sigma_Fsqd                       ? 
_refine.pdbx_data_cutoff_high_absF               ? 
_refine.pdbx_data_cutoff_high_rms_absF           ? 
_refine.pdbx_data_cutoff_low_absF                ? 
_refine.pdbx_isotropic_thermal_model             ? 
_refine.pdbx_ls_cross_valid_method               'FREE R-VALUE' 
_refine.pdbx_method_to_determine_struct          'MOLECULAR REPLACEMENT' 
_refine.pdbx_starting_model                      ? 
_refine.pdbx_stereochemistry_target_values       ? 
_refine.pdbx_R_Free_selection_details            ? 
_refine.pdbx_stereochem_target_val_spec_case     ? 
_refine.pdbx_overall_ESU_R                       0.082 
_refine.pdbx_overall_ESU_R_Free                  0.087 
_refine.pdbx_solvent_vdw_probe_radii             1.200 
_refine.pdbx_solvent_ion_probe_radii             0.800 
_refine.pdbx_solvent_shrinkage_radii             0.800 
_refine.pdbx_real_space_R                        ? 
_refine.pdbx_density_correlation                 ? 
_refine.pdbx_pd_number_of_powder_patterns        ? 
_refine.pdbx_pd_number_of_points                 ? 
_refine.pdbx_pd_meas_number_of_points            ? 
_refine.pdbx_pd_proc_ls_prof_R_factor            ? 
_refine.pdbx_pd_proc_ls_prof_wR_factor           ? 
_refine.pdbx_pd_Marquardt_correlation_coeff      ? 
_refine.pdbx_pd_Fsqrd_R_factor                   ? 
_refine.pdbx_pd_ls_matrix_band_width             ? 
_refine.pdbx_overall_phase_error                 ? 
_refine.pdbx_overall_SU_R_free_Cruickshank_DPI   ? 
_refine.pdbx_overall_SU_R_free_Blow_DPI          ? 
_refine.pdbx_overall_SU_R_Blow_DPI               ? 
_refine.pdbx_TLS_residual_ADP_flag               ? 
_refine.pdbx_diffrn_id                           1 
_refine.overall_SU_B                             2.003 
_refine.overall_SU_ML                            0.068 
_refine.overall_SU_R_Cruickshank_DPI             ? 
_refine.overall_SU_R_free                        ? 
_refine.overall_FOM_free_R_set                   ? 
_refine.overall_FOM_work_R_set                   ? 
_refine.pdbx_average_fsc_overall                 ? 
_refine.pdbx_average_fsc_work                    ? 
_refine.pdbx_average_fsc_free                    ? 
# 
_refine_hist.pdbx_refine_id                   'X-RAY DIFFRACTION' 
_refine_hist.cycle_id                         LAST 
_refine_hist.pdbx_number_atoms_protein        1258 
_refine_hist.pdbx_number_atoms_nucleic_acid   0 
_refine_hist.pdbx_number_atoms_ligand         0 
_refine_hist.number_atoms_solvent             149 
_refine_hist.number_atoms_total               1407 
_refine_hist.d_res_high                       1.482 
_refine_hist.d_res_low                        34.149 
# 
loop_
_refine_ls_restr.pdbx_refine_id 
_refine_ls_restr.criterion 
_refine_ls_restr.dev_ideal 
_refine_ls_restr.dev_ideal_target 
_refine_ls_restr.number 
_refine_ls_restr.rejects 
_refine_ls_restr.type 
_refine_ls_restr.weight 
_refine_ls_restr.pdbx_restraint_function 
'X-RAY DIFFRACTION' ? 0.010  0.012  1276 ? r_bond_refined_d               ? ? 
'X-RAY DIFFRACTION' ? 0.001  0.016  1211 ? r_bond_other_d                 ? ? 
'X-RAY DIFFRACTION' ? 1.584  1.631  1732 ? r_angle_refined_deg            ? ? 
'X-RAY DIFFRACTION' ? 0.531  1.588  2792 ? r_angle_other_deg              ? ? 
'X-RAY DIFFRACTION' ? 6.828  5.000  155  ? r_dihedral_angle_1_deg         ? ? 
'X-RAY DIFFRACTION' ? 3.563  5.000  5    ? r_dihedral_angle_2_deg         ? ? 
'X-RAY DIFFRACTION' ? 15.653 10.000 225  ? r_dihedral_angle_3_deg         ? ? 
'X-RAY DIFFRACTION' ? 14.343 10.000 63   ? r_dihedral_angle_6_deg         ? ? 
'X-RAY DIFFRACTION' ? 0.079  0.200  203  ? r_chiral_restr                 ? ? 
'X-RAY DIFFRACTION' ? 0.008  0.020  1490 ? r_gen_planes_refined           ? ? 
'X-RAY DIFFRACTION' ? 0.001  0.020  266  ? r_gen_planes_other             ? ? 
'X-RAY DIFFRACTION' ? 0.218  0.200  279  ? r_nbd_refined                  ? ? 
'X-RAY DIFFRACTION' ? 0.173  0.200  1109 ? r_symmetry_nbd_other           ? ? 
'X-RAY DIFFRACTION' ? 0.177  0.200  663  ? r_nbtor_refined                ? ? 
'X-RAY DIFFRACTION' ? 0.077  0.200  724  ? r_symmetry_nbtor_other         ? ? 
'X-RAY DIFFRACTION' ? 0.166  0.200  95   ? r_xyhbond_nbd_refined          ? ? 
'X-RAY DIFFRACTION' ? 0.296  0.200  8    ? r_symmetry_nbd_refined         ? ? 
'X-RAY DIFFRACTION' ? 0.201  0.200  35   ? r_nbd_other                    ? ? 
'X-RAY DIFFRACTION' ? 0.252  0.200  10   ? r_symmetry_xyhbond_nbd_refined ? ? 
'X-RAY DIFFRACTION' ? 3.030  2.965  632  ? r_mcbond_it                    ? ? 
'X-RAY DIFFRACTION' ? 3.024  2.964  632  ? r_mcbond_other                 ? ? 
'X-RAY DIFFRACTION' ? 4.363  5.269  783  ? r_mcangle_it                   ? ? 
'X-RAY DIFFRACTION' ? 4.365  5.271  784  ? r_mcangle_other                ? ? 
'X-RAY DIFFRACTION' ? 4.935  3.550  644  ? r_scbond_it                    ? ? 
'X-RAY DIFFRACTION' ? 4.931  3.549  645  ? r_scbond_other                 ? ? 
'X-RAY DIFFRACTION' ? 7.751  6.293  949  ? r_scangle_it                   ? ? 
'X-RAY DIFFRACTION' ? 7.747  6.292  950  ? r_scangle_other                ? ? 
'X-RAY DIFFRACTION' ? 9.065  34.261 1506 ? r_lrange_it                    ? ? 
'X-RAY DIFFRACTION' ? 9.075  32.045 1474 ? r_lrange_other                 ? ? 
# 
loop_
_refine_ls_shell.pdbx_refine_id 
_refine_ls_shell.d_res_high 
_refine_ls_shell.d_res_low 
_refine_ls_shell.number_reflns_all 
_refine_ls_shell.number_reflns_obs 
_refine_ls_shell.number_reflns_R_free 
_refine_ls_shell.number_reflns_R_work 
_refine_ls_shell.percent_reflns_obs 
_refine_ls_shell.percent_reflns_R_free 
_refine_ls_shell.R_factor_all 
_refine_ls_shell.R_factor_obs 
_refine_ls_shell.R_factor_R_free_error 
_refine_ls_shell.R_factor_R_work 
_refine_ls_shell.redundancy_reflns_all 
_refine_ls_shell.redundancy_reflns_obs 
_refine_ls_shell.wR_factor_all 
_refine_ls_shell.wR_factor_obs 
_refine_ls_shell.wR_factor_R_free 
_refine_ls_shell.wR_factor_R_work 
_refine_ls_shell.pdbx_R_complete 
_refine_ls_shell.pdbx_total_number_of_bins_used 
_refine_ls_shell.pdbx_phase_error 
_refine_ls_shell.pdbx_fsc_work 
_refine_ls_shell.pdbx_fsc_free 
_refine_ls_shell.R_factor_R_free 
'X-RAY DIFFRACTION' 1.482 1.520  2267 . 2   89   4.0141  . 0.481 . . 0.480 . . . . . 0.474 . 20 . 0.905 0.987 0.548 
'X-RAY DIFFRACTION' 1.520 1.562  2207 . 31  508  24.4223 . 0.418 . . 0.420 . . . . . 0.414 . 20 . 0.908 0.924 0.391 
'X-RAY DIFFRACTION' 1.562 1.607  2145 . 36  965  46.6667 . 0.368 . . 0.370 . . . . . 0.363 . 20 . 0.917 0.938 0.313 
'X-RAY DIFFRACTION' 1.607 1.656  2105 . 71  1446 72.0665 . 0.334 . . 0.332 . . . . . 0.321 . 20 . 0.934 0.917 0.373 
'X-RAY DIFFRACTION' 1.656 1.710  2035 . 105 1710 89.1892 . 0.323 . . 0.319 . . . . . 0.303 . 20 . 0.939 0.917 0.379 
'X-RAY DIFFRACTION' 1.710 1.770  1950 . 92  1774 95.6923 . 0.305 . . 0.307 . . . . . 0.277 . 20 . 0.946 0.948 0.285 
'X-RAY DIFFRACTION' 1.770 1.837  1902 . 111 1750 97.8444 . 0.288 . . 0.284 . . . . . 0.243 . 20 . 0.953 0.937 0.370 
'X-RAY DIFFRACTION' 1.837 1.912  1854 . 98  1752 99.7842 . 0.245 . . 0.244 . . . . . 0.199 . 20 . 0.964 0.955 0.259 
'X-RAY DIFFRACTION' 1.912 1.996  1770 . 67  1702 99.9435 . 0.209 . . 0.207 . . . . . 0.180 . 20 . 0.972 0.955 0.245 
'X-RAY DIFFRACTION' 1.996 2.093  1670 . 68  1493 93.4731 . 0.190 . . 0.189 . . . . . 0.173 . 20 . 0.979 0.969 0.207 
'X-RAY DIFFRACTION' 2.093 2.206  1610 . 74  1505 98.0745 . 0.174 . . 0.172 . . . . . 0.159 . 20 . 0.984 0.968 0.228 
'X-RAY DIFFRACTION' 2.206 2.339  1532 . 67  1388 94.9739 . 0.178 . . 0.178 . . . . . 0.168 . 20 . 0.982 0.980 0.181 
'X-RAY DIFFRACTION' 2.339 2.500  1435 . 82  1348 99.6516 . 0.171 . . 0.168 . . . . . 0.166 . 20 . 0.983 0.971 0.218 
'X-RAY DIFFRACTION' 2.500 2.699  1361 . 61  1292 99.4122 . 0.168 . . 0.165 . . . . . 0.170 . 20 . 0.984 0.968 0.230 
'X-RAY DIFFRACTION' 2.699 2.955  1237 . 42  1182 98.9491 . 0.170 . . 0.169 . . . . . 0.179 . 20 . 0.982 0.972 0.207 
'X-RAY DIFFRACTION' 2.955 3.301  1135 . 59  1070 99.4714 . 0.177 . . 0.174 . . . . . 0.194 . 20 . 0.980 0.957 0.249 
'X-RAY DIFFRACTION' 3.301 3.805  1018 . 47  964  99.3124 . 0.151 . . 0.149 . . . . . 0.179 . 20 . 0.986 0.978 0.195 
'X-RAY DIFFRACTION' 3.805 4.646  870  . 39  819  98.6207 . 0.137 . . 0.134 . . . . . 0.167 . 20 . 0.989 0.979 0.204 
'X-RAY DIFFRACTION' 4.646 6.511  696  . 37  653  99.1379 . 0.179 . . 0.177 . . . . . 0.238 . 20 . 0.983 0.974 0.214 
'X-RAY DIFFRACTION' 6.511 34.149 429  . 26  392  97.4359 . 0.186 . . 0.190 . . . . . 0.279 . 20 . 0.978 0.990 0.138 
# 
_struct.entry_id                     8TFU 
_struct.title                        'Structure of Red beta C-terminal domain in complex with SSB C-terminal peptide, Form 1' 
_struct.pdbx_model_details           ? 
_struct.pdbx_formula_weight          ? 
_struct.pdbx_formula_weight_method   ? 
_struct.pdbx_model_type_details      ? 
_struct.pdbx_CASP_flag               N 
# 
_struct_keywords.entry_id        8TFU 
_struct_keywords.text            
;Recombination, Recombineering, Single Strand Annealing, Single-stranded DNA binding protein, genome engineering, DNA BINDING PROTEIN
;
_struct_keywords.pdbx_keywords   'DNA BINDING PROTEIN' 
# 
loop_
_struct_asym.id 
_struct_asym.pdbx_blank_PDB_chainid_flag 
_struct_asym.pdbx_modified 
_struct_asym.entity_id 
_struct_asym.details 
A N N 1 ? 
B N N 1 ? 
C N N 2 ? 
D N N 2 ? 
E N N 3 ? 
F N N 3 ? 
G N N 3 ? 
H N N 3 ? 
# 
loop_
_struct_ref.id 
_struct_ref.db_name 
_struct_ref.db_code 
_struct_ref.pdbx_db_accession 
_struct_ref.pdbx_db_isoform 
_struct_ref.entity_id 
_struct_ref.pdbx_seq_one_letter_code 
_struct_ref.pdbx_align_begin 
1 UNP VBET_LAMBD P03698 ? 1 
;TAYTAERQPERDITPVNDETMQEINTLLIALDKTWDDDLLPLCSQIFRRDIRASSELTQAEAVKALGFLKQKAAEQKVAA

;
182 
2 UNP SSB7_ECOLX P28044 ? 2 AYDFDDDIPF                                                                          166 
# 
loop_
_struct_ref_seq.align_id 
_struct_ref_seq.ref_id 
_struct_ref_seq.pdbx_PDB_id_code 
_struct_ref_seq.pdbx_strand_id 
_struct_ref_seq.seq_align_beg 
_struct_ref_seq.pdbx_seq_align_beg_ins_code 
_struct_ref_seq.seq_align_end 
_struct_ref_seq.pdbx_seq_align_end_ins_code 
_struct_ref_seq.pdbx_db_accession 
_struct_ref_seq.db_align_beg 
_struct_ref_seq.pdbx_db_align_beg_ins_code 
_struct_ref_seq.db_align_end 
_struct_ref_seq.pdbx_db_align_end_ins_code 
_struct_ref_seq.pdbx_auth_seq_align_beg 
_struct_ref_seq.pdbx_auth_seq_align_end 
1 1 8TFU A 5 ? 84 ? P03698 182 ? 261 ? 182 261 
2 1 8TFU B 5 ? 84 ? P03698 182 ? 261 ? 182 261 
3 2 8TFU C 1 ? 10 ? P28044 166 ? 175 ? 168 177 
4 2 8TFU D 1 ? 10 ? P28044 166 ? 175 ? 168 177 
# 
loop_
_struct_ref_seq_dif.align_id 
_struct_ref_seq_dif.pdbx_pdb_id_code 
_struct_ref_seq_dif.mon_id 
_struct_ref_seq_dif.pdbx_pdb_strand_id 
_struct_ref_seq_dif.seq_num 
_struct_ref_seq_dif.pdbx_pdb_ins_code 
_struct_ref_seq_dif.pdbx_seq_db_name 
_struct_ref_seq_dif.pdbx_seq_db_accession_code 
_struct_ref_seq_dif.db_mon_id 
_struct_ref_seq_dif.pdbx_seq_db_seq_num 
_struct_ref_seq_dif.details 
_struct_ref_seq_dif.pdbx_auth_seq_num 
_struct_ref_seq_dif.pdbx_ordinal 
1 8TFU GLY A 1 ? UNP P03698 ?   ?   'expression tag'      178 1  
1 8TFU SER A 2 ? UNP P03698 ?   ?   'expression tag'      179 2  
1 8TFU HIS A 3 ? UNP P03698 ?   ?   'expression tag'      180 3  
1 8TFU MET A 4 ? UNP P03698 ?   ?   'expression tag'      181 4  
2 8TFU GLY B 1 ? UNP P03698 ?   ?   'expression tag'      178 5  
2 8TFU SER B 2 ? UNP P03698 ?   ?   'expression tag'      179 6  
2 8TFU HIS B 3 ? UNP P03698 ?   ?   'expression tag'      180 7  
2 8TFU MET B 4 ? UNP P03698 ?   ?   'expression tag'      181 8  
3 8TFU TRP C 1 ? UNP P28044 ALA 166 'engineered mutation' 168 9  
3 8TFU MET C 2 ? UNP P28044 TYR 167 'engineered mutation' 169 10 
4 8TFU TRP D 1 ? UNP P28044 ALA 166 'engineered mutation' 168 11 
4 8TFU MET D 2 ? UNP P28044 TYR 167 'engineered mutation' 169 12 
# 
loop_
_pdbx_struct_assembly.id 
_pdbx_struct_assembly.details 
_pdbx_struct_assembly.method_details 
_pdbx_struct_assembly.oligomeric_details 
_pdbx_struct_assembly.oligomeric_count 
1 author_and_software_defined_assembly PISA dimeric 2 
2 author_and_software_defined_assembly PISA dimeric 2 
# 
loop_
_pdbx_struct_assembly_prop.biol_id 
_pdbx_struct_assembly_prop.type 
_pdbx_struct_assembly_prop.value 
_pdbx_struct_assembly_prop.details 
1 'ABSA (A^2)' 1040 ? 
1 MORE         -10  ? 
1 'SSA (A^2)'  5370 ? 
2 'ABSA (A^2)' 1020 ? 
2 MORE         -9   ? 
2 'SSA (A^2)'  5340 ? 
# 
loop_
_pdbx_struct_assembly_gen.assembly_id 
_pdbx_struct_assembly_gen.oper_expression 
_pdbx_struct_assembly_gen.asym_id_list 
1 1 A,D,E,H 
2 1 B,C,F,G 
# 
_pdbx_struct_oper_list.id                   1 
_pdbx_struct_oper_list.type                 'identity operation' 
_pdbx_struct_oper_list.name                 1_555 
_pdbx_struct_oper_list.symmetry_operation   x,y,z 
_pdbx_struct_oper_list.matrix[1][1]         1.0000000000 
_pdbx_struct_oper_list.matrix[1][2]         0.0000000000 
_pdbx_struct_oper_list.matrix[1][3]         0.0000000000 
_pdbx_struct_oper_list.vector[1]            0.0000000000 
_pdbx_struct_oper_list.matrix[2][1]         0.0000000000 
_pdbx_struct_oper_list.matrix[2][2]         1.0000000000 
_pdbx_struct_oper_list.matrix[2][3]         0.0000000000 
_pdbx_struct_oper_list.vector[2]            0.0000000000 
_pdbx_struct_oper_list.matrix[3][1]         0.0000000000 
_pdbx_struct_oper_list.matrix[3][2]         0.0000000000 
_pdbx_struct_oper_list.matrix[3][3]         1.0000000000 
_pdbx_struct_oper_list.vector[3]            0.0000000000 
# 
loop_
_struct_conf.conf_type_id 
_struct_conf.id 
_struct_conf.pdbx_PDB_helix_id 
_struct_conf.beg_label_comp_id 
_struct_conf.beg_label_asym_id 
_struct_conf.beg_label_seq_id 
_struct_conf.pdbx_beg_PDB_ins_code 
_struct_conf.end_label_comp_id 
_struct_conf.end_label_asym_id 
_struct_conf.end_label_seq_id 
_struct_conf.pdbx_end_PDB_ins_code 
_struct_conf.beg_auth_comp_id 
_struct_conf.beg_auth_asym_id 
_struct_conf.beg_auth_seq_id 
_struct_conf.end_auth_comp_id 
_struct_conf.end_auth_asym_id 
_struct_conf.end_auth_seq_id 
_struct_conf.pdbx_PDB_helix_class 
_struct_conf.details 
_struct_conf.pdbx_PDB_helix_length 
HELX_P HELX_P1 AA1 ASN A 21 ? LEU A 35 ? ASN A 198 LEU A 212 1 ? 15 
HELX_P HELX_P2 AA2 ASP A 42 ? ARG A 52 ? ASP A 219 ARG A 229 1 ? 11 
HELX_P HELX_P3 AA3 ALA A 57 ? LEU A 61 ? ALA A 234 LEU A 238 5 ? 5  
HELX_P HELX_P4 AA4 THR A 62 ? GLN A 80 ? THR A 239 GLN A 257 1 ? 19 
HELX_P HELX_P5 AA5 ASN B 21 ? ASP B 36 ? ASN B 198 ASP B 213 1 ? 16 
HELX_P HELX_P6 AA6 ASP B 42 ? PHE B 51 ? ASP B 219 PHE B 228 1 ? 10 
HELX_P HELX_P7 AA7 ALA B 57 ? LEU B 61 ? ALA B 234 LEU B 238 5 ? 5  
HELX_P HELX_P8 AA8 THR B 62 ? GLN B 80 ? THR B 239 GLN B 257 1 ? 19 
# 
_struct_conf_type.id          HELX_P 
_struct_conf_type.criteria    ? 
_struct_conf_type.reference   ? 
# 
loop_
_pdbx_validate_torsion.id 
_pdbx_validate_torsion.PDB_model_num 
_pdbx_validate_torsion.auth_comp_id 
_pdbx_validate_torsion.auth_asym_id 
_pdbx_validate_torsion.auth_seq_id 
_pdbx_validate_torsion.PDB_ins_code 
_pdbx_validate_torsion.label_alt_id 
_pdbx_validate_torsion.phi 
_pdbx_validate_torsion.psi 
1 1 ASP A 219 ? ? -124.87 -60.93 
2 1 ASP B 219 ? ? -125.45 -58.07 
# 
loop_
_pdbx_unobs_or_zero_occ_residues.id 
_pdbx_unobs_or_zero_occ_residues.PDB_model_num 
_pdbx_unobs_or_zero_occ_residues.polymer_flag 
_pdbx_unobs_or_zero_occ_residues.occupancy_flag 
_pdbx_unobs_or_zero_occ_residues.auth_asym_id 
_pdbx_unobs_or_zero_occ_residues.auth_comp_id 
_pdbx_unobs_or_zero_occ_residues.auth_seq_id 
_pdbx_unobs_or_zero_occ_residues.PDB_ins_code 
_pdbx_unobs_or_zero_occ_residues.label_asym_id 
_pdbx_unobs_or_zero_occ_residues.label_comp_id 
_pdbx_unobs_or_zero_occ_residues.label_seq_id 
1  1 Y 1 A GLY 178 ? A GLY 1  
2  1 Y 1 A SER 179 ? A SER 2  
3  1 Y 1 A HIS 180 ? A HIS 3  
4  1 Y 1 A MET 181 ? A MET 4  
5  1 Y 1 A THR 182 ? A THR 5  
6  1 Y 1 A ALA 183 ? A ALA 6  
7  1 Y 1 A TYR 184 ? A TYR 7  
8  1 Y 1 A THR 185 ? A THR 8  
9  1 Y 1 A ALA 186 ? A ALA 9  
10 1 Y 1 A GLU 187 ? A GLU 10 
11 1 Y 1 A ARG 188 ? A ARG 11 
12 1 Y 1 A GLN 189 ? A GLN 12 
13 1 Y 1 A PRO 190 ? A PRO 13 
14 1 Y 1 A GLU 191 ? A GLU 14 
15 1 Y 1 B GLY 178 ? B GLY 1  
16 1 Y 1 B SER 179 ? B SER 2  
17 1 Y 1 B HIS 180 ? B HIS 3  
18 1 Y 1 B MET 181 ? B MET 4  
19 1 Y 1 B THR 182 ? B THR 5  
20 1 Y 1 B ALA 183 ? B ALA 6  
21 1 Y 1 B TYR 184 ? B TYR 7  
22 1 Y 1 B THR 185 ? B THR 8  
23 1 Y 1 B ALA 186 ? B ALA 9  
24 1 Y 1 B GLU 187 ? B GLU 10 
25 1 Y 1 B ARG 188 ? B ARG 11 
26 1 Y 1 B GLN 189 ? B GLN 12 
27 1 Y 1 B PRO 190 ? B PRO 13 
28 1 Y 1 B GLU 191 ? B GLU 14 
29 1 Y 1 B ALA 261 ? B ALA 84 
# 
loop_
_chem_comp_atom.comp_id 
_chem_comp_atom.atom_id 
_chem_comp_atom.type_symbol 
_chem_comp_atom.pdbx_aromatic_flag 
_chem_comp_atom.pdbx_stereo_config 
_chem_comp_atom.pdbx_ordinal 
ALA N    N N N 1   
ALA CA   C N S 2   
ALA C    C N N 3   
ALA O    O N N 4   
ALA CB   C N N 5   
ALA OXT  O N N 6   
ALA H    H N N 7   
ALA H2   H N N 8   
ALA HA   H N N 9   
ALA HB1  H N N 10  
ALA HB2  H N N 11  
ALA HB3  H N N 12  
ALA HXT  H N N 13  
ARG N    N N N 14  
ARG CA   C N S 15  
ARG C    C N N 16  
ARG O    O N N 17  
ARG CB   C N N 18  
ARG CG   C N N 19  
ARG CD   C N N 20  
ARG NE   N N N 21  
ARG CZ   C N N 22  
ARG NH1  N N N 23  
ARG NH2  N N N 24  
ARG OXT  O N N 25  
ARG H    H N N 26  
ARG H2   H N N 27  
ARG HA   H N N 28  
ARG HB2  H N N 29  
ARG HB3  H N N 30  
ARG HG2  H N N 31  
ARG HG3  H N N 32  
ARG HD2  H N N 33  
ARG HD3  H N N 34  
ARG HE   H N N 35  
ARG HH11 H N N 36  
ARG HH12 H N N 37  
ARG HH21 H N N 38  
ARG HH22 H N N 39  
ARG HXT  H N N 40  
ASN N    N N N 41  
ASN CA   C N S 42  
ASN C    C N N 43  
ASN O    O N N 44  
ASN CB   C N N 45  
ASN CG   C N N 46  
ASN OD1  O N N 47  
ASN ND2  N N N 48  
ASN OXT  O N N 49  
ASN H    H N N 50  
ASN H2   H N N 51  
ASN HA   H N N 52  
ASN HB2  H N N 53  
ASN HB3  H N N 54  
ASN HD21 H N N 55  
ASN HD22 H N N 56  
ASN HXT  H N N 57  
ASP N    N N N 58  
ASP CA   C N S 59  
ASP C    C N N 60  
ASP O    O N N 61  
ASP CB   C N N 62  
ASP CG   C N N 63  
ASP OD1  O N N 64  
ASP OD2  O N N 65  
ASP OXT  O N N 66  
ASP H    H N N 67  
ASP H2   H N N 68  
ASP HA   H N N 69  
ASP HB2  H N N 70  
ASP HB3  H N N 71  
ASP HD2  H N N 72  
ASP HXT  H N N 73  
CYS N    N N N 74  
CYS CA   C N R 75  
CYS C    C N N 76  
CYS O    O N N 77  
CYS CB   C N N 78  
CYS SG   S N N 79  
CYS OXT  O N N 80  
CYS H    H N N 81  
CYS H2   H N N 82  
CYS HA   H N N 83  
CYS HB2  H N N 84  
CYS HB3  H N N 85  
CYS HG   H N N 86  
CYS HXT  H N N 87  
GLN N    N N N 88  
GLN CA   C N S 89  
GLN C    C N N 90  
GLN O    O N N 91  
GLN CB   C N N 92  
GLN CG   C N N 93  
GLN CD   C N N 94  
GLN OE1  O N N 95  
GLN NE2  N N N 96  
GLN OXT  O N N 97  
GLN H    H N N 98  
GLN H2   H N N 99  
GLN HA   H N N 100 
GLN HB2  H N N 101 
GLN HB3  H N N 102 
GLN HG2  H N N 103 
GLN HG3  H N N 104 
GLN HE21 H N N 105 
GLN HE22 H N N 106 
GLN HXT  H N N 107 
GLU N    N N N 108 
GLU CA   C N S 109 
GLU C    C N N 110 
GLU O    O N N 111 
GLU CB   C N N 112 
GLU CG   C N N 113 
GLU CD   C N N 114 
GLU OE1  O N N 115 
GLU OE2  O N N 116 
GLU OXT  O N N 117 
GLU H    H N N 118 
GLU H2   H N N 119 
GLU HA   H N N 120 
GLU HB2  H N N 121 
GLU HB3  H N N 122 
GLU HG2  H N N 123 
GLU HG3  H N N 124 
GLU HE2  H N N 125 
GLU HXT  H N N 126 
GLY N    N N N 127 
GLY CA   C N N 128 
GLY C    C N N 129 
GLY O    O N N 130 
GLY OXT  O N N 131 
GLY H    H N N 132 
GLY H2   H N N 133 
GLY HA2  H N N 134 
GLY HA3  H N N 135 
GLY HXT  H N N 136 
HIS N    N N N 137 
HIS CA   C N S 138 
HIS C    C N N 139 
HIS O    O N N 140 
HIS CB   C N N 141 
HIS CG   C Y N 142 
HIS ND1  N Y N 143 
HIS CD2  C Y N 144 
HIS CE1  C Y N 145 
HIS NE2  N Y N 146 
HIS OXT  O N N 147 
HIS H    H N N 148 
HIS H2   H N N 149 
HIS HA   H N N 150 
HIS HB2  H N N 151 
HIS HB3  H N N 152 
HIS HD1  H N N 153 
HIS HD2  H N N 154 
HIS HE1  H N N 155 
HIS HE2  H N N 156 
HIS HXT  H N N 157 
HOH O    O N N 158 
HOH H1   H N N 159 
HOH H2   H N N 160 
ILE N    N N N 161 
ILE CA   C N S 162 
ILE C    C N N 163 
ILE O    O N N 164 
ILE CB   C N S 165 
ILE CG1  C N N 166 
ILE CG2  C N N 167 
ILE CD1  C N N 168 
ILE OXT  O N N 169 
ILE H    H N N 170 
ILE H2   H N N 171 
ILE HA   H N N 172 
ILE HB   H N N 173 
ILE HG12 H N N 174 
ILE HG13 H N N 175 
ILE HG21 H N N 176 
ILE HG22 H N N 177 
ILE HG23 H N N 178 
ILE HD11 H N N 179 
ILE HD12 H N N 180 
ILE HD13 H N N 181 
ILE HXT  H N N 182 
LEU N    N N N 183 
LEU CA   C N S 184 
LEU C    C N N 185 
LEU O    O N N 186 
LEU CB   C N N 187 
LEU CG   C N N 188 
LEU CD1  C N N 189 
LEU CD2  C N N 190 
LEU OXT  O N N 191 
LEU H    H N N 192 
LEU H2   H N N 193 
LEU HA   H N N 194 
LEU HB2  H N N 195 
LEU HB3  H N N 196 
LEU HG   H N N 197 
LEU HD11 H N N 198 
LEU HD12 H N N 199 
LEU HD13 H N N 200 
LEU HD21 H N N 201 
LEU HD22 H N N 202 
LEU HD23 H N N 203 
LEU HXT  H N N 204 
LYS N    N N N 205 
LYS CA   C N S 206 
LYS C    C N N 207 
LYS O    O N N 208 
LYS CB   C N N 209 
LYS CG   C N N 210 
LYS CD   C N N 211 
LYS CE   C N N 212 
LYS NZ   N N N 213 
LYS OXT  O N N 214 
LYS H    H N N 215 
LYS H2   H N N 216 
LYS HA   H N N 217 
LYS HB2  H N N 218 
LYS HB3  H N N 219 
LYS HG2  H N N 220 
LYS HG3  H N N 221 
LYS HD2  H N N 222 
LYS HD3  H N N 223 
LYS HE2  H N N 224 
LYS HE3  H N N 225 
LYS HZ1  H N N 226 
LYS HZ2  H N N 227 
LYS HZ3  H N N 228 
LYS HXT  H N N 229 
MET N    N N N 230 
MET CA   C N S 231 
MET C    C N N 232 
MET O    O N N 233 
MET CB   C N N 234 
MET CG   C N N 235 
MET SD   S N N 236 
MET CE   C N N 237 
MET OXT  O N N 238 
MET H    H N N 239 
MET H2   H N N 240 
MET HA   H N N 241 
MET HB2  H N N 242 
MET HB3  H N N 243 
MET HG2  H N N 244 
MET HG3  H N N 245 
MET HE1  H N N 246 
MET HE2  H N N 247 
MET HE3  H N N 248 
MET HXT  H N N 249 
PHE N    N N N 250 
PHE CA   C N S 251 
PHE C    C N N 252 
PHE O    O N N 253 
PHE CB   C N N 254 
PHE CG   C Y N 255 
PHE CD1  C Y N 256 
PHE CD2  C Y N 257 
PHE CE1  C Y N 258 
PHE CE2  C Y N 259 
PHE CZ   C Y N 260 
PHE OXT  O N N 261 
PHE H    H N N 262 
PHE H2   H N N 263 
PHE HA   H N N 264 
PHE HB2  H N N 265 
PHE HB3  H N N 266 
PHE HD1  H N N 267 
PHE HD2  H N N 268 
PHE HE1  H N N 269 
PHE HE2  H N N 270 
PHE HZ   H N N 271 
PHE HXT  H N N 272 
PRO N    N N N 273 
PRO CA   C N S 274 
PRO C    C N N 275 
PRO O    O N N 276 
PRO CB   C N N 277 
PRO CG   C N N 278 
PRO CD   C N N 279 
PRO OXT  O N N 280 
PRO H    H N N 281 
PRO HA   H N N 282 
PRO HB2  H N N 283 
PRO HB3  H N N 284 
PRO HG2  H N N 285 
PRO HG3  H N N 286 
PRO HD2  H N N 287 
PRO HD3  H N N 288 
PRO HXT  H N N 289 
SER N    N N N 290 
SER CA   C N S 291 
SER C    C N N 292 
SER O    O N N 293 
SER CB   C N N 294 
SER OG   O N N 295 
SER OXT  O N N 296 
SER H    H N N 297 
SER H2   H N N 298 
SER HA   H N N 299 
SER HB2  H N N 300 
SER HB3  H N N 301 
SER HG   H N N 302 
SER HXT  H N N 303 
THR N    N N N 304 
THR CA   C N S 305 
THR C    C N N 306 
THR O    O N N 307 
THR CB   C N R 308 
THR OG1  O N N 309 
THR CG2  C N N 310 
THR OXT  O N N 311 
THR H    H N N 312 
THR H2   H N N 313 
THR HA   H N N 314 
THR HB   H N N 315 
THR HG1  H N N 316 
THR HG21 H N N 317 
THR HG22 H N N 318 
THR HG23 H N N 319 
THR HXT  H N N 320 
TRP N    N N N 321 
TRP CA   C N S 322 
TRP C    C N N 323 
TRP O    O N N 324 
TRP CB   C N N 325 
TRP CG   C Y N 326 
TRP CD1  C Y N 327 
TRP CD2  C Y N 328 
TRP NE1  N Y N 329 
TRP CE2  C Y N 330 
TRP CE3  C Y N 331 
TRP CZ2  C Y N 332 
TRP CZ3  C Y N 333 
TRP CH2  C Y N 334 
TRP OXT  O N N 335 
TRP H    H N N 336 
TRP H2   H N N 337 
TRP HA   H N N 338 
TRP HB2  H N N 339 
TRP HB3  H N N 340 
TRP HD1  H N N 341 
TRP HE1  H N N 342 
TRP HE3  H N N 343 
TRP HZ2  H N N 344 
TRP HZ3  H N N 345 
TRP HH2  H N N 346 
TRP HXT  H N N 347 
TYR N    N N N 348 
TYR CA   C N S 349 
TYR C    C N N 350 
TYR O    O N N 351 
TYR CB   C N N 352 
TYR CG   C Y N 353 
TYR CD1  C Y N 354 
TYR CD2  C Y N 355 
TYR CE1  C Y N 356 
TYR CE2  C Y N 357 
TYR CZ   C Y N 358 
TYR OH   O N N 359 
TYR OXT  O N N 360 
TYR H    H N N 361 
TYR H2   H N N 362 
TYR HA   H N N 363 
TYR HB2  H N N 364 
TYR HB3  H N N 365 
TYR HD1  H N N 366 
TYR HD2  H N N 367 
TYR HE1  H N N 368 
TYR HE2  H N N 369 
TYR HH   H N N 370 
TYR HXT  H N N 371 
VAL N    N N N 372 
VAL CA   C N S 373 
VAL C    C N N 374 
VAL O    O N N 375 
VAL CB   C N N 376 
VAL CG1  C N N 377 
VAL CG2  C N N 378 
VAL OXT  O N N 379 
VAL H    H N N 380 
VAL H2   H N N 381 
VAL HA   H N N 382 
VAL HB   H N N 383 
VAL HG11 H N N 384 
VAL HG12 H N N 385 
VAL HG13 H N N 386 
VAL HG21 H N N 387 
VAL HG22 H N N 388 
VAL HG23 H N N 389 
VAL HXT  H N N 390 
# 
loop_
_chem_comp_bond.comp_id 
_chem_comp_bond.atom_id_1 
_chem_comp_bond.atom_id_2 
_chem_comp_bond.value_order 
_chem_comp_bond.pdbx_aromatic_flag 
_chem_comp_bond.pdbx_stereo_config 
_chem_comp_bond.pdbx_ordinal 
ALA N   CA   sing N N 1   
ALA N   H    sing N N 2   
ALA N   H2   sing N N 3   
ALA CA  C    sing N N 4   
ALA CA  CB   sing N N 5   
ALA CA  HA   sing N N 6   
ALA C   O    doub N N 7   
ALA C   OXT  sing N N 8   
ALA CB  HB1  sing N N 9   
ALA CB  HB2  sing N N 10  
ALA CB  HB3  sing N N 11  
ALA OXT HXT  sing N N 12  
ARG N   CA   sing N N 13  
ARG N   H    sing N N 14  
ARG N   H2   sing N N 15  
ARG CA  C    sing N N 16  
ARG CA  CB   sing N N 17  
ARG CA  HA   sing N N 18  
ARG C   O    doub N N 19  
ARG C   OXT  sing N N 20  
ARG CB  CG   sing N N 21  
ARG CB  HB2  sing N N 22  
ARG CB  HB3  sing N N 23  
ARG CG  CD   sing N N 24  
ARG CG  HG2  sing N N 25  
ARG CG  HG3  sing N N 26  
ARG CD  NE   sing N N 27  
ARG CD  HD2  sing N N 28  
ARG CD  HD3  sing N N 29  
ARG NE  CZ   sing N N 30  
ARG NE  HE   sing N N 31  
ARG CZ  NH1  sing N N 32  
ARG CZ  NH2  doub N N 33  
ARG NH1 HH11 sing N N 34  
ARG NH1 HH12 sing N N 35  
ARG NH2 HH21 sing N N 36  
ARG NH2 HH22 sing N N 37  
ARG OXT HXT  sing N N 38  
ASN N   CA   sing N N 39  
ASN N   H    sing N N 40  
ASN N   H2   sing N N 41  
ASN CA  C    sing N N 42  
ASN CA  CB   sing N N 43  
ASN CA  HA   sing N N 44  
ASN C   O    doub N N 45  
ASN C   OXT  sing N N 46  
ASN CB  CG   sing N N 47  
ASN CB  HB2  sing N N 48  
ASN CB  HB3  sing N N 49  
ASN CG  OD1  doub N N 50  
ASN CG  ND2  sing N N 51  
ASN ND2 HD21 sing N N 52  
ASN ND2 HD22 sing N N 53  
ASN OXT HXT  sing N N 54  
ASP N   CA   sing N N 55  
ASP N   H    sing N N 56  
ASP N   H2   sing N N 57  
ASP CA  C    sing N N 58  
ASP CA  CB   sing N N 59  
ASP CA  HA   sing N N 60  
ASP C   O    doub N N 61  
ASP C   OXT  sing N N 62  
ASP CB  CG   sing N N 63  
ASP CB  HB2  sing N N 64  
ASP CB  HB3  sing N N 65  
ASP CG  OD1  doub N N 66  
ASP CG  OD2  sing N N 67  
ASP OD2 HD2  sing N N 68  
ASP OXT HXT  sing N N 69  
CYS N   CA   sing N N 70  
CYS N   H    sing N N 71  
CYS N   H2   sing N N 72  
CYS CA  C    sing N N 73  
CYS CA  CB   sing N N 74  
CYS CA  HA   sing N N 75  
CYS C   O    doub N N 76  
CYS C   OXT  sing N N 77  
CYS CB  SG   sing N N 78  
CYS CB  HB2  sing N N 79  
CYS CB  HB3  sing N N 80  
CYS SG  HG   sing N N 81  
CYS OXT HXT  sing N N 82  
GLN N   CA   sing N N 83  
GLN N   H    sing N N 84  
GLN N   H2   sing N N 85  
GLN CA  C    sing N N 86  
GLN CA  CB   sing N N 87  
GLN CA  HA   sing N N 88  
GLN C   O    doub N N 89  
GLN C   OXT  sing N N 90  
GLN CB  CG   sing N N 91  
GLN CB  HB2  sing N N 92  
GLN CB  HB3  sing N N 93  
GLN CG  CD   sing N N 94  
GLN CG  HG2  sing N N 95  
GLN CG  HG3  sing N N 96  
GLN CD  OE1  doub N N 97  
GLN CD  NE2  sing N N 98  
GLN NE2 HE21 sing N N 99  
GLN NE2 HE22 sing N N 100 
GLN OXT HXT  sing N N 101 
GLU N   CA   sing N N 102 
GLU N   H    sing N N 103 
GLU N   H2   sing N N 104 
GLU CA  C    sing N N 105 
GLU CA  CB   sing N N 106 
GLU CA  HA   sing N N 107 
GLU C   O    doub N N 108 
GLU C   OXT  sing N N 109 
GLU CB  CG   sing N N 110 
GLU CB  HB2  sing N N 111 
GLU CB  HB3  sing N N 112 
GLU CG  CD   sing N N 113 
GLU CG  HG2  sing N N 114 
GLU CG  HG3  sing N N 115 
GLU CD  OE1  doub N N 116 
GLU CD  OE2  sing N N 117 
GLU OE2 HE2  sing N N 118 
GLU OXT HXT  sing N N 119 
GLY N   CA   sing N N 120 
GLY N   H    sing N N 121 
GLY N   H2   sing N N 122 
GLY CA  C    sing N N 123 
GLY CA  HA2  sing N N 124 
GLY CA  HA3  sing N N 125 
GLY C   O    doub N N 126 
GLY C   OXT  sing N N 127 
GLY OXT HXT  sing N N 128 
HIS N   CA   sing N N 129 
HIS N   H    sing N N 130 
HIS N   H2   sing N N 131 
HIS CA  C    sing N N 132 
HIS CA  CB   sing N N 133 
HIS CA  HA   sing N N 134 
HIS C   O    doub N N 135 
HIS C   OXT  sing N N 136 
HIS CB  CG   sing N N 137 
HIS CB  HB2  sing N N 138 
HIS CB  HB3  sing N N 139 
HIS CG  ND1  sing Y N 140 
HIS CG  CD2  doub Y N 141 
HIS ND1 CE1  doub Y N 142 
HIS ND1 HD1  sing N N 143 
HIS CD2 NE2  sing Y N 144 
HIS CD2 HD2  sing N N 145 
HIS CE1 NE2  sing Y N 146 
HIS CE1 HE1  sing N N 147 
HIS NE2 HE2  sing N N 148 
HIS OXT HXT  sing N N 149 
HOH O   H1   sing N N 150 
HOH O   H2   sing N N 151 
ILE N   CA   sing N N 152 
ILE N   H    sing N N 153 
ILE N   H2   sing N N 154 
ILE CA  C    sing N N 155 
ILE CA  CB   sing N N 156 
ILE CA  HA   sing N N 157 
ILE C   O    doub N N 158 
ILE C   OXT  sing N N 159 
ILE CB  CG1  sing N N 160 
ILE CB  CG2  sing N N 161 
ILE CB  HB   sing N N 162 
ILE CG1 CD1  sing N N 163 
ILE CG1 HG12 sing N N 164 
ILE CG1 HG13 sing N N 165 
ILE CG2 HG21 sing N N 166 
ILE CG2 HG22 sing N N 167 
ILE CG2 HG23 sing N N 168 
ILE CD1 HD11 sing N N 169 
ILE CD1 HD12 sing N N 170 
ILE CD1 HD13 sing N N 171 
ILE OXT HXT  sing N N 172 
LEU N   CA   sing N N 173 
LEU N   H    sing N N 174 
LEU N   H2   sing N N 175 
LEU CA  C    sing N N 176 
LEU CA  CB   sing N N 177 
LEU CA  HA   sing N N 178 
LEU C   O    doub N N 179 
LEU C   OXT  sing N N 180 
LEU CB  CG   sing N N 181 
LEU CB  HB2  sing N N 182 
LEU CB  HB3  sing N N 183 
LEU CG  CD1  sing N N 184 
LEU CG  CD2  sing N N 185 
LEU CG  HG   sing N N 186 
LEU CD1 HD11 sing N N 187 
LEU CD1 HD12 sing N N 188 
LEU CD1 HD13 sing N N 189 
LEU CD2 HD21 sing N N 190 
LEU CD2 HD22 sing N N 191 
LEU CD2 HD23 sing N N 192 
LEU OXT HXT  sing N N 193 
LYS N   CA   sing N N 194 
LYS N   H    sing N N 195 
LYS N   H2   sing N N 196 
LYS CA  C    sing N N 197 
LYS CA  CB   sing N N 198 
LYS CA  HA   sing N N 199 
LYS C   O    doub N N 200 
LYS C   OXT  sing N N 201 
LYS CB  CG   sing N N 202 
LYS CB  HB2  sing N N 203 
LYS CB  HB3  sing N N 204 
LYS CG  CD   sing N N 205 
LYS CG  HG2  sing N N 206 
LYS CG  HG3  sing N N 207 
LYS CD  CE   sing N N 208 
LYS CD  HD2  sing N N 209 
LYS CD  HD3  sing N N 210 
LYS CE  NZ   sing N N 211 
LYS CE  HE2  sing N N 212 
LYS CE  HE3  sing N N 213 
LYS NZ  HZ1  sing N N 214 
LYS NZ  HZ2  sing N N 215 
LYS NZ  HZ3  sing N N 216 
LYS OXT HXT  sing N N 217 
MET N   CA   sing N N 218 
MET N   H    sing N N 219 
MET N   H2   sing N N 220 
MET CA  C    sing N N 221 
MET CA  CB   sing N N 222 
MET CA  HA   sing N N 223 
MET C   O    doub N N 224 
MET C   OXT  sing N N 225 
MET CB  CG   sing N N 226 
MET CB  HB2  sing N N 227 
MET CB  HB3  sing N N 228 
MET CG  SD   sing N N 229 
MET CG  HG2  sing N N 230 
MET CG  HG3  sing N N 231 
MET SD  CE   sing N N 232 
MET CE  HE1  sing N N 233 
MET CE  HE2  sing N N 234 
MET CE  HE3  sing N N 235 
MET OXT HXT  sing N N 236 
PHE N   CA   sing N N 237 
PHE N   H    sing N N 238 
PHE N   H2   sing N N 239 
PHE CA  C    sing N N 240 
PHE CA  CB   sing N N 241 
PHE CA  HA   sing N N 242 
PHE C   O    doub N N 243 
PHE C   OXT  sing N N 244 
PHE CB  CG   sing N N 245 
PHE CB  HB2  sing N N 246 
PHE CB  HB3  sing N N 247 
PHE CG  CD1  doub Y N 248 
PHE CG  CD2  sing Y N 249 
PHE CD1 CE1  sing Y N 250 
PHE CD1 HD1  sing N N 251 
PHE CD2 CE2  doub Y N 252 
PHE CD2 HD2  sing N N 253 
PHE CE1 CZ   doub Y N 254 
PHE CE1 HE1  sing N N 255 
PHE CE2 CZ   sing Y N 256 
PHE CE2 HE2  sing N N 257 
PHE CZ  HZ   sing N N 258 
PHE OXT HXT  sing N N 259 
PRO N   CA   sing N N 260 
PRO N   CD   sing N N 261 
PRO N   H    sing N N 262 
PRO CA  C    sing N N 263 
PRO CA  CB   sing N N 264 
PRO CA  HA   sing N N 265 
PRO C   O    doub N N 266 
PRO C   OXT  sing N N 267 
PRO CB  CG   sing N N 268 
PRO CB  HB2  sing N N 269 
PRO CB  HB3  sing N N 270 
PRO CG  CD   sing N N 271 
PRO CG  HG2  sing N N 272 
PRO CG  HG3  sing N N 273 
PRO CD  HD2  sing N N 274 
PRO CD  HD3  sing N N 275 
PRO OXT HXT  sing N N 276 
SER N   CA   sing N N 277 
SER N   H    sing N N 278 
SER N   H2   sing N N 279 
SER CA  C    sing N N 280 
SER CA  CB   sing N N 281 
SER CA  HA   sing N N 282 
SER C   O    doub N N 283 
SER C   OXT  sing N N 284 
SER CB  OG   sing N N 285 
SER CB  HB2  sing N N 286 
SER CB  HB3  sing N N 287 
SER OG  HG   sing N N 288 
SER OXT HXT  sing N N 289 
THR N   CA   sing N N 290 
THR N   H    sing N N 291 
THR N   H2   sing N N 292 
THR CA  C    sing N N 293 
THR CA  CB   sing N N 294 
THR CA  HA   sing N N 295 
THR C   O    doub N N 296 
THR C   OXT  sing N N 297 
THR CB  OG1  sing N N 298 
THR CB  CG2  sing N N 299 
THR CB  HB   sing N N 300 
THR OG1 HG1  sing N N 301 
THR CG2 HG21 sing N N 302 
THR CG2 HG22 sing N N 303 
THR CG2 HG23 sing N N 304 
THR OXT HXT  sing N N 305 
TRP N   CA   sing N N 306 
TRP N   H    sing N N 307 
TRP N   H2   sing N N 308 
TRP CA  C    sing N N 309 
TRP CA  CB   sing N N 310 
TRP CA  HA   sing N N 311 
TRP C   O    doub N N 312 
TRP C   OXT  sing N N 313 
TRP CB  CG   sing N N 314 
TRP CB  HB2  sing N N 315 
TRP CB  HB3  sing N N 316 
TRP CG  CD1  doub Y N 317 
TRP CG  CD2  sing Y N 318 
TRP CD1 NE1  sing Y N 319 
TRP CD1 HD1  sing N N 320 
TRP CD2 CE2  doub Y N 321 
TRP CD2 CE3  sing Y N 322 
TRP NE1 CE2  sing Y N 323 
TRP NE1 HE1  sing N N 324 
TRP CE2 CZ2  sing Y N 325 
TRP CE3 CZ3  doub Y N 326 
TRP CE3 HE3  sing N N 327 
TRP CZ2 CH2  doub Y N 328 
TRP CZ2 HZ2  sing N N 329 
TRP CZ3 CH2  sing Y N 330 
TRP CZ3 HZ3  sing N N 331 
TRP CH2 HH2  sing N N 332 
TRP OXT HXT  sing N N 333 
TYR N   CA   sing N N 334 
TYR N   H    sing N N 335 
TYR N   H2   sing N N 336 
TYR CA  C    sing N N 337 
TYR CA  CB   sing N N 338 
TYR CA  HA   sing N N 339 
TYR C   O    doub N N 340 
TYR C   OXT  sing N N 341 
TYR CB  CG   sing N N 342 
TYR CB  HB2  sing N N 343 
TYR CB  HB3  sing N N 344 
TYR CG  CD1  doub Y N 345 
TYR CG  CD2  sing Y N 346 
TYR CD1 CE1  sing Y N 347 
TYR CD1 HD1  sing N N 348 
TYR CD2 CE2  doub Y N 349 
TYR CD2 HD2  sing N N 350 
TYR CE1 CZ   doub Y N 351 
TYR CE1 HE1  sing N N 352 
TYR CE2 CZ   sing Y N 353 
TYR CE2 HE2  sing N N 354 
TYR CZ  OH   sing N N 355 
TYR OH  HH   sing N N 356 
TYR OXT HXT  sing N N 357 
VAL N   CA   sing N N 358 
VAL N   H    sing N N 359 
VAL N   H2   sing N N 360 
VAL CA  C    sing N N 361 
VAL CA  CB   sing N N 362 
VAL CA  HA   sing N N 363 
VAL C   O    doub N N 364 
VAL C   OXT  sing N N 365 
VAL CB  CG1  sing N N 366 
VAL CB  CG2  sing N N 367 
VAL CB  HB   sing N N 368 
VAL CG1 HG11 sing N N 369 
VAL CG1 HG12 sing N N 370 
VAL CG1 HG13 sing N N 371 
VAL CG2 HG21 sing N N 372 
VAL CG2 HG22 sing N N 373 
VAL CG2 HG23 sing N N 374 
VAL OXT HXT  sing N N 375 
# 
_pdbx_audit_support.funding_organization   'National Science Foundation (NSF, United States)' 
_pdbx_audit_support.country                'United States' 
_pdbx_audit_support.grant_number           MCB-2212951 
_pdbx_audit_support.ordinal                1 
# 
_pdbx_initial_refinement_model.id               1 
_pdbx_initial_refinement_model.entity_id_list   ? 
_pdbx_initial_refinement_model.type             'experimental model' 
_pdbx_initial_refinement_model.source_name      PDB 
_pdbx_initial_refinement_model.accession_code   6m9k 
_pdbx_initial_refinement_model.details          ? 
# 
_atom_sites.entry_id                    8TFU 
_atom_sites.Cartn_transf_matrix[1][1]   ? 
_atom_sites.Cartn_transf_matrix[1][2]   ? 
_atom_sites.Cartn_transf_matrix[1][3]   ? 
_atom_sites.Cartn_transf_matrix[2][1]   ? 
_atom_sites.Cartn_transf_matrix[2][2]   ? 
_atom_sites.Cartn_transf_matrix[2][3]   ? 
_atom_sites.Cartn_transf_matrix[3][1]   ? 
_atom_sites.Cartn_transf_matrix[3][2]   ? 
_atom_sites.Cartn_transf_matrix[3][3]   ? 
_atom_sites.Cartn_transf_vector[1]      ? 
_atom_sites.Cartn_transf_vector[2]      ? 
_atom_sites.Cartn_transf_vector[3]      ? 
_atom_sites.fract_transf_matrix[1][1]   -0.00173144 
_atom_sites.fract_transf_matrix[1][2]   0.01747117 
_atom_sites.fract_transf_matrix[1][3]   -0.01978022 
_atom_sites.fract_transf_matrix[2][1]   -0.00532202 
_atom_sites.fract_transf_matrix[2][2]   -0.01045941 
_atom_sites.fract_transf_matrix[2][3]   -0.00877257 
_atom_sites.fract_transf_matrix[3][1]   -0.01311101 
_atom_sites.fract_transf_matrix[3][2]   0.00327929 
_atom_sites.fract_transf_matrix[3][3]   0.00404414 
_atom_sites.fract_transf_vector[1]      -0.120444 
_atom_sites.fract_transf_vector[2]      0.105398 
_atom_sites.fract_transf_vector[3]      -0.347451 
_atom_sites.solution_primary            ? 
_atom_sites.solution_secondary          ? 
_atom_sites.solution_hydrogens          ? 
_atom_sites.special_details             ? 
# 
loop_
_atom_type.symbol 
_atom_type.pdbx_scat_Z 
_atom_type.pdbx_N_electrons 
_atom_type.scat_Cromer_Mann_a1 
_atom_type.scat_Cromer_Mann_b1 
_atom_type.scat_Cromer_Mann_a2 
_atom_type.scat_Cromer_Mann_b2 
_atom_type.scat_Cromer_Mann_a3 
_atom_type.scat_Cromer_Mann_b3 
_atom_type.scat_Cromer_Mann_a4 
_atom_type.scat_Cromer_Mann_b4 
_atom_type.scat_Cromer_Mann_c 
C 6  6  2.3103  20.8439 1.0201 10.2075 1.5888 0.5687  0.8651 51.6512 0.2156   
H 1  1  0.4930  10.5109 0.3229 26.1257 0.1402 3.1424  0.0408 57.7997 0.0030   
N 7  7  12.2220 0.0057  3.1346 9.8933  2.0141 28.9975 1.1672 0.5826  -11.5379 
O 8  8  3.0487  13.2771 2.2870 5.7011  1.5464 0.3239  0.8671 32.9089 0.2508   
S 16 16 6.9054  1.4679  5.2035 22.2151 1.4379 0.2536  1.5863 56.1720 1.0495   
# 
loop_
_atom_site.group_PDB 
_atom_site.id 
_atom_site.type_symbol 
_atom_site.label_atom_id 
_atom_site.label_alt_id 
_atom_site.label_comp_id 
_atom_site.label_asym_id 
_atom_site.label_entity_id 
_atom_site.label_seq_id 
_atom_site.pdbx_PDB_ins_code 
_atom_site.Cartn_x 
_atom_site.Cartn_y 
_atom_site.Cartn_z 
_atom_site.occupancy 
_atom_site.B_iso_or_equiv 
_atom_site.pdbx_formal_charge 
_atom_site.auth_seq_id 
_atom_site.auth_comp_id 
_atom_site.auth_asym_id 
_atom_site.auth_atom_id 
_atom_site.pdbx_PDB_model_num 
_atom_site.calc_flag 
ATOM   1    N N   . ARG A 1 15 ? -2.213  -22.026 3.225   1.000 60.235 0 192 ARG A N   1 ? 
ATOM   2    C CA  . ARG A 1 15 ? -3.381  -21.107 3.144   1.000 59.847 0 192 ARG A CA  1 ? 
ATOM   3    C C   . ARG A 1 15 ? -4.508  -21.786 2.356   1.000 56.222 0 192 ARG A C   1 ? 
ATOM   4    O O   . ARG A 1 15 ? -4.264  -22.555 1.415   1.000 50.625 0 192 ARG A O   1 ? 
ATOM   5    C CB  . ARG A 1 15 ? -2.966  -19.754 2.544   1.000 53.285 0 192 ARG A CB  1 ? 
ATOM   6    N N   . ASP A 1 16 ? -5.742  -21.511 2.807   1.000 51.899 0 193 ASP A N   1 ? 
ATOM   7    C CA  . ASP A 1 16 ? -6.973  -21.834 2.106   1.000 52.130 0 193 ASP A CA  1 ? 
ATOM   8    C C   . ASP A 1 16 ? -7.080  -20.963 0.855   1.000 49.026 0 193 ASP A C   1 ? 
ATOM   9    O O   . ASP A 1 16 ? -7.134  -19.735 0.948   1.000 45.103 0 193 ASP A O   1 ? 
ATOM   10   C CB  . ASP A 1 16 ? -8.177  -21.619 3.030   1.000 53.105 0 193 ASP A CB  1 ? 
ATOM   11   C CG  . ASP A 1 16 ? -9.517  -22.092 2.488   1.000 57.592 0 193 ASP A CG  1 ? 
ATOM   12   O OD1 . ASP A 1 16 ? -9.642  -22.276 1.257   1.000 55.071 0 193 ASP A OD1 1 ? 
ATOM   13   O OD2 . ASP A 1 16 ? -10.428 -22.300 3.310   1.000 67.331 0 193 ASP A OD2 1 ? 
ATOM   14   N N   . ILE A 1 17 ? -7.138  -21.612 -0.320  1.000 39.209 0 194 ILE A N   1 ? 
ATOM   15   C CA  . ILE A 1 17 ? -7.179  -20.884 -1.578  1.000 35.451 0 194 ILE A CA  1 ? 
ATOM   16   C C   . ILE A 1 17 ? -8.564  -21.023 -2.204  1.000 31.800 0 194 ILE A C   1 ? 
ATOM   17   O O   . ILE A 1 17 ? -8.726  -20.749 -3.395  1.000 34.627 0 194 ILE A O   1 ? 
ATOM   18   C CB  . ILE A 1 17 ? -6.055  -21.343 -2.538  1.000 38.184 0 194 ILE A CB  1 ? 
ATOM   19   C CG1 . ILE A 1 17 ? -6.124  -22.852 -2.791  1.000 40.489 0 194 ILE A CG1 1 ? 
ATOM   20   C CG2 . ILE A 1 17 ? -4.685  -20.895 -2.024  1.000 39.652 0 194 ILE A CG2 1 ? 
ATOM   21   C CD1 . ILE A 1 17 ? -5.191  -23.351 -3.857  1.000 41.908 0 194 ILE A CD1 1 ? 
ATOM   22   N N   . THR A 1 18 ? -9.564  -21.400 -1.401  1.000 29.308 0 195 THR A N   1 ? 
ATOM   23   C CA  . THR A 1 18 ? -10.955 -21.420 -1.834  1.000 29.940 0 195 THR A CA  1 ? 
ATOM   24   C C   . THR A 1 18 ? -11.298 -20.073 -2.463  1.000 31.052 0 195 THR A C   1 ? 
ATOM   25   O O   . THR A 1 18 ? -10.953 -19.059 -1.868  1.000 32.887 0 195 THR A O   1 ? 
ATOM   26   C CB  . THR A 1 18 ? -11.896 -21.640 -0.649  1.000 38.797 0 195 THR A CB  1 ? 
ATOM   27   O OG1 . THR A 1 18 ? -11.567 -22.937 -0.148  1.000 40.582 0 195 THR A OG1 1 ? 
ATOM   28   C CG2 . THR A 1 18 ? -13.360 -21.544 -1.007  1.000 36.628 0 195 THR A CG2 1 ? 
ATOM   29   N N   . PRO A 1 19 ? -11.827 -20.023 -3.697  1.000 30.361 0 196 PRO A N   1 ? 
ATOM   30   C CA  . PRO A 1 19 ? -12.103 -18.741 -4.345  1.000 31.394 0 196 PRO A CA  1 ? 
ATOM   31   C C   . PRO A 1 19 ? -13.247 -17.996 -3.651  1.000 27.107 0 196 PRO A C   1 ? 
ATOM   32   O O   . PRO A 1 19 ? -14.105 -18.567 -2.984  1.000 27.487 0 196 PRO A O   1 ? 
ATOM   33   C CB  . PRO A 1 19 ? -12.444 -19.095 -5.798  1.000 33.895 0 196 PRO A CB  1 ? 
ATOM   34   C CG  . PRO A 1 19 ? -11.875 -20.496 -5.962  1.000 39.055 0 196 PRO A CG  1 ? 
ATOM   35   C CD  . PRO A 1 19 ? -12.082 -21.152 -4.604  1.000 37.702 0 196 PRO A CD  1 ? 
ATOM   36   N N   . VAL A 1 20 ? -13.238 -16.674 -3.802  1.000 27.508 0 197 VAL A N   1 ? 
ATOM   37   C CA  . VAL A 1 20 ? -14.272 -15.864 -3.187  1.000 25.635 0 197 VAL A CA  1 ? 
ATOM   38   C C   . VAL A 1 20 ? -15.654 -16.347 -3.620  1.000 23.092 0 197 VAL A C   1 ? 
ATOM   39   O O   . VAL A 1 20 ? -15.886 -16.619 -4.803  1.000 27.562 0 197 VAL A O   1 ? 
ATOM   40   C CB  . VAL A 1 20 ? -14.056 -14.380 -3.570  1.000 24.395 0 197 VAL A CB  1 ? 
ATOM   41   C CG1 . VAL A 1 20 ? -14.041 -14.132 -5.064  1.000 28.874 0 197 VAL A CG1 1 ? 
ATOM   42   C CG2 . VAL A 1 20 ? -15.120 -13.534 -2.894  1.000 24.247 0 197 VAL A CG2 1 ? 
ATOM   43   N N   . ASN A 1 21 ? -16.608 -16.420 -2.691  1.000 26.393 0 198 ASN A N   1 ? 
ATOM   44   C CA  . ASN A 1 21 ? -17.970 -16.831 -3.006  1.000 29.191 0 198 ASN A CA  1 ? 
ATOM   45   C C   . ASN A 1 21 ? -18.827 -15.639 -3.426  1.000 31.950 0 198 ASN A C   1 ? 
ATOM   46   O O   . ASN A 1 21 ? -18.515 -14.473 -3.183  1.000 27.207 0 198 ASN A O   1 ? 
ATOM   47   C CB  . ASN A 1 21 ? -18.645 -17.611 -1.870  1.000 33.237 0 198 ASN A CB  1 ? 
ATOM   48   C CG  . ASN A 1 21 ? -18.696 -16.891 -0.540  1.000 32.628 0 198 ASN A CG  1 ? 
ATOM   49   O OD1 . ASN A 1 21 ? -19.111 -15.741 -0.451  1.000 32.655 0 198 ASN A OD1 1 ? 
ATOM   50   N ND2 . ASN A 1 21 ? -18.203 -17.523 0.511   1.000 34.138 0 198 ASN A ND2 1 ? 
ATOM   51   N N   . ASP A 1 22 ? -19.987 -15.949 -3.990  1.000 30.236 0 199 ASP A N   1 ? 
ATOM   52   C CA  . ASP A 1 22 ? -20.842 -14.960 -4.617  1.000 30.938 0 199 ASP A CA  1 ? 
ATOM   53   C C   . ASP A 1 22 ? -21.460 -14.033 -3.575  1.000 29.147 0 199 ASP A C   1 ? 
ATOM   54   O O   . ASP A 1 22 ? -21.639 -12.858 -3.855  1.000 29.210 0 199 ASP A O   1 ? 
ATOM   55   C CB  . ASP A 1 22 ? -21.912 -15.657 -5.457  1.000 38.594 0 199 ASP A CB  1 ? 
ATOM   56   C CG  . ASP A 1 22 ? -21.362 -16.332 -6.714  1.000 47.379 0 199 ASP A CG  1 ? 
ATOM   57   O OD1 . ASP A 1 22 ? -20.292 -15.930 -7.199  1.000 46.115 0 199 ASP A OD1 1 ? 
ATOM   58   O OD2 . ASP A 1 22 ? -22.011 -17.270 -7.214  1.000 58.397 0 199 ASP A OD2 1 ? 
ATOM   59   N N   . GLU A 1 23 ? -21.762 -14.530 -2.370  1.000 26.451 0 200 GLU A N   1 ? 
ATOM   60   C CA  . GLU A 1 23 ? -22.340 -13.714 -1.300  1.000 29.204 0 200 GLU A CA  1 ? 
ATOM   61   C C   . GLU A 1 23 ? -21.343 -12.651 -0.837  1.000 23.760 0 200 GLU A C   1 ? 
ATOM   62   O O   . GLU A 1 23 ? -21.704 -11.489 -0.720  1.000 23.984 0 200 GLU A O   1 ? 
ATOM   63   C CB  . GLU A 1 23 ? -22.715 -14.554 -0.081  1.000 32.425 0 200 GLU A CB  1 ? 
ATOM   64   C CG  . GLU A 1 23 ? -23.489 -15.811 -0.464  1.000 46.611 0 200 GLU A CG  1 ? 
ATOM   65   C CD  . GLU A 1 23 ? -22.639 -17.073 -0.635  1.000 57.431 0 200 GLU A CD  1 ? 
ATOM   66   O OE1 . GLU A 1 23 ? -22.356 -17.744 0.395   1.000 66.230 0 200 GLU A OE1 1 ? 
ATOM   67   O OE2 . GLU A 1 23 ? -22.227 -17.382 -1.788  1.000 48.930 0 200 GLU A OE2 1 ? 
ATOM   68   N N   . THR A 1 24 ? -20.084 -13.045 -0.648  1.000 21.762 0 201 THR A N   1 ? 
ATOM   69   C CA  . THR A 1 24 ? -19.053 -12.091 -0.243  1.000 20.713 0 201 THR A CA  1 ? 
ATOM   70   C C   . THR A 1 24 ? -18.792 -11.086 -1.358  1.000 22.115 0 201 THR A C   1 ? 
ATOM   71   O O   . THR A 1 24 ? -18.579 -9.901  -1.096  1.000 21.892 0 201 THR A O   1 ? 
ATOM   72   C CB  . THR A 1 24 ? -17.758 -12.813 0.105   1.000 23.371 0 201 THR A CB  1 ? 
ATOM   73   O OG1 . THR A 1 24 ? -18.139 -13.732 1.129   1.000 25.355 0 201 THR A OG1 1 ? 
ATOM   74   C CG2 . THR A 1 24 ? -16.660 -11.892 0.567   1.000 22.595 0 201 THR A CG2 1 ? 
ATOM   75   N N   . MET A 1 25 ? -18.767 -11.562 -2.599  1.000 20.695 0 202 MET A N   1 ? 
ATOM   76   C CA  . MET A 1 25 ? -18.573 -10.668 -3.732  1.000 21.770 0 202 MET A CA  1 ? 
ATOM   77   C C   . MET A 1 25 ? -19.684 -9.627  -3.749  1.000 19.985 0 202 MET A C   1 ? 
ATOM   78   O O   . MET A 1 25 ? -19.402 -8.473  -4.022  1.000 19.237 0 202 MET A O   1 ? 
ATOM   79   C CB  . MET A 1 25 ? -18.583 -11.428 -5.067  1.000 21.025 0 202 MET A CB  1 ? 
ATOM   80   C CG  . MET A 1 25 ? -18.358 -10.536 -6.245  1.000 23.082 0 202 MET A CG  1 ? 
ATOM   81   S SD  . MET A 1 25 ? -16.767 -9.635  -6.163  1.000 30.639 0 202 MET A SD  1 ? 
ATOM   82   C CE  . MET A 1 25 ? -15.646 -10.990 -5.904  1.000 25.526 0 202 MET A CE  1 ? 
ATOM   83   N N   . GLN A 1 26 ? -20.955 -10.042 -3.560  1.000 20.024 0 203 GLN A N   1 ? 
ATOM   84   C CA  . GLN A 1 26 ? -22.070 -9.125  -3.620  1.000 20.275 0 203 GLN A CA  1 ? 
ATOM   85   C C   . GLN A 1 26 ? -21.936 -8.062  -2.524  1.000 19.995 0 203 GLN A C   1 ? 
ATOM   86   O O   . GLN A 1 26 ? -22.197 -6.916  -2.781  1.000 21.256 0 203 GLN A O   1 ? 
ATOM   87   C CB  . GLN A 1 26 ? -23.410 -9.864  -3.618  1.000 26.225 0 203 GLN A CB  1 ? 
ATOM   88   C CG  . GLN A 1 26 ? -24.581 -8.936  -3.833  1.000 32.911 0 203 GLN A CG  1 ? 
ATOM   89   C CD  . GLN A 1 26 ? -25.754 -9.657  -4.475  1.000 36.728 0 203 GLN A CD  1 ? 
ATOM   90   O OE1 . GLN A 1 26 ? -25.631 -10.754 -5.026  1.000 46.153 0 203 GLN A OE1 1 ? 
ATOM   91   N NE2 . GLN A 1 26 ? -26.892 -9.008  -4.451  1.000 43.417 0 203 GLN A NE2 1 ? 
ATOM   92   N N   . GLU A 1 27 ? -21.472 -8.447  -1.342  1.000 19.217 0 204 GLU A N   1 ? 
ATOM   93   C CA  . GLU A 1 27 ? -21.325 -7.499  -0.254  1.000 19.266 0 204 GLU A CA  1 ? 
ATOM   94   C C   . GLU A 1 27 ? -20.262 -6.455  -0.605  1.000 18.597 0 204 GLU A C   1 ? 
ATOM   95   O O   . GLU A 1 27 ? -20.466 -5.265  -0.341  1.000 18.309 0 204 GLU A O   1 ? 
ATOM   96   C CB  . GLU A 1 27 ? -20.915 -8.233  1.016   1.000 22.164 0 204 GLU A CB  1 ? 
ATOM   97   C CG  . GLU A 1 27 ? -22.056 -8.996  1.660   1.000 30.272 0 204 GLU A CG  1 ? 
ATOM   98   C CD  . GLU A 1 27 ? -21.616 -9.480  3.031   1.000 43.723 0 204 GLU A CD  1 ? 
ATOM   99   O OE1 . GLU A 1 27 ? -21.431 -8.612  3.931   1.000 36.733 0 204 GLU A OE1 1 ? 
ATOM   100  O OE2 . GLU A 1 27 ? -21.330 -10.697 3.146   1.000 51.154 0 204 GLU A OE2 1 ? 
ATOM   101  N N   . ILE A 1 28 ? -19.180 -6.908  -1.205  1.000 18.360 0 205 ILE A N   1 ? 
ATOM   102  C CA  . ILE A 1 28 ? -18.056 -6.051  -1.610  1.000 15.982 0 205 ILE A CA  1 ? 
ATOM   103  C C   . ILE A 1 28 ? -18.596 -5.084  -2.652  1.000 16.334 0 205 ILE A C   1 ? 
ATOM   104  O O   . ILE A 1 28 ? -18.387 -3.872  -2.574  1.000 18.186 0 205 ILE A O   1 ? 
ATOM   105  C CB  . ILE A 1 28 ? -16.850 -6.835  -2.151  1.000 15.767 0 205 ILE A CB  1 ? 
ATOM   106  C CG1 . ILE A 1 28 ? -16.168 -7.584  -1.003  1.000 17.518 0 205 ILE A CG1 1 ? 
ATOM   107  C CG2 . ILE A 1 28 ? -15.897 -5.937  -2.922  1.000 17.596 0 205 ILE A CG2 1 ? 
ATOM   108  C CD1 . ILE A 1 28 ? -15.090 -8.532  -1.393  1.000 20.234 0 205 ILE A CD1 1 ? 
ATOM   109  N N   . ASN A 1 29 ? -19.284 -5.627  -3.656  1.000 15.266 0 206 ASN A N   1 ? 
ATOM   110  C CA  . ASN A 1 29 ? -19.786 -4.767  -4.735  1.000 16.118 0 206 ASN A CA  1 ? 
ATOM   111  C C   . ASN A 1 29 ? -20.725 -3.660  -4.220  1.000 15.882 0 206 ASN A C   1 ? 
ATOM   112  O O   . ASN A 1 29 ? -20.677 -2.509  -4.661  1.000 16.997 0 206 ASN A O   1 ? 
ATOM   113  C CB  . ASN A 1 29 ? -20.464 -5.637  -5.792  1.000 17.167 0 206 ASN A CB  1 ? 
ATOM   114  C CG  . ASN A 1 29 ? -19.462 -6.410  -6.622  1.000 18.762 0 206 ASN A CG  1 ? 
ATOM   115  O OD1 . ASN A 1 29 ? -18.273 -6.113  -6.702  1.000 20.659 0 206 ASN A OD1 1 ? 
ATOM   116  N ND2 . ASN A 1 29 ? -19.946 -7.454  -7.236  1.000 19.519 0 206 ASN A ND2 1 ? 
ATOM   117  N N   . THR A 1 30 ? -21.638 -4.000  -3.308  1.000 16.825 0 207 THR A N   1 ? 
ATOM   118  C CA  . THR A 1 30 ? -22.552 -3.093  -2.651  1.000 17.462 0 207 THR A CA  1 ? 
ATOM   119  C C   . THR A 1 30 ? -21.769 -1.947  -2.029  1.000 17.450 0 207 THR A C   1 ? 
ATOM   120  O O   . THR A 1 30 ? -22.114 -0.788  -2.244  1.000 18.665 0 207 THR A O   1 ? 
ATOM   121  C CB  . THR A 1 30 ? -23.435 -3.807  -1.631  1.000 19.161 0 207 THR A CB  1 ? 
ATOM   122  O OG1 . THR A 1 30 ? -24.187 -4.815  -2.345  1.000 19.706 0 207 THR A OG1 1 ? 
ATOM   123  C CG2 . THR A 1 30 ? -24.415 -2.862  -0.989  1.000 21.051 0 207 THR A CG2 1 ? 
ATOM   124  N N   . LEU A 1 31 ? -20.692 -2.260  -1.340  1.000 16.601 0 208 LEU A N   1 ? 
ATOM   125  C CA  . LEU A 1 31 ? -19.909 -1.217  -0.680  1.000 16.812 0 208 LEU A CA  1 ? 
ATOM   126  C C   . LEU A 1 31 ? -19.113 -0.370  -1.659  1.000 17.346 0 208 LEU A C   1 ? 
ATOM   127  O O   . LEU A 1 31 ? -19.036 0.846   -1.476  1.000 18.075 0 208 LEU A O   1 ? 
ATOM   128  C CB  . LEU A 1 31 ? -19.027 -1.827  0.401   1.000 19.976 0 208 LEU A CB  1 ? 
ATOM   129  C CG  . LEU A 1 31 ? -19.786 -2.328  1.616   1.000 21.919 0 208 LEU A CG  1 ? 
ATOM   130  C CD1 . LEU A 1 31 ? -18.860 -3.067  2.555   1.000 22.362 0 208 LEU A CD1 1 ? 
ATOM   131  C CD2 . LEU A 1 31 ? -20.443 -1.177  2.327   1.000 26.236 0 208 LEU A CD2 1 ? 
ATOM   132  N N   . LEU A 1 32 ? -18.536 -0.979  -2.708  1.000 16.056 0 209 LEU A N   1 ? 
ATOM   133  C CA  . LEU A 1 32 ? -17.846 -0.199  -3.716  1.000 16.832 0 209 LEU A CA  1 ? 
ATOM   134  C C   . LEU A 1 32 ? -18.796 0.809   -4.335  1.000 17.217 0 209 LEU A C   1 ? 
ATOM   135  O O   . LEU A 1 32 ? -18.435 1.973   -4.525  1.000 18.050 0 209 LEU A O   1 ? 
ATOM   136  C CB  . LEU A 1 32 ? -17.305 -1.156  -4.777  1.000 15.695 0 209 LEU A CB  1 ? 
ATOM   137  C CG  . LEU A 1 32 ? -16.050 -1.948  -4.387  1.000 16.951 0 209 LEU A CG  1 ? 
ATOM   138  C CD1 . LEU A 1 32 ? -15.721 -2.943  -5.466  1.000 18.227 0 209 LEU A CD1 1 ? 
ATOM   139  C CD2 . LEU A 1 32 ? -14.858 -1.007  -4.112  1.000 17.978 0 209 LEU A CD2 1 ? 
ATOM   140  N N   . ILE A 1 33 ? -20.033 0.386   -4.623  1.000 17.620 0 210 ILE A N   1 ? 
ATOM   141  C CA  . ILE A 1 33 ? -21.005 1.284   -5.215  1.000 16.343 0 210 ILE A CA  1 ? 
ATOM   142  C C   . ILE A 1 33 ? -21.349 2.414   -4.257  1.000 18.747 0 210 ILE A C   1 ? 
ATOM   143  O O   . ILE A 1 33 ? -21.384 3.569   -4.696  1.000 21.264 0 210 ILE A O   1 ? 
ATOM   144  C CB  . ILE A 1 33 ? -22.249 0.498   -5.645  1.000 18.587 0 210 ILE A CB  1 ? 
ATOM   145  C CG1 . ILE A 1 33 ? -21.904 -0.480  -6.765  1.000 19.507 0 210 ILE A CG1 1 ? 
ATOM   146  C CG2 . ILE A 1 33 ? -23.403 1.447   -5.997  1.000 21.563 0 210 ILE A CG2 1 ? 
ATOM   147  C CD1 . ILE A 1 33 ? -22.934 -1.553  -6.916  1.000 18.569 0 210 ILE A CD1 1 ? 
ATOM   148  N N   . ALA A 1 34 ? -21.470 2.087   -2.972  1.000 18.995 0 211 ALA A N   1 ? 
ATOM   149  C CA  . ALA A 1 34 ? -21.806 3.077   -1.957  1.000 22.025 0 211 ALA A CA  1 ? 
ATOM   150  C C   . ALA A 1 34 ? -20.670 4.090   -1.817  1.000 22.728 0 211 ALA A C   1 ? 
ATOM   151  O O   . ALA A 1 34 ? -20.945 5.266   -1.515  1.000 25.548 0 211 ALA A O   1 ? 
ATOM   152  C CB  . ALA A 1 34 ? -22.075 2.407   -0.664  1.000 23.053 0 211 ALA A CB  1 ? 
ATOM   153  N N   . LEU A 1 35 ? -19.436 3.652   -2.016  1.000 18.000 0 212 LEU A N   1 ? 
ATOM   154  C CA  . LEU A 1 35 ? -18.248 4.480   -1.818  1.000 18.927 0 212 LEU A CA  1 ? 
ATOM   155  C C   . LEU A 1 35 ? -17.879 5.258   -3.083  1.000 20.775 0 212 LEU A C   1 ? 
ATOM   156  O O   . LEU A 1 35 ? -16.873 5.961   -3.089  1.000 24.212 0 212 LEU A O   1 ? 
ATOM   157  C CB  . LEU A 1 35 ? -17.076 3.638   -1.356  1.000 19.625 0 212 LEU A CB  1 ? 
ATOM   158  C CG  . LEU A 1 35 ? -17.208 3.047   0.053   1.000 20.888 0 212 LEU A CG  1 ? 
ATOM   159  C CD1 . LEU A 1 35 ? -16.185 1.980   0.314   1.000 22.344 0 212 LEU A CD1 1 ? 
ATOM   160  C CD2 . LEU A 1 35 ? -17.076 4.127   1.097   1.000 22.345 0 212 LEU A CD2 1 ? 
ATOM   161  N N   . ASP A 1 36 ? -18.589 4.971   -4.179  1.000 23.073 0 213 ASP A N   1 ? 
ATOM   162  C CA  . ASP A 1 36 ? -18.246 5.480   -5.511  1.000 26.002 0 213 ASP A CA  1 ? 
ATOM   163  C C   . ASP A 1 36 ? -16.825 5.075   -5.917  1.000 25.255 0 213 ASP A C   1 ? 
ATOM   164  O O   . ASP A 1 36 ? -15.985 5.871   -6.392  1.000 25.274 0 213 ASP A O   1 ? 
ATOM   165  C CB  . ASP A 1 36 ? -18.560 6.981   -5.575  1.000 29.102 0 213 ASP A CB  1 ? 
ATOM   166  C CG  . ASP A 1 36 ? -18.517 7.579   -6.977  1.000 44.200 0 213 ASP A CG  1 ? 
ATOM   167  O OD1 . ASP A 1 36 ? -18.676 6.810   -7.970  1.000 46.983 0 213 ASP A OD1 1 ? 
ATOM   168  O OD2 . ASP A 1 36 ? -18.302 8.819   -7.074  1.000 54.026 0 213 ASP A OD2 1 ? 
ATOM   169  N N   . LYS A 1 37 ? -16.497 3.788   -5.686  1.000 21.853 0 214 LYS A N   1 ? 
ATOM   170  C CA  . LYS A 1 37 ? -15.222 3.214   -6.047  1.000 20.717 0 214 LYS A CA  1 ? 
ATOM   171  C C   . LYS A 1 37 ? -15.451 1.988   -6.920  1.000 19.527 0 214 LYS A C   1 ? 
ATOM   172  O O   . LYS A 1 37 ? -16.581 1.506   -7.034  1.000 19.845 0 214 LYS A O   1 ? 
ATOM   173  C CB  . LYS A 1 37 ? -14.442 2.804   -4.798  1.000 22.723 0 214 LYS A CB  1 ? 
ATOM   174  C CG  . LYS A 1 37 ? -14.237 3.963   -3.822  1.000 25.688 0 214 LYS A CG  1 ? 
ATOM   175  C CD  . LYS A 1 37 ? -13.065 4.786   -4.172  1.000 28.180 0 214 LYS A CD  1 ? 
ATOM   176  C CE  . LYS A 1 37 ? -13.129 6.075   -3.397  1.000 32.146 0 214 LYS A CE  1 ? 
ATOM   177  N NZ  . LYS A 1 37 ? -12.024 6.980   -3.746  1.000 37.475 0 214 LYS A NZ  1 ? 
ATOM   178  N N   . THR A 1 38 ? -14.375 1.551   -7.574  1.000 21.237 0 215 THR A N   1 ? 
ATOM   179  C CA  . THR A 1 38 ? -14.454 0.451   -8.533  1.000 20.104 0 215 THR A CA  1 ? 
ATOM   180  C C   . THR A 1 38 ? -13.353 -0.575  -8.331  1.000 20.980 0 215 THR A C   1 ? 
ATOM   181  O O   . THR A 1 38 ? -12.274 -0.334  -7.782  1.000 19.947 0 215 THR A O   1 ? 
ATOM   182  C CB  . THR A 1 38 ? -14.421 0.947   -9.997  1.000 25.852 0 215 THR A CB  1 ? 
ATOM   183  O OG1 . THR A 1 38 ? -13.138 1.510   -10.303 1.000 24.477 0 215 THR A OG1 1 ? 
ATOM   184  C CG2 . THR A 1 38 ? -15.524 1.939   -10.278 1.000 30.138 0 215 THR A CG2 1 ? 
ATOM   185  N N   . TRP A 1 39 ? -13.636 -1.784  -8.775  1.000 19.938 0 216 TRP A N   1 ? 
ATOM   186  C CA  . TRP A 1 39 ? -12.597 -2.785  -8.902  1.000 21.521 0 216 TRP A CA  1 ? 
ATOM   187  C C   . TRP A 1 39 ? -11.440 -2.268  -9.756  1.000 22.815 0 216 TRP A C   1 ? 
ATOM   188  O O   . TRP A 1 39 ? -10.289 -2.379  -9.369  1.000 23.161 0 216 TRP A O   1 ? 
ATOM   189  C CB  . TRP A 1 39 ? -13.158 -4.084  -9.475  1.000 20.573 0 216 TRP A CB  1 ? 
ATOM   190  C CG  . TRP A 1 39 ? -13.984 -4.882  -8.505  1.000 19.500 0 216 TRP A CG  1 ? 
ATOM   191  C CD1 . TRP A 1 39 ? -15.337 -5.076  -8.497  1.000 19.581 0 216 TRP A CD1 1 ? 
ATOM   192  C CD2 . TRP A 1 39 ? -13.460 -5.667  -7.406  1.000 20.900 0 216 TRP A CD2 1 ? 
ATOM   193  N NE1 . TRP A 1 39 ? -15.684 -5.891  -7.458  1.000 21.056 0 216 TRP A NE1 1 ? 
ATOM   194  C CE2 . TRP A 1 39 ? -14.569 -6.254  -6.772  1.000 22.089 0 216 TRP A CE2 1 ? 
ATOM   195  C CE3 . TRP A 1 39 ? -12.170 -5.916  -6.920  1.000 24.174 0 216 TRP A CE3 1 ? 
ATOM   196  C CZ2 . TRP A 1 39 ? -14.416 -7.105  -5.679  1.000 23.570 0 216 TRP A CZ2 1 ? 
ATOM   197  C CZ3 . TRP A 1 39 ? -12.017 -6.774  -5.845  1.000 25.341 0 216 TRP A CZ3 1 ? 
ATOM   198  C CH2 . TRP A 1 39 ? -13.135 -7.350  -5.239  1.000 23.431 0 216 TRP A CH2 1 ? 
ATOM   199  N N   . ASP A 1 40 ? -11.715 -1.771  -10.970 1.000 24.702 0 217 ASP A N   1 ? 
ATOM   200  C CA  . ASP A 1 40 ? -10.623 -1.543  -11.908 1.000 28.210 0 217 ASP A CA  1 ? 
ATOM   201  C C   . ASP A 1 40 ? -9.719  -0.393  -11.482 1.000 30.388 0 217 ASP A C   1 ? 
ATOM   202  O O   . ASP A 1 40 ? -8.520  -0.499  -11.696 1.000 32.239 0 217 ASP A O   1 ? 
ATOM   203  C CB  . ASP A 1 40 ? -11.144 -1.227  -13.311 1.000 31.376 0 217 ASP A CB  1 ? 
ATOM   204  C CG  . ASP A 1 40 ? -11.616 -2.459  -14.058 1.000 38.040 0 217 ASP A CG  1 ? 
ATOM   205  O OD1 . ASP A 1 40 ? -11.341 -3.609  -13.597 1.000 37.708 0 217 ASP A OD1 1 ? 
ATOM   206  O OD2 . ASP A 1 40 ? -12.310 -2.252  -15.078 1.000 49.321 0 217 ASP A OD2 1 ? 
ATOM   207  N N   . ASP A 1 41 ? -10.305 0.677   -10.928 1.000 26.310 0 218 ASP A N   1 ? 
ATOM   208  C CA  . ASP A 1 41 ? -9.578  1.891   -10.586 1.000 30.918 0 218 ASP A CA  1 ? 
ATOM   209  C C   . ASP A 1 41 ? -8.983  1.826   -9.183  1.000 29.707 0 218 ASP A C   1 ? 
ATOM   210  O O   . ASP A 1 41 ? -7.967  2.461   -8.923  1.000 28.509 0 218 ASP A O   1 ? 
ATOM   211  C CB  . ASP A 1 41 ? -10.490 3.124   -10.687 1.000 32.416 0 218 ASP A CB  1 ? 
ATOM   212  C CG  . ASP A 1 41 ? -11.089 3.230   -12.078 1.000 44.489 0 218 ASP A CG  1 ? 
ATOM   213  O OD1 . ASP A 1 41 ? -10.281 3.345   -13.010 1.000 44.671 0 218 ASP A OD1 1 ? 
ATOM   214  O OD2 . ASP A 1 41 ? -12.351 3.119   -12.225 1.000 40.508 0 218 ASP A OD2 1 ? 
ATOM   215  N N   . ASP A 1 42 ? -9.646  1.118   -8.255  1.000 25.778 0 219 ASP A N   1 ? 
ATOM   216  C CA  . ASP A 1 42 ? -9.412  1.329   -6.850  1.000 24.461 0 219 ASP A CA  1 ? 
ATOM   217  C C   . ASP A 1 42 ? -9.034  0.033   -6.153  1.000 22.633 0 219 ASP A C   1 ? 
ATOM   218  O O   . ASP A 1 42 ? -7.927  -0.085  -5.619  1.000 22.536 0 219 ASP A O   1 ? 
ATOM   219  C CB  . ASP A 1 42 ? -10.635 1.986   -6.213  1.000 23.985 0 219 ASP A CB  1 ? 
ATOM   220  C CG  . ASP A 1 42 ? -11.017 3.306   -6.856  1.000 26.700 0 219 ASP A CG  1 ? 
ATOM   221  O OD1 . ASP A 1 42 ? -10.188 4.271   -6.679  1.000 27.932 0 219 ASP A OD1 1 ? 
ATOM   222  O OD2 . ASP A 1 42 ? -12.119 3.404   -7.494  1.000 24.427 0 219 ASP A OD2 1 ? 
ATOM   223  N N   . LEU A 1 43 ? -9.930  -0.967  -6.176  1.000 20.202 0 220 LEU A N   1 ? 
ATOM   224  C CA  . LEU A 1 43 ? -9.734  -2.119  -5.308  1.000 19.369 0 220 LEU A CA  1 ? 
ATOM   225  C C   . LEU A 1 43 ? -8.774  -3.155  -5.886  1.000 19.554 0 220 LEU A C   1 ? 
ATOM   226  O O   . LEU A 1 43 ? -8.052  -3.761  -5.132  1.000 20.831 0 220 LEU A O   1 ? 
ATOM   227  C CB  . LEU A 1 43 ? -11.094 -2.740  -4.931  1.000 19.600 0 220 LEU A CB  1 ? 
ATOM   228  C CG  . LEU A 1 43 ? -11.052 -3.813  -3.853  1.000 19.320 0 220 LEU A CG  1 ? 
ATOM   229  C CD1 . LEU A 1 43 ? -10.298 -3.337  -2.608  1.000 22.400 0 220 LEU A CD1 1 ? 
ATOM   230  C CD2 . LEU A 1 43 ? -12.440 -4.272  -3.493  1.000 19.482 0 220 LEU A CD2 1 ? 
ATOM   231  N N   . LEU A 1 44 ? -8.797  -3.478  -7.173  1.000 19.609 0 221 LEU A N   1 ? 
ATOM   232  C CA  . LEU A 1 44 ? -7.882  -4.488  -7.661  1.000 21.218 0 221 LEU A CA  1 ? 
ATOM   233  C C   . LEU A 1 44 ? -6.433  -4.013  -7.537  1.000 21.746 0 221 LEU A C   1 ? 
ATOM   234  O O   . LEU A 1 44 ? -5.589  -4.789  -7.130  1.000 21.621 0 221 LEU A O   1 ? 
ATOM   235  C CB  . LEU A 1 44 ? -8.155  -4.848  -9.112  1.000 25.863 0 221 LEU A CB  1 ? 
ATOM   236  C CG  . LEU A 1 44 ? -9.376  -5.711  -9.367  1.000 28.938 0 221 LEU A CG  1 ? 
ATOM   237  C CD1 . LEU A 1 44 ? -9.534  -5.879  -10.882 1.000 30.108 0 221 LEU A CD1 1 ? 
ATOM   238  C CD2 . LEU A 1 44 ? -9.244  -7.048  -8.668  1.000 26.318 0 221 LEU A CD2 1 ? 
ATOM   239  N N   . PRO A 1 45 ? -6.107  -2.749  -7.863  1.000 21.507 0 222 PRO A N   1 ? 
ATOM   240  C CA  . PRO A 1 45 ? -4.732  -2.278  -7.647  1.000 25.137 0 222 PRO A CA  1 ? 
ATOM   241  C C   . PRO A 1 45 ? -4.307  -2.424  -6.193  1.000 22.709 0 222 PRO A C   1 ? 
ATOM   242  O O   . PRO A 1 45 ? -3.230  -2.970  -5.932  1.000 24.764 0 222 PRO A O   1 ? 
ATOM   243  C CB  . PRO A 1 45 ? -4.773  -0.825  -8.140  1.000 25.907 0 222 PRO A CB  1 ? 
ATOM   244  C CG  . PRO A 1 45 ? -5.904  -0.812  -9.137  1.000 25.218 0 222 PRO A CG  1 ? 
ATOM   245  C CD  . PRO A 1 45 ? -6.954  -1.730  -8.510  1.000 23.668 0 222 PRO A CD  1 ? 
ATOM   246  N N   . LEU A 1 46 ? -5.185  -2.013  -5.271  1.000 21.842 0 223 LEU A N   1 ? 
ATOM   247  C CA  . LEU A 1 46 ? -4.888  -2.115  -3.850  1.000 21.747 0 223 LEU A CA  1 ? 
ATOM   248  C C   . LEU A 1 46 ? -4.700  -3.553  -3.390  1.000 22.951 0 223 LEU A C   1 ? 
ATOM   249  O O   . LEU A 1 46 ? -3.747  -3.861  -2.658  1.000 23.530 0 223 LEU A O   1 ? 
ATOM   250  C CB  . LEU A 1 46 ? -5.935  -1.376  -3.025  1.000 22.848 0 223 LEU A CB  1 ? 
ATOM   251  C CG  . LEU A 1 46 ? -5.683  -1.252  -1.535  1.000 24.699 0 223 LEU A CG  1 ? 
ATOM   252  C CD1 . LEU A 1 46 ? -4.329  -0.573  -1.284  1.000 26.422 0 223 LEU A CD1 1 ? 
ATOM   253  C CD2 . LEU A 1 46 ? -6.809  -0.464  -0.877  1.000 24.195 0 223 LEU A CD2 1 ? 
ATOM   254  N N   . CYS A 1 47 ? -5.609  -4.453  -3.784  1.000 22.620 0 224 CYS A N   1 ? 
ATOM   255  C CA  . CYS A 1 47 ? -5.451  -5.854  -3.413  1.000 22.521 0 224 CYS A CA  1 ? 
ATOM   256  C C   . CYS A 1 47 ? -4.119  -6.415  -3.965  1.000 23.421 0 224 CYS A C   1 ? 
ATOM   257  O O   . CYS A 1 47 ? -3.458  -7.242  -3.321  1.000 23.678 0 224 CYS A O   1 ? 
ATOM   258  C CB  . CYS A 1 47 ? -6.593  -6.679  -3.978  1.000 26.355 0 224 CYS A CB  1 ? 
ATOM   259  S SG  . CYS A 1 47 ? -8.168  -6.419  -3.126  1.000 26.970 0 224 CYS A SG  1 ? 
ATOM   260  N N   . SER A 1 48 ? -3.731  -5.990  -5.178  1.000 23.330 0 225 SER A N   1 ? 
ATOM   261  C CA  . SER A 1 48 ? -2.510  -6.490  -5.809  1.000 25.953 0 225 SER A CA  1 ? 
ATOM   262  C C   . SER A 1 48 ? -1.302  -6.072  -4.966  1.000 27.520 0 225 SER A C   1 ? 
ATOM   263  O O   . SER A 1 48 ? -0.450  -6.902  -4.683  1.000 29.697 0 225 SER A O   1 ? 
ATOM   264  C CB  . SER A 1 48 ? -2.390  -5.993  -7.202  1.000 26.771 0 225 SER A CB  1 ? 
ATOM   265  O OG  . SER A 1 48 ? -3.363  -6.611  -8.020  1.000 32.411 0 225 SER A OG  1 ? 
ATOM   266  N N   . GLN A 1 49 ? -1.348  -4.839  -4.440  1.000 27.190 0 226 GLN A N   1 ? 
ATOM   267  C CA  . GLN A 1 49 ? -0.270  -4.306  -3.612  1.000 27.656 0 226 GLN A CA  1 ? 
ATOM   268  C C   . GLN A 1 49 ? -0.241  -4.984  -2.257  1.000 30.799 0 226 GLN A C   1 ? 
ATOM   269  O O   . GLN A 1 49 ? 0.826   -5.390  -1.791  1.000 29.188 0 226 GLN A O   1 ? 
ATOM   270  C CB  . GLN A 1 49 ? -0.395  -2.802  -3.444  1.000 27.645 0 226 GLN A CB  1 ? 
ATOM   271  C CG  . GLN A 1 49 ? -0.033  -2.045  -4.697  1.000 29.055 0 226 GLN A CG  1 ? 
ATOM   272  C CD  . GLN A 1 49 ? -0.323  -0.578  -4.543  1.000 35.711 0 226 GLN A CD  1 ? 
ATOM   273  O OE1 . GLN A 1 49 ? -1.451  -0.180  -4.253  1.000 32.463 0 226 GLN A OE1 1 ? 
ATOM   274  N NE2 . GLN A 1 49 ? 0.709   0.243   -4.723  1.000 32.943 0 226 GLN A NE2 1 ? 
ATOM   275  N N   . ILE A 1 50 ? -1.409  -5.146  -1.635  1.000 30.456 0 227 ILE A N   1 ? 
ATOM   276  C CA  . ILE A 1 50 ? -1.469  -5.733  -0.308  1.000 28.865 0 227 ILE A CA  1 ? 
ATOM   277  C C   . ILE A 1 50 ? -1.123  -7.212  -0.325  1.000 30.210 0 227 ILE A C   1 ? 
ATOM   278  O O   . ILE A 1 50 ? -0.480  -7.698  0.610   1.000 32.373 0 227 ILE A O   1 ? 
ATOM   279  C CB  . ILE A 1 50 ? -2.824  -5.451  0.343   1.000 29.051 0 227 ILE A CB  1 ? 
ATOM   280  C CG1 . ILE A 1 50 ? -2.939  -3.949  0.589   1.000 33.990 0 227 ILE A CG1 1 ? 
ATOM   281  C CG2 . ILE A 1 50 ? -3.047  -6.252  1.613   1.000 27.892 0 227 ILE A CG2 1 ? 
ATOM   282  C CD1 . ILE A 1 50 ? -4.189  -3.537  1.251   1.000 36.005 0 227 ILE A CD1 1 ? 
ATOM   283  N N   . PHE A 1 51 ? -1.632  -7.948  -1.299  1.000 29.633 0 228 PHE A N   1 ? 
ATOM   284  C CA  . PHE A 1 51 ? -1.441  -9.386  -1.317  1.000 30.291 0 228 PHE A CA  1 ? 
ATOM   285  C C   . PHE A 1 51 ? -0.222  -9.737  -2.173  1.000 34.702 0 228 PHE A C   1 ? 
ATOM   286  O O   . PHE A 1 51 ? 0.086   -10.912 -2.281  1.000 36.292 0 228 PHE A O   1 ? 
ATOM   287  C CB  . PHE A 1 51 ? -2.697  -10.127 -1.777  1.000 30.182 0 228 PHE A CB  1 ? 
ATOM   288  C CG  . PHE A 1 51 ? -3.948  -9.841  -0.967  1.000 32.924 0 228 PHE A CG  1 ? 
ATOM   289  C CD1 . PHE A 1 51 ? -3.955  -9.966  0.413   1.000 35.509 0 228 PHE A CD1 1 ? 
ATOM   290  C CD2 . PHE A 1 51 ? -5.135  -9.458  -1.588  1.000 30.228 0 228 PHE A CD2 1 ? 
ATOM   291  C CE1 . PHE A 1 51 ? -5.097  -9.652  1.136   1.000 32.499 0 228 PHE A CE1 1 ? 
ATOM   292  C CE2 . PHE A 1 51 ? -6.285  -9.190  -0.861  1.000 29.711 0 228 PHE A CE2 1 ? 
ATOM   293  C CZ  . PHE A 1 51 ? -6.265  -9.290  0.499   1.000 29.689 0 228 PHE A CZ  1 ? 
ATOM   294  N N   . ARG A 1 52 ? 0.407   -8.724  -2.790  1.000 38.165 0 229 ARG A N   1 ? 
ATOM   295  C CA  . ARG A 1 52 ? 1.692   -8.849  -3.465  1.000 40.972 0 229 ARG A CA  1 ? 
ATOM   296  C C   . ARG A 1 52 ? 1.596   -9.920  -4.540  1.000 41.338 0 229 ARG A C   1 ? 
ATOM   297  O O   . ARG A 1 52 ? 2.422   -10.820 -4.592  1.000 43.687 0 229 ARG A O   1 ? 
ATOM   298  C CB  . ARG A 1 52 ? 2.762   -9.146  -2.413  1.000 44.553 0 229 ARG A CB  1 ? 
ATOM   299  C CG  . ARG A 1 52 ? 2.848   -8.062  -1.352  1.000 49.233 0 229 ARG A CG  1 ? 
ATOM   300  C CD  . ARG A 1 52 ? 3.907   -8.378  -0.327  1.000 59.334 0 229 ARG A CD  1 ? 
ATOM   301  N NE  . ARG A 1 52 ? 3.599   -9.533  0.504   1.000 62.343 0 229 ARG A NE  1 ? 
ATOM   302  C CZ  . ARG A 1 52 ? 2.801   -9.518  1.571   1.000 77.389 0 229 ARG A CZ  1 ? 
ATOM   303  N NH1 . ARG A 1 52 ? 2.280   -8.385  2.012   1.000 79.440 0 229 ARG A NH1 1 ? 
ATOM   304  N NH2 . ARG A 1 52 ? 2.540   -10.646 2.211   1.000 81.874 0 229 ARG A NH2 1 ? 
ATOM   305  N N   . ARG A 1 53 ? 0.534   -9.832  -5.353  1.000 37.777 0 230 ARG A N   1 ? 
ATOM   306  C CA  . ARG A 1 53 ? 0.308   -10.714 -6.480  1.000 35.917 0 230 ARG A CA  1 ? 
ATOM   307  C C   . ARG A 1 53 ? -0.544  -9.961  -7.503  1.000 40.486 0 230 ARG A C   1 ? 
ATOM   308  O O   . ARG A 1 53 ? -1.160  -8.940  -7.199  1.000 36.973 0 230 ARG A O   1 ? 
ATOM   309  C CB  . ARG A 1 53 ? -0.244  -12.082 -6.052  1.000 42.927 0 230 ARG A CB  1 ? 
ATOM   310  C CG  . ARG A 1 53 ? -1.743  -12.169 -5.809  1.000 41.756 0 230 ARG A CG  1 ? 
ATOM   311  C CD  . ARG A 1 53 ? -2.135  -13.389 -4.982  1.000 40.762 0 230 ARG A CD  1 ? 
ATOM   312  N NE  . ARG A 1 53 ? -3.583  -13.504 -4.794  1.000 34.050 0 230 ARG A NE  1 ? 
ATOM   313  C CZ  . ARG A 1 53 ? -4.430  -13.742 -5.783  1.000 30.814 0 230 ARG A CZ  1 ? 
ATOM   314  N NH1 . ARG A 1 53 ? -3.945  -14.016 -6.990  1.000 36.807 0 230 ARG A NH1 1 ? 
ATOM   315  N NH2 . ARG A 1 53 ? -5.734  -13.807 -5.573  1.000 29.989 0 230 ARG A NH2 1 ? 
ATOM   316  N N   . ASP A 1 54 ? -0.474  -10.443 -8.744  1.000 39.146 0 231 ASP A N   1 ? 
ATOM   317  C CA  . ASP A 1 54 ? -1.117  -9.838  -9.884  1.000 43.378 0 231 ASP A CA  1 ? 
ATOM   318  C C   . ASP A 1 54 ? -2.565  -10.314 -9.924  1.000 40.936 0 231 ASP A C   1 ? 
ATOM   319  O O   . ASP A 1 54 ? -2.857  -11.429 -10.344 1.000 38.306 0 231 ASP A O   1 ? 
ATOM   320  C CB  . ASP A 1 54 ? -0.344  -10.194 -11.152 1.000 52.840 0 231 ASP A CB  1 ? 
ATOM   321  C CG  . ASP A 1 54 ? -0.607  -9.281  -12.332 1.000 61.176 0 231 ASP A CG  1 ? 
ATOM   322  O OD1 . ASP A 1 54 ? -1.618  -8.544  -12.322 1.000 60.320 0 231 ASP A OD1 1 ? 
ATOM   323  O OD2 . ASP A 1 54 ? 0.229   -9.294  -13.246 1.000 79.861 0 231 ASP A OD2 1 ? 
ATOM   324  N N   . ILE A 1 55 ? -3.472  -9.441  -9.478  1.000 35.172 0 232 ILE A N   1 ? 
ATOM   325  C CA  . ILE A 1 55 ? -4.894  -9.747  -9.446  1.000 33.653 0 232 ILE A CA  1 ? 
ATOM   326  C C   . ILE A 1 55 ? -5.590  -8.849  -10.469 1.000 36.870 0 232 ILE A C   1 ? 
ATOM   327  O O   . ILE A 1 55 ? -5.679  -7.637  -10.287 1.000 38.017 0 232 ILE A O   1 ? 
ATOM   328  C CB  . ILE A 1 55 ? -5.465  -9.568  -8.022  1.000 32.927 0 232 ILE A CB  1 ? 
ATOM   329  C CG1 . ILE A 1 55 ? -4.612  -10.318 -6.989  1.000 32.285 0 232 ILE A CG1 1 ? 
ATOM   330  C CG2 . ILE A 1 55 ? -6.941  -9.983  -7.981  1.000 33.931 0 232 ILE A CG2 1 ? 
ATOM   331  C CD1 . ILE A 1 55 ? -4.852  -9.935  -5.560  1.000 30.835 0 232 ILE A CD1 1 ? 
ATOM   332  N N   . ARG A 1 56 ? -6.135  -9.475  -11.507 1.000 35.785 0 233 ARG A N   1 ? 
ATOM   333  C CA  . ARG A 1 56 ? -6.674  -8.766  -12.654 1.000 40.457 0 233 ARG A CA  1 ? 
ATOM   334  C C   . ARG A 1 56 ? -8.195  -8.833  -12.749 1.000 34.108 0 233 ARG A C   1 ? 
ATOM   335  O O   . ARG A 1 56 ? -8.763  -8.174  -13.610 1.000 33.453 0 233 ARG A O   1 ? 
ATOM   336  C CB  . ARG A 1 56 ? -6.096  -9.379  -13.930 1.000 46.280 0 233 ARG A CB  1 ? 
ATOM   337  C CG  . ARG A 1 56 ? -4.617  -9.100  -14.128 1.000 52.479 0 233 ARG A CG  1 ? 
ATOM   338  C CD  . ARG A 1 56 ? -4.161  -9.770  -15.409 1.000 60.104 0 233 ARG A CD  1 ? 
ATOM   339  N NE  . ARG A 1 56 ? -2.764  -9.488  -15.688 1.000 67.171 0 233 ARG A NE  1 ? 
ATOM   340  C CZ  . ARG A 1 56 ? -1.769  -10.351 -15.511 1.000 74.303 0 233 ARG A CZ  1 ? 
ATOM   341  N NH1 . ARG A 1 56 ? -1.980  -11.515 -14.914 1.000 77.459 0 233 ARG A NH1 1 ? 
ATOM   342  N NH2 . ARG A 1 56 ? -0.554  -10.022 -15.909 1.000 75.965 0 233 ARG A NH2 1 ? 
ATOM   343  N N   . ALA A 1 57 ? -8.874  -9.620  -11.904 1.000 28.205 0 234 ALA A N   1 ? 
ATOM   344  C CA  . ALA A 1 57 ? -10.319 -9.642  -11.900 1.000 27.136 0 234 ALA A CA  1 ? 
ATOM   345  C C   . ALA A 1 57 ? -10.802 -9.982  -10.493 1.000 23.069 0 234 ALA A C   1 ? 
ATOM   346  O O   . ALA A 1 57 ? -10.112 -10.674 -9.767  1.000 23.416 0 234 ALA A O   1 ? 
ATOM   347  C CB  . ALA A 1 57 ? -10.843 -10.646 -12.918 1.000 30.213 0 234 ALA A CB  1 ? 
ATOM   348  N N   . SER A 1 58 ? -11.972 -9.465  -10.151 1.000 27.807 0 235 SER A N   1 ? 
ATOM   349  C CA  . SER A 1 58 ? -12.550 -9.622  -8.823  1.000 27.053 0 235 SER A CA  1 ? 
ATOM   350  C C   . SER A 1 58 ? -12.672 -11.095 -8.469  1.000 27.240 0 235 SER A C   1 ? 
ATOM   351  O O   . SER A 1 58 ? -12.386 -11.484 -7.347  1.000 24.816 0 235 SER A O   1 ? 
ATOM   352  C CB  . SER A 1 58 ? -13.862 -8.914  -8.751  1.000 30.300 0 235 SER A CB  1 ? 
ATOM   353  O OG  . SER A 1 58 ? -14.794 -9.479  -9.676  1.000 32.487 0 235 SER A OG  1 ? 
ATOM   354  N N   . SER A 1 59 ? -13.117 -11.911 -9.447  1.000 28.975 0 236 SER A N   1 ? 
ATOM   355  C CA  . SER A 1 59 ? -13.294 -13.340 -9.243  1.000 33.045 0 236 SER A CA  1 ? 
ATOM   356  C C   . SER A 1 59 ? -12.003 -14.070 -8.835  1.000 33.944 0 236 SER A C   1 ? 
ATOM   357  O O   . SER A 1 59 ? -12.078 -15.181 -8.281  1.000 33.407 0 236 SER A O   1 ? 
ATOM   358  C CB  . SER A 1 59 ? -13.879 -13.938 -10.502 1.000 34.300 0 236 SER A CB  1 ? 
ATOM   359  O OG  . SER A 1 59 ? -13.097 -13.544 -11.614 1.000 33.523 0 236 SER A OG  1 ? 
ATOM   360  N N   . GLU A 1 60 ? -10.820 -13.478 -9.078  1.000 29.926 0 237 GLU A N   1 ? 
ATOM   361  C CA  . GLU A 1 60 ? -9.540  -14.129 -8.791  1.000 30.818 0 237 GLU A CA  1 ? 
ATOM   362  C C   . GLU A 1 60 ? -9.118  -14.022 -7.328  1.000 28.596 0 237 GLU A C   1 ? 
ATOM   363  O O   . GLU A 1 60 ? -8.151  -14.660 -6.909  1.000 30.159 0 237 GLU A O   1 ? 
ATOM   364  C CB  . GLU A 1 60 ? -8.370  -13.532 -9.573  1.000 30.638 0 237 GLU A CB  1 ? 
ATOM   365  C CG  . GLU A 1 60 ? -8.495  -13.690 -11.079 1.000 36.145 0 237 GLU A CG  1 ? 
ATOM   366  C CD  . GLU A 1 60 ? -7.419  -12.990 -11.905 1.000 43.650 0 237 GLU A CD  1 ? 
ATOM   367  O OE1 . GLU A 1 60 ? -7.652  -12.828 -13.121 1.000 52.357 0 237 GLU A OE1 1 ? 
ATOM   368  O OE2 . GLU A 1 60 ? -6.342  -12.623 -11.349 1.000 40.170 0 237 GLU A OE2 1 ? 
ATOM   369  N N   . LEU A 1 61 ? -9.831  -13.233 -6.517  1.000 26.939 0 238 LEU A N   1 ? 
ATOM   370  C CA  . LEU A 1 61 ? -9.490  -13.212 -5.107  1.000 25.027 0 238 LEU A CA  1 ? 
ATOM   371  C C   . LEU A 1 61 ? -9.803  -14.568 -4.478  1.000 24.388 0 238 LEU A C   1 ? 
ATOM   372  O O   . LEU A 1 61 ? -10.818 -15.202 -4.788  1.000 25.674 0 238 LEU A O   1 ? 
ATOM   373  C CB  . LEU A 1 61 ? -10.340 -12.152 -4.373  1.000 22.740 0 238 LEU A CB  1 ? 
ATOM   374  C CG  . LEU A 1 61 ? -9.970  -10.696 -4.602  1.000 25.750 0 238 LEU A CG  1 ? 
ATOM   375  C CD1 . LEU A 1 61 ? -10.817 -9.815  -3.694  1.000 29.368 0 238 LEU A CD1 1 ? 
ATOM   376  C CD2 . LEU A 1 61 ? -8.519  -10.421 -4.330  1.000 28.402 0 238 LEU A CD2 1 ? 
ATOM   377  N N   . THR A 1 62 ? -9.051  -14.912 -3.442  1.000 26.237 0 239 THR A N   1 ? 
ATOM   378  C CA  . THR A 1 62 ? -9.495  -15.985 -2.572  1.000 26.974 0 239 THR A CA  1 ? 
ATOM   379  C C   . THR A 1 62 ? -10.571 -15.484 -1.603  1.000 28.173 0 239 THR A C   1 ? 
ATOM   380  O O   . THR A 1 62 ? -10.716 -14.289 -1.347  1.000 23.057 0 239 THR A O   1 ? 
ATOM   381  C CB  . THR A 1 62 ? -8.302  -16.604 -1.837  1.000 27.671 0 239 THR A CB  1 ? 
ATOM   382  O OG1 . THR A 1 62 ? -7.888  -15.730 -0.792  1.000 27.603 0 239 THR A OG1 1 ? 
ATOM   383  C CG2 . THR A 1 62 ? -7.143  -16.914 -2.776  1.000 30.068 0 239 THR A CG2 1 ? 
ATOM   384  N N   . GLN A 1 63 ? -11.343 -16.414 -1.036  1.000 28.150 0 240 GLN A N   1 ? 
ATOM   385  C CA  . GLN A 1 63 ? -12.301 -16.029 -0.018  1.000 28.003 0 240 GLN A CA  1 ? 
ATOM   386  C C   . GLN A 1 63 ? -11.574 -15.337 1.142   1.000 29.550 0 240 GLN A C   1 ? 
ATOM   387  O O   . GLN A 1 63 ? -12.064 -14.335 1.657   1.000 25.387 0 240 GLN A O   1 ? 
ATOM   388  C CB  . GLN A 1 63 ? -13.121 -17.236 0.450   1.000 27.540 0 240 GLN A CB  1 ? 
ATOM   389  C CG  . GLN A 1 63 ? -14.155 -16.910 1.520   1.000 27.522 0 240 GLN A CG  1 ? 
ATOM   390  C CD  . GLN A 1 63 ? -15.242 -15.943 1.117   1.000 27.724 0 240 GLN A CD  1 ? 
ATOM   391  O OE1 . GLN A 1 63 ? -15.476 -15.645 -0.061  1.000 26.184 0 240 GLN A OE1 1 ? 
ATOM   392  N NE2 . GLN A 1 63 ? -15.970 -15.471 2.113   1.000 27.437 0 240 GLN A NE2 1 ? 
ATOM   393  N N   . ALA A 1 64 ? -10.417 -15.854 1.575   1.000 28.488 0 241 ALA A N   1 ? 
ATOM   394  C CA  . ALA A 1 64 ? -9.684  -15.274 2.708   1.000 30.500 0 241 ALA A CA  1 ? 
ATOM   395  C C   . ALA A 1 64 ? -9.240  -13.833 2.432   1.000 29.143 0 241 ALA A C   1 ? 
ATOM   396  O O   . ALA A 1 64 ? -9.324  -12.955 3.298   1.000 28.152 0 241 ALA A O   1 ? 
ATOM   397  C CB  . ALA A 1 64 ? -8.496  -16.156 3.044   1.000 33.440 0 241 ALA A CB  1 ? 
ATOM   398  N N   . GLU A 1 65 ? -8.792  -13.587 1.201   1.000 28.030 0 242 GLU A N   1 ? 
ATOM   399  C CA  . GLU A 1 65 ? -8.436  -12.249 0.755   1.000 28.067 0 242 GLU A CA  1 ? 
ATOM   400  C C   . GLU A 1 65 ? -9.672  -11.348 0.704   1.000 23.452 0 242 GLU A C   1 ? 
ATOM   401  O O   . GLU A 1 65 ? -9.626  -10.199 1.153   1.000 21.235 0 242 GLU A O   1 ? 
ATOM   402  C CB  . GLU A 1 65 ? -7.811  -12.299 -0.644  1.000 27.228 0 242 GLU A CB  1 ? 
ATOM   403  C CG  . GLU A 1 65 ? -6.411  -12.881 -0.691  1.000 29.591 0 242 GLU A CG  1 ? 
ATOM   404  C CD  . GLU A 1 65 ? -5.847  -13.143 -2.088  1.000 31.954 0 242 GLU A CD  1 ? 
ATOM   405  O OE1 . GLU A 1 65 ? -4.597  -13.155 -2.215  1.000 34.112 0 242 GLU A OE1 1 ? 
ATOM   406  O OE2 . GLU A 1 65 ? -6.621  -13.342 -3.052  1.000 30.603 0 242 GLU A OE2 1 ? 
ATOM   407  N N   . ALA A 1 66 ? -10.779 -11.872 0.189   1.000 23.840 0 243 ALA A N   1 ? 
ATOM   408  C CA  . ALA A 1 66 ? -11.971 -11.067 0.001   1.000 21.691 0 243 ALA A CA  1 ? 
ATOM   409  C C   . ALA A 1 66 ? -12.520 -10.630 1.354   1.000 21.309 0 243 ALA A C   1 ? 
ATOM   410  O O   . ALA A 1 66 ? -12.998 -9.524  1.504   1.000 21.155 0 243 ALA A O   1 ? 
ATOM   411  C CB  . ALA A 1 66 ? -12.991 -11.809 -0.809  1.000 21.509 0 243 ALA A CB  1 ? 
ATOM   412  N N   . VAL A 1 67 ? -12.451 -11.514 2.362   1.000 21.076 0 244 VAL A N   1 ? 
ATOM   413  C CA  . VAL A 1 67 ? -12.916 -11.158 3.687   1.000 21.018 0 244 VAL A CA  1 ? 
ATOM   414  C C   . VAL A 1 67 ? -12.109 -10.019 4.291   1.000 21.077 0 244 VAL A C   1 ? 
ATOM   415  O O   . VAL A 1 67 ? -12.710 -9.168  4.968   1.000 23.307 0 244 VAL A O   1 ? 
ATOM   416  C CB  . VAL A 1 67 ? -12.887 -12.423 4.572   1.000 25.116 0 244 VAL A CB  1 ? 
ATOM   417  C CG1 . VAL A 1 67 ? -12.873 -12.082 6.041   1.000 31.651 0 244 VAL A CG1 1 ? 
ATOM   418  C CG2 . VAL A 1 67 ? -14.078 -13.300 4.189   1.000 26.139 0 244 VAL A CG2 1 ? 
ATOM   419  N N   . LYS A 1 68 ? -10.805 -9.973  4.041   1.000 22.047 0 245 LYS A N   1 ? 
ATOM   420  C CA  . LYS A 1 68 ? -10.000 -8.847  4.491   1.000 24.277 0 245 LYS A CA  1 ? 
ATOM   421  C C   . LYS A 1 68 ? -10.405 -7.561  3.766   1.000 21.676 0 245 LYS A C   1 ? 
ATOM   422  O O   . LYS A 1 68 ? -10.573 -6.509  4.403   1.000 21.221 0 245 LYS A O   1 ? 
ATOM   423  C CB  . LYS A 1 68 ? -8.511  -9.130  4.327   1.000 26.815 0 245 LYS A CB  1 ? 
ATOM   424  C CG  . LYS A 1 68 ? -7.957  -10.211 5.253   1.000 33.967 0 245 LYS A CG  1 ? 
ATOM   425  C CD  . LYS A 1 68 ? -6.571  -10.706 4.851   1.000 43.612 0 245 LYS A CD  1 ? 
ATOM   426  C CE  . LYS A 1 68 ? -6.054  -11.852 5.702   1.000 51.439 0 245 LYS A CE  1 ? 
ATOM   427  N NZ  . LYS A 1 68 ? -4.918  -12.539 5.034   1.000 62.186 0 245 LYS A NZ  1 ? 
ATOM   428  N N   . ALA A 1 69 ? -10.575 -7.661  2.459   1.000 20.575 0 246 ALA A N   1 ? 
ATOM   429  C CA  . ALA A 1 69 ? -10.948 -6.472  1.682   1.000 19.810 0 246 ALA A CA  1 ? 
ATOM   430  C C   . ALA A 1 69 ? -12.317 -5.968  2.144   1.000 20.864 0 246 ALA A C   1 ? 
ATOM   431  O O   . ALA A 1 69 ? -12.539 -4.764  2.271   1.000 19.647 0 246 ALA A O   1 ? 
ATOM   432  C CB  . ALA A 1 69 ? -10.946 -6.749  0.207   1.000 20.274 0 246 ALA A CB  1 ? 
ATOM   433  N N   . LEU A 1 70 ? -13.269 -6.884  2.417   1.000 19.148 0 247 LEU A N   1 ? 
ATOM   434  C CA  . LEU A 1 70 ? -14.597 -6.518  2.850   1.000 20.365 0 247 LEU A CA  1 ? 
ATOM   435  C C   . LEU A 1 70 ? -14.569 -5.795  4.201   1.000 18.803 0 247 LEU A C   1 ? 
ATOM   436  O O   . LEU A 1 70 ? -15.218 -4.785  4.365   1.000 18.081 0 247 LEU A O   1 ? 
ATOM   437  C CB  . LEU A 1 70 ? -15.473 -7.779  2.893   1.000 19.015 0 247 LEU A CB  1 ? 
ATOM   438  C CG  . LEU A 1 70 ? -16.871 -7.547  3.445   1.000 20.047 0 247 LEU A CG  1 ? 
ATOM   439  C CD1 . LEU A 1 70 ? -17.605 -6.498  2.599   1.000 19.542 0 247 LEU A CD1 1 ? 
ATOM   440  C CD2 . LEU A 1 70 ? -17.639 -8.859  3.444   1.000 23.769 0 247 LEU A CD2 1 ? 
ATOM   441  N N   . GLY A 1 71 ? -13.729 -6.276  5.142   1.000 20.292 0 248 GLY A N   1 ? 
ATOM   442  C CA  . GLY A 1 71 ? -13.517 -5.598  6.401   1.000 20.280 0 248 GLY A CA  1 ? 
ATOM   443  C C   . GLY A 1 71 ? -13.068 -4.159  6.221   1.000 20.313 0 248 GLY A C   1 ? 
ATOM   444  O O   . GLY A 1 71 ? -13.581 -3.257  6.882   1.000 20.747 0 248 GLY A O   1 ? 
ATOM   445  N N   . PHE A 1 72 ? -12.104 -3.976  5.333   1.000 19.457 0 249 PHE A N   1 ? 
ATOM   446  C CA  . PHE A 1 72 ? -11.556 -2.680  5.010   1.000 19.967 0 249 PHE A CA  1 ? 
ATOM   447  C C   . PHE A 1 72 ? -12.652 -1.781  4.422   1.000 20.079 0 249 PHE A C   1 ? 
ATOM   448  O O   . PHE A 1 72 ? -12.839 -0.618  4.812   1.000 19.272 0 249 PHE A O   1 ? 
ATOM   449  C CB  . PHE A 1 72 ? -10.383 -2.843  4.030   1.000 21.204 0 249 PHE A CB  1 ? 
ATOM   450  C CG  . PHE A 1 72 ? -9.861  -1.552  3.493   1.000 23.500 0 249 PHE A CG  1 ? 
ATOM   451  C CD1 . PHE A 1 72 ? -9.020  -0.765  4.262   1.000 27.022 0 249 PHE A CD1 1 ? 
ATOM   452  C CD2 . PHE A 1 72 ? -10.187 -1.140  2.217   1.000 27.812 0 249 PHE A CD2 1 ? 
ATOM   453  C CE1 . PHE A 1 72 ? -8.506  0.412   3.752   1.000 30.211 0 249 PHE A CE1 1 ? 
ATOM   454  C CE2 . PHE A 1 72 ? -9.639  0.026   1.700   1.000 29.254 0 249 PHE A CE2 1 ? 
ATOM   455  C CZ  . PHE A 1 72 ? -8.819  0.804   2.482   1.000 29.023 0 249 PHE A CZ  1 ? 
ATOM   456  N N   . LEU A 1 73 ? -13.443 -2.289  3.471   1.000 17.411 0 250 LEU A N   1 ? 
ATOM   457  C CA  . LEU A 1 73 ? -14.497 -1.452  2.908   1.000 16.310 0 250 LEU A CA  1 ? 
ATOM   458  C C   . LEU A 1 73 ? -15.589 -1.082  3.935   1.000 17.265 0 250 LEU A C   1 ? 
ATOM   459  O O   . LEU A 1 73 ? -16.151 -0.009  3.873   1.000 17.799 0 250 LEU A O   1 ? 
ATOM   460  C CB  . LEU A 1 73 ? -15.156 -2.186  1.742   1.000 19.902 0 250 LEU A CB  1 ? 
ATOM   461  C CG  . LEU A 1 73 ? -14.248 -2.409  0.559   1.000 19.744 0 250 LEU A CG  1 ? 
ATOM   462  C CD1 . LEU A 1 73 ? -14.944 -3.329  -0.436  1.000 22.002 0 250 LEU A CD1 1 ? 
ATOM   463  C CD2 . LEU A 1 73 ? -13.863 -1.107  -0.101  1.000 20.237 0 250 LEU A CD2 1 ? 
ATOM   464  N N   . LYS A 1 74 ? -15.937 -1.983  4.875   1.000 16.204 0 251 LYS A N   1 ? 
ATOM   465  C CA  . LYS A 1 74 ? -16.900 -1.652  5.908   1.000 18.508 0 251 LYS A CA  1 ? 
ATOM   466  C C   . LYS A 1 74 ? -16.364 -0.524  6.778   1.000 18.090 0 251 LYS A C   1 ? 
ATOM   467  O O   . LYS A 1 74 ? -17.153 0.333   7.161   1.000 18.596 0 251 LYS A O   1 ? 
ATOM   468  C CB  . LYS A 1 74 ? -17.158 -2.874  6.779   1.000 18.826 0 251 LYS A CB  1 ? 
ATOM   469  C CG  . LYS A 1 74 ? -17.975 -3.925  6.058   1.000 19.147 0 251 LYS A CG  1 ? 
ATOM   470  C CD  . LYS A 1 74 ? -18.243 -5.121  6.932   1.000 21.793 0 251 LYS A CD  1 ? 
ATOM   471  C CE  . LYS A 1 74 ? -19.392 -5.970  6.469   1.000 27.963 0 251 LYS A CE  1 ? 
ATOM   472  N NZ  . LYS A 1 74 ? -19.532 -7.152  7.357   1.000 33.664 0 251 LYS A NZ  1 ? 
ATOM   473  N N   . GLN A 1 75 ? -15.044 -0.540  7.037   1.000 18.563 0 252 GLN A N   1 ? 
ATOM   474  C CA  . GLN A 1 75 ? -14.443 0.532   7.816   1.000 17.911 0 252 GLN A CA  1 ? 
ATOM   475  C C   . GLN A 1 75 ? -14.622 1.867   7.101   1.000 19.583 0 252 GLN A C   1 ? 
ATOM   476  O O   . GLN A 1 75 ? -15.038 2.896   7.692   1.000 22.113 0 252 GLN A O   1 ? 
ATOM   477  C CB  . GLN A 1 75 ? -12.982 0.211   8.121   1.000 22.077 0 252 GLN A CB  1 ? 
ATOM   478  C CG  . GLN A 1 75 ? -12.257 1.302   8.904   1.000 28.585 0 252 GLN A CG  1 ? 
ATOM   479  C CD  . GLN A 1 75 ? -12.803 1.437   10.315  1.000 31.787 0 252 GLN A CD  1 ? 
ATOM   480  O OE1 . GLN A 1 75 ? -13.029 0.465   11.040  1.000 29.259 0 252 GLN A OE1 1 ? 
ATOM   481  N NE2 . GLN A 1 75 ? -13.068 2.669   10.715  1.000 39.292 0 252 GLN A NE2 1 ? 
ATOM   482  N N   . LYS A 1 76 ? -14.348 1.861   5.800   1.000 18.593 0 253 LYS A N   1 ? 
ATOM   483  C CA  . LYS A 1 76 ? -14.455 3.084   5.006   1.000 19.451 0 253 LYS A CA  1 ? 
ATOM   484  C C   . LYS A 1 76 ? -15.884 3.616   4.976   1.000 19.878 0 253 LYS A C   1 ? 
ATOM   485  O O   . LYS A 1 76 ? -16.145 4.818   5.031   1.000 22.719 0 253 LYS A O   1 ? 
ATOM   486  C CB  . LYS A 1 76 ? -13.900 2.820   3.594   1.000 20.409 0 253 LYS A CB  1 ? 
ATOM   487  C CG  . LYS A 1 76 ? -12.407 2.549   3.550   1.000 25.086 0 253 LYS A CG  1 ? 
ATOM   488  C CD  . LYS A 1 76 ? -11.570 3.618   4.227   1.000 29.608 0 253 LYS A CD  1 ? 
ATOM   489  C CE  . LYS A 1 76 ? -10.136 3.182   4.346   1.000 43.886 0 253 LYS A CE  1 ? 
ATOM   490  N NZ  . LYS A 1 76 ? -9.404  3.999   5.344   1.000 51.473 0 253 LYS A NZ  1 ? 
ATOM   491  N N   . ALA A 1 77 ? -16.840 2.731   4.747   1.000 17.980 0 254 ALA A N   1 ? 
ATOM   492  C CA  . ALA A 1 77 ? -18.248 3.104   4.641   1.000 17.692 0 254 ALA A CA  1 ? 
ATOM   493  C C   . ALA A 1 77 ? -18.853 3.554   5.970   1.000 18.399 0 254 ALA A C   1 ? 
ATOM   494  O O   . ALA A 1 77 ? -19.732 4.347   5.956   1.000 20.913 0 254 ALA A O   1 ? 
ATOM   495  C CB  . ALA A 1 77 ? -19.048 1.981   4.055   1.000 17.457 0 254 ALA A CB  1 ? 
ATOM   496  N N   . ALA A 1 78 ? -18.339 3.041   7.088   1.000 18.618 0 255 ALA A N   1 ? 
ATOM   497  C CA  . ALA A 1 78 ? -18.831 3.421   8.379   1.000 19.837 0 255 ALA A CA  1 ? 
ATOM   498  C C   . ALA A 1 78 ? -18.153 4.664   8.924   1.000 20.937 0 255 ALA A C   1 ? 
ATOM   499  O O   . ALA A 1 78 ? -18.742 5.282   9.816   1.000 21.060 0 255 ALA A O   1 ? 
ATOM   500  C CB  . ALA A 1 78 ? -18.697 2.256   9.327   1.000 18.226 0 255 ALA A CB  1 ? 
ATOM   501  N N   . GLU A 1 79 ? -16.965 5.033   8.443   1.000 23.738 0 256 GLU A N   1 ? 
ATOM   502  C CA  . GLU A 1 79 ? -16.203 6.074   9.124   1.000 31.757 0 256 GLU A CA  1 ? 
ATOM   503  C C   . GLU A 1 79 ? -16.869 7.443   8.978   1.000 33.295 0 256 GLU A C   1 ? 
ATOM   504  O O   . GLU A 1 79 ? -16.895 8.276   9.931   1.000 32.911 0 256 GLU A O   1 ? 
ATOM   505  C CB  . GLU A 1 79 ? -14.804 6.171   8.527   1.000 30.929 0 256 GLU A CB  1 ? 
ATOM   506  C CG  . GLU A 1 79 ? -13.776 5.332   9.208   1.000 39.650 0 256 GLU A CG  1 ? 
ATOM   507  C CD  . GLU A 1 79 ? -12.467 5.314   8.426   1.000 38.115 0 256 GLU A CD  1 ? 
ATOM   508  O OE1 . GLU A 1 79 ? -11.517 4.673   8.898   1.000 47.138 0 256 GLU A OE1 1 ? 
ATOM   509  O OE2 . GLU A 1 79 ? -12.428 5.895   7.294   1.000 40.810 0 256 GLU A OE2 1 ? 
ATOM   510  N N   . GLN A 1 80 ? -17.259 7.721   7.730   1.000 32.792 0 257 GLN A N   1 ? 
ATOM   511  C CA  . GLN A 1 80 ? -17.679 9.061   7.351   1.000 37.552 0 257 GLN A CA  1 ? 
ATOM   512  C C   . GLN A 1 80 ? -18.584 9.001   6.129   1.000 37.394 0 257 GLN A C   1 ? 
ATOM   513  O O   . GLN A 1 80 ? -18.619 7.999   5.425   1.000 34.400 0 257 GLN A O   1 ? 
ATOM   514  C CB  . GLN A 1 80 ? -16.477 9.957   7.040   1.000 41.059 0 257 GLN A CB  1 ? 
ATOM   515  C CG  . GLN A 1 80 ? -15.667 9.482   5.843   1.000 46.306 0 257 GLN A CG  1 ? 
ATOM   516  C CD  . GLN A 1 80 ? -14.477 10.380  5.607   1.000 52.704 0 257 GLN A CD  1 ? 
ATOM   517  O OE1 . GLN A 1 80 ? -14.604 11.513  5.150   1.000 62.323 0 257 GLN A OE1 1 ? 
ATOM   518  N NE2 . GLN A 1 80 ? -13.311 9.884   5.959   1.000 53.914 0 257 GLN A NE2 1 ? 
ATOM   519  N N   . LYS A 1 81 ? -19.313 10.100  5.898   1.000 37.224 0 258 LYS A N   1 ? 
ATOM   520  C CA  . LYS A 1 81 ? -20.196 10.221  4.748   1.000 37.193 0 258 LYS A CA  1 ? 
ATOM   521  C C   . LYS A 1 81 ? -19.324 10.340  3.488   1.000 38.594 0 258 LYS A C   1 ? 
ATOM   522  O O   . LYS A 1 81 ? -18.125 10.677  3.563   1.000 37.426 0 258 LYS A O   1 ? 
ATOM   523  C CB  . LYS A 1 81 ? -21.174 11.392  4.974   1.000 39.281 0 258 LYS A CB  1 ? 
ATOM   524  N N   . VAL A 1 82 ? -19.892 9.940   2.339   1.000 41.361 0 259 VAL A N   1 ? 
ATOM   525  C CA  . VAL A 1 82 ? -19.183 10.014  1.063   1.000 42.346 0 259 VAL A CA  1 ? 
ATOM   526  C C   . VAL A 1 82 ? -19.467 11.402  0.484   1.000 47.396 0 259 VAL A C   1 ? 
ATOM   527  O O   . VAL A 1 82 ? -20.626 11.713  0.210   1.000 51.629 0 259 VAL A O   1 ? 
ATOM   528  C CB  . VAL A 1 82 ? -19.603 8.876   0.110   1.000 45.924 0 259 VAL A CB  1 ? 
ATOM   529  C CG1 . VAL A 1 82 ? -18.955 8.989   -1.267  1.000 45.757 0 259 VAL A CG1 1 ? 
ATOM   530  C CG2 . VAL A 1 82 ? -19.291 7.519   0.730   1.000 44.569 0 259 VAL A CG2 1 ? 
ATOM   531  N N   . ALA A 1 83 ? -18.421 12.237  0.369   1.000 55.752 0 260 ALA A N   1 ? 
ATOM   532  C CA  . ALA A 1 83 ? -18.593 13.618  -0.076  1.000 62.960 0 260 ALA A CA  1 ? 
ATOM   533  C C   . ALA A 1 83 ? -19.053 13.616  -1.533  1.000 73.518 0 260 ALA A C   1 ? 
ATOM   534  O O   . ALA A 1 83 ? -18.680 12.721  -2.292  1.000 74.928 0 260 ALA A O   1 ? 
ATOM   535  C CB  . ALA A 1 83 ? -17.314 14.408  0.101   1.000 63.269 0 260 ALA A CB  1 ? 
ATOM   536  N N   . ALA A 1 84 ? -19.874 14.616  -1.904  1.000 80.165 0 261 ALA A N   1 ? 
ATOM   537  C CA  . ALA A 1 84 ? -20.369 14.762  -3.268  1.000 77.956 0 261 ALA A CA  1 ? 
ATOM   538  C C   . ALA A 1 84 ? -19.321 15.471  -4.153  1.000 71.715 0 261 ALA A C   1 ? 
ATOM   539  O O   . ALA A 1 84 ? -18.557 16.326  -3.603  1.000 52.550 0 261 ALA A O   1 ? 
ATOM   540  C CB  . ALA A 1 84 ? -21.698 15.490  -3.248  1.000 76.460 0 261 ALA A CB  1 ? 
ATOM   541  O OXT . ALA A 1 84 ? -19.278 15.136  -5.373  1.000 64.809 0 261 ALA A OXT 1 ? 
ATOM   542  N N   . ARG B 1 15 ? 12.005  7.760   -17.644 1.000 63.831 0 192 ARG B N   1 ? 
ATOM   543  C CA  . ARG B 1 15 ? 13.106  7.147   -18.437 1.000 63.574 0 192 ARG B CA  1 ? 
ATOM   544  C C   . ARG B 1 15 ? 14.219  6.679   -17.504 1.000 60.570 0 192 ARG B C   1 ? 
ATOM   545  O O   . ARG B 1 15 ? 14.836  5.642   -17.737 1.000 49.154 0 192 ARG B O   1 ? 
ATOM   546  C CB  . ARG B 1 15 ? 13.684  8.150   -19.444 1.000 63.332 0 192 ARG B CB  1 ? 
ATOM   547  N N   . ASP B 1 16 ? 14.474  7.460   -16.450 1.000 59.755 0 193 ASP B N   1 ? 
ATOM   548  C CA  . ASP B 1 16 ? 15.767  7.437   -15.791 1.000 55.330 0 193 ASP B CA  1 ? 
ATOM   549  C C   . ASP B 1 16 ? 15.769  6.354   -14.722 1.000 47.888 0 193 ASP B C   1 ? 
ATOM   550  O O   . ASP B 1 16 ? 15.036  6.468   -13.749 1.000 47.054 0 193 ASP B O   1 ? 
ATOM   551  C CB  . ASP B 1 16 ? 16.081  8.813   -15.205 1.000 59.880 0 193 ASP B CB  1 ? 
ATOM   552  C CG  . ASP B 1 16 ? 17.460  8.895   -14.591 1.000 59.738 0 193 ASP B CG  1 ? 
ATOM   553  O OD1 . ASP B 1 16 ? 18.051  7.833   -14.346 1.000 57.655 0 193 ASP B OD1 1 ? 
ATOM   554  O OD2 . ASP B 1 16 ? 17.932  10.024  -14.388 1.000 64.991 0 193 ASP B OD2 1 ? 
ATOM   555  N N   . ILE B 1 17 ? 16.616  5.325   -14.900 1.000 39.656 0 194 ILE B N   1 ? 
ATOM   556  C CA  . ILE B 1 17 ? 16.717  4.240   -13.940 1.000 39.291 0 194 ILE B CA  1 ? 
ATOM   557  C C   . ILE B 1 17 ? 18.113  4.189   -13.301 1.000 33.871 0 194 ILE B C   1 ? 
ATOM   558  O O   . ILE B 1 17 ? 18.529  3.134   -12.817 1.000 38.823 0 194 ILE B O   1 ? 
ATOM   559  C CB  . ILE B 1 17 ? 16.316  2.907   -14.593 1.000 41.238 0 194 ILE B CB  1 ? 
ATOM   560  C CG1 . ILE B 1 17 ? 17.244  2.507   -15.741 1.000 44.154 0 194 ILE B CG1 1 ? 
ATOM   561  C CG2 . ILE B 1 17 ? 14.869  2.966   -15.043 1.000 44.660 0 194 ILE B CG2 1 ? 
ATOM   562  C CD1 . ILE B 1 17 ? 16.954  1.123   -16.267 1.000 46.758 0 194 ILE B CD1 1 ? 
ATOM   563  N N   . THR B 1 18 ? 18.815  5.323   -13.276 1.000 33.262 0 195 THR B N   1 ? 
ATOM   564  C CA  . THR B 1 18 ? 20.068  5.421   -12.555 1.000 36.799 0 195 THR B CA  1 ? 
ATOM   565  C C   . THR B 1 18 ? 19.847  4.924   -11.133 1.000 41.582 0 195 THR B C   1 ? 
ATOM   566  O O   . THR B 1 18 ? 18.805  5.232   -10.596 1.000 35.134 0 195 THR B O   1 ? 
ATOM   567  C CB  . THR B 1 18 ? 20.520  6.875   -12.434 1.000 44.843 0 195 THR B CB  1 ? 
ATOM   568  O OG1 . THR B 1 18 ? 20.399  7.470   -13.724 1.000 55.972 0 195 THR B OG1 1 ? 
ATOM   569  C CG2 . THR B 1 18 ? 21.933  6.994   -11.904 1.000 48.649 0 195 THR B CG2 1 ? 
ATOM   570  N N   . PRO B 1 19 ? 20.764  4.162   -10.496 1.000 39.216 0 196 PRO B N   1 ? 
ATOM   571  C CA  . PRO B 1 19 ? 20.532  3.696   -9.127  1.000 39.133 0 196 PRO B CA  1 ? 
ATOM   572  C C   . PRO B 1 19 ? 20.670  4.817   -8.095  1.000 33.300 0 196 PRO B C   1 ? 
ATOM   573  O O   . PRO B 1 19 ? 21.252  5.873   -8.336  1.000 32.412 0 196 PRO B O   1 ? 
ATOM   574  C CB  . PRO B 1 19 ? 21.562  2.587   -8.872  1.000 40.773 0 196 PRO B CB  1 ? 
ATOM   575  C CG  . PRO B 1 19 ? 22.442  2.527   -10.132 1.000 42.863 0 196 PRO B CG  1 ? 
ATOM   576  C CD  . PRO B 1 19 ? 22.030  3.664   -11.050 1.000 44.278 0 196 PRO B CD  1 ? 
ATOM   577  N N   . VAL B 1 20 ? 20.114  4.569   -6.907  1.000 33.023 0 197 VAL B N   1 ? 
ATOM   578  C CA  . VAL B 1 20 ? 20.146  5.585   -5.863  1.000 27.581 0 197 VAL B CA  1 ? 
ATOM   579  C C   . VAL B 1 20 ? 21.588  5.979   -5.527  1.000 28.225 0 197 VAL B C   1 ? 
ATOM   580  O O   . VAL B 1 20 ? 22.471  5.140   -5.433  1.000 32.084 0 197 VAL B O   1 ? 
ATOM   581  C CB  . VAL B 1 20 ? 19.364  5.093   -4.620  1.000 24.802 0 197 VAL B CB  1 ? 
ATOM   582  C CG1 . VAL B 1 20 ? 19.847  3.763   -4.065  1.000 27.350 0 197 VAL B CG1 1 ? 
ATOM   583  C CG2 . VAL B 1 20 ? 19.408  6.194   -3.552  1.000 25.964 0 197 VAL B CG2 1 ? 
ATOM   584  N N   . ASN B 1 21 ? 21.842  7.265   -5.309  1.000 30.784 0 198 ASN B N   1 ? 
ATOM   585  C CA  . ASN B 1 21 ? 23.177  7.754   -5.017  1.000 30.958 0 198 ASN B CA  1 ? 
ATOM   586  C C   . ASN B 1 21 ? 23.386  7.805   -3.505  1.000 38.064 0 198 ASN B C   1 ? 
ATOM   587  O O   . ASN B 1 21 ? 22.461  7.610   -2.719  1.000 28.346 0 198 ASN B O   1 ? 
ATOM   588  C CB  . ASN B 1 21 ? 23.459  9.104   -5.702  1.000 34.975 0 198 ASN B CB  1 ? 
ATOM   589  C CG  . ASN B 1 21 ? 22.590  10.266  -5.250  1.000 34.531 0 198 ASN B CG  1 ? 
ATOM   590  O OD1 . ASN B 1 21 ? 22.354  10.477  -4.064  1.000 32.541 0 198 ASN B OD1 1 ? 
ATOM   591  N ND2 . ASN B 1 21 ? 22.090  11.060  -6.185  1.000 37.367 0 198 ASN B ND2 1 ? 
ATOM   592  N N   . ASP B 1 22 ? 24.637  8.048   -3.132  1.000 35.315 0 199 ASP B N   1 ? 
ATOM   593  C CA  . ASP B 1 22 ? 25.122  7.897   -1.773  1.000 39.851 0 199 ASP B CA  1 ? 
ATOM   594  C C   . ASP B 1 22 ? 24.553  8.981   -0.867  1.000 34.721 0 199 ASP B C   1 ? 
ATOM   595  O O   . ASP B 1 22 ? 24.266  8.704   0.294   1.000 28.072 0 199 ASP B O   1 ? 
ATOM   596  C CB  . ASP B 1 22 ? 26.656  7.911   -1.742  1.000 45.275 0 199 ASP B CB  1 ? 
ATOM   597  C CG  . ASP B 1 22 ? 27.320  6.594   -2.135  1.000 58.143 0 199 ASP B CG  1 ? 
ATOM   598  O OD1 . ASP B 1 22 ? 26.616  5.567   -2.193  1.000 55.394 0 199 ASP B OD1 1 ? 
ATOM   599  O OD2 . ASP B 1 22 ? 28.557  6.593   -2.368  1.000 68.647 0 199 ASP B OD2 1 ? 
ATOM   600  N N   . GLU B 1 23 ? 24.429  10.206  -1.382  1.000 30.299 0 200 GLU B N   1 ? 
ATOM   601  C CA  . GLU B 1 23 ? 23.889  11.328  -0.628  1.000 33.711 0 200 GLU B CA  1 ? 
ATOM   602  C C   . GLU B 1 23 ? 22.430  11.071  -0.235  1.000 26.509 0 200 GLU B C   1 ? 
ATOM   603  O O   . GLU B 1 23 ? 22.012  11.333  0.892   1.000 27.855 0 200 GLU B O   1 ? 
ATOM   604  C CB  . GLU B 1 23 ? 23.909  12.624  -1.447  1.000 40.310 0 200 GLU B CB  1 ? 
ATOM   605  C CG  . GLU B 1 23 ? 25.268  12.987  -2.033  1.000 56.731 0 200 GLU B CG  1 ? 
ATOM   606  C CD  . GLU B 1 23 ? 25.493  12.555  -3.481  1.000 64.993 0 200 GLU B CD  1 ? 
ATOM   607  O OE1 . GLU B 1 23 ? 25.818  11.348  -3.729  1.000 51.957 0 200 GLU B OE1 1 ? 
ATOM   608  O OE2 . GLU B 1 23 ? 25.308  13.423  -4.375  1.000 68.082 0 200 GLU B OE2 1 ? 
ATOM   609  N N   . THR B 1 24 ? 21.680  10.546  -1.197  1.000 23.918 0 201 THR B N   1 ? 
ATOM   610  C CA  . THR B 1 24 ? 20.281  10.247  -1.007  1.000 22.954 0 201 THR B CA  1 ? 
ATOM   611  C C   . THR B 1 24 ? 20.145  9.095   -0.021  1.000 22.081 0 201 THR B C   1 ? 
ATOM   612  O O   . THR B 1 24 ? 19.250  9.163   0.834   1.000 20.402 0 201 THR B O   1 ? 
ATOM   613  C CB  . THR B 1 24 ? 19.600  9.985   -2.343  1.000 24.317 0 201 THR B CB  1 ? 
ATOM   614  O OG1 . THR B 1 24 ? 19.788  11.194  -3.071  1.000 25.297 0 201 THR B OG1 1 ? 
ATOM   615  C CG2 . THR B 1 24 ? 18.141  9.662   -2.178  1.000 22.727 0 201 THR B CG2 1 ? 
ATOM   616  N N   . MET B 1 25 ? 21.013  8.100   -0.160  1.000 21.289 0 202 MET B N   1 ? 
ATOM   617  C CA  . MET B 1 25 ? 21.033  6.948   0.738   1.000 21.842 0 202 MET B CA  1 ? 
ATOM   618  C C   . MET B 1 25 ? 21.229  7.478   2.154   1.000 21.929 0 202 MET B C   1 ? 
ATOM   619  O O   . MET B 1 25 ? 20.533  7.071   3.087   1.000 19.347 0 202 MET B O   1 ? 
ATOM   620  C CB  . MET B 1 25 ? 22.147  5.939   0.430   1.000 27.737 0 202 MET B CB  1 ? 
ATOM   621  C CG  . MET B 1 25 ? 21.784  4.888   -0.614  1.000 33.913 0 202 MET B CG  1 ? 
ATOM   622  S SD  . MET B 1 25 ? 20.284  3.892   -0.243  1.000 32.791 0 202 MET B SD  1 ? 
ATOM   623  C CE  . MET B 1 25 ? 20.525  3.540   1.494   1.000 27.998 0 202 MET B CE  1 ? 
ATOM   624  N N   . GLN B 1 26 ? 22.200  8.374   2.333   1.000 22.004 0 203 GLN B N   1 ? 
ATOM   625  C CA  . GLN B 1 26 ? 22.481  8.834   3.693   1.000 21.916 0 203 GLN B CA  1 ? 
ATOM   626  C C   . GLN B 1 26 ? 21.303  9.619   4.291   1.000 21.236 0 203 GLN B C   1 ? 
ATOM   627  O O   . GLN B 1 26 ? 21.040  9.511   5.480   1.000 19.589 0 203 GLN B O   1 ? 
ATOM   628  C CB  . GLN B 1 26 ? 23.816  9.577   3.735   1.000 27.400 0 203 GLN B CB  1 ? 
ATOM   629  C CG  . GLN B 1 26 ? 24.204  9.941   5.165   1.000 33.830 0 203 GLN B CG  1 ? 
ATOM   630  C CD  . GLN B 1 26 ? 25.667  10.251  5.425   1.000 40.386 0 203 GLN B CD  1 ? 
ATOM   631  O OE1 . GLN B 1 26 ? 26.570  9.912   4.656   1.000 44.127 0 203 GLN B OE1 1 ? 
ATOM   632  N NE2 . GLN B 1 26 ? 25.909  10.860  6.568   1.000 38.821 0 203 GLN B NE2 1 ? 
ATOM   633  N N   . GLU B 1 27 ? 20.586  10.411  3.503   1.000 19.942 0 204 GLU B N   1 ? 
ATOM   634  C CA  . GLU B 1 27 ? 19.437  11.151  4.017   1.000 21.004 0 204 GLU B CA  1 ? 
ATOM   635  C C   . GLU B 1 27 ? 18.337  10.182  4.397   1.000 16.316 0 204 GLU B C   1 ? 
ATOM   636  O O   . GLU B 1 27 ? 17.729  10.345  5.417   1.000 19.777 0 204 GLU B O   1 ? 
ATOM   637  C CB  . GLU B 1 27 ? 18.871  12.073  2.941   1.000 23.163 0 204 GLU B CB  1 ? 
ATOM   638  C CG  . GLU B 1 27 ? 19.824  13.167  2.554   1.000 28.968 0 204 GLU B CG  1 ? 
ATOM   639  C CD  . GLU B 1 27 ? 19.100  14.260  1.779   1.000 42.009 0 204 GLU B CD  1 ? 
ATOM   640  O OE1 . GLU B 1 27 ? 18.046  14.753  2.290   1.000 40.860 0 204 GLU B OE1 1 ? 
ATOM   641  O OE2 . GLU B 1 27 ? 19.546  14.564  0.654   1.000 55.778 0 204 GLU B OE2 1 ? 
ATOM   642  N N   . ILE B 1 28 ? 18.179  9.120   3.606   1.000 18.157 0 205 ILE B N   1 ? 
ATOM   643  C CA  . ILE B 1 28 ? 17.185  8.110   3.950   1.000 17.232 0 205 ILE B CA  1 ? 
ATOM   644  C C   . ILE B 1 28 ? 17.550  7.407   5.270   1.000 16.673 0 205 ILE B C   1 ? 
ATOM   645  O O   . ILE B 1 28 ? 16.657  7.273   6.135   1.000 16.319 0 205 ILE B O   1 ? 
ATOM   646  C CB  . ILE B 1 28 ? 17.000  7.105   2.798   1.000 17.588 0 205 ILE B CB  1 ? 
ATOM   647  C CG1 . ILE B 1 28 ? 16.278  7.810   1.644   1.000 18.671 0 205 ILE B CG1 1 ? 
ATOM   648  C CG2 . ILE B 1 28 ? 16.221  5.895   3.299   1.000 18.793 0 205 ILE B CG2 1 ? 
ATOM   649  C CD1 . ILE B 1 28 ? 16.333  7.017   0.336   1.000 19.958 0 205 ILE B CD1 1 ? 
ATOM   650  N N   . ASN B 1 29 ? 18.821  7.072   5.399   1.000 17.249 0 206 ASN B N   1 ? 
ATOM   651  C CA  . ASN B 1 29 ? 19.307  6.307   6.551   1.000 16.516 0 206 ASN B CA  1 ? 
ATOM   652  C C   . ASN B 1 29 ? 19.054  7.146   7.800   1.000 15.773 0 206 ASN B C   1 ? 
ATOM   653  O O   . ASN B 1 29 ? 18.601  6.609   8.825   1.000 16.541 0 206 ASN B O   1 ? 
ATOM   654  C CB  . ASN B 1 29 ? 20.737  5.889   6.402   1.000 16.241 0 206 ASN B CB  1 ? 
ATOM   655  C CG  . ASN B 1 29 ? 20.926  4.769   5.406   1.000 17.889 0 206 ASN B CG  1 ? 
ATOM   656  O OD1 . ASN B 1 29 ? 19.981  4.037   5.119   1.000 20.669 0 206 ASN B OD1 1 ? 
ATOM   657  N ND2 . ASN B 1 29 ? 22.135  4.642   4.955   1.000 20.222 0 206 ASN B ND2 1 ? 
ATOM   658  N N   . THR B 1 30 ? 19.415  8.427   7.717   1.000 17.646 0 207 THR B N   1 ? 
ATOM   659  C CA  . THR B 1 30 ? 19.194  9.342   8.818   1.000 16.987 0 207 THR B CA  1 ? 
ATOM   660  C C   . THR B 1 30 ? 17.735  9.372   9.313   1.000 17.485 0 207 THR B C   1 ? 
ATOM   661  O O   . THR B 1 30 ? 17.424  9.338   10.538  1.000 17.514 0 207 THR B O   1 ? 
ATOM   662  C CB  . THR B 1 30 ? 19.693  10.728  8.403   1.000 19.562 0 207 THR B CB  1 ? 
ATOM   663  O OG1 . THR B 1 30 ? 21.082  10.669  8.040   1.000 21.420 0 207 THR B OG1 1 ? 
ATOM   664  C CG2 . THR B 1 30 ? 19.507  11.680  9.548   1.000 21.857 0 207 THR B CG2 1 ? 
ATOM   665  N N   . LEU B 1 31 ? 16.748  9.380   8.388   1.000 16.634 0 208 LEU B N   1 ? 
ATOM   666  C CA  . LEU B 1 31 ? 15.352  9.443   8.766   1.000 17.879 0 208 LEU B CA  1 ? 
ATOM   667  C C   . LEU B 1 31 ? 14.875  8.097   9.285   1.000 18.698 0 208 LEU B C   1 ? 
ATOM   668  O O   . LEU B 1 31 ? 14.058  8.071   10.159  1.000 17.420 0 208 LEU B O   1 ? 
ATOM   669  C CB  . LEU B 1 31 ? 14.578  9.947   7.553   1.000 17.867 0 208 LEU B CB  1 ? 
ATOM   670  C CG  . LEU B 1 31 ? 14.833  11.429  7.306   1.000 20.787 0 208 LEU B CG  1 ? 
ATOM   671  C CD1 . LEU B 1 31 ? 14.433  11.825  5.936   1.000 24.541 0 208 LEU B CD1 1 ? 
ATOM   672  C CD2 . LEU B 1 31 ? 14.131  12.267  8.347   1.000 28.011 0 208 LEU B CD2 1 ? 
ATOM   673  N N   . LEU B 1 32 ? 15.299  6.993   8.669   1.000 16.615 0 209 LEU B N   1 ? 
ATOM   674  C CA  . LEU B 1 32 ? 14.975  5.683   9.163   1.000 16.693 0 209 LEU B CA  1 ? 
ATOM   675  C C   . LEU B 1 32 ? 15.398  5.544   10.618  1.000 19.550 0 209 LEU B C   1 ? 
ATOM   676  O O   . LEU B 1 32 ? 14.576  5.135   11.462  1.000 19.601 0 209 LEU B O   1 ? 
ATOM   677  C CB  . LEU B 1 32 ? 15.640  4.605   8.302   1.000 19.131 0 209 LEU B CB  1 ? 
ATOM   678  C CG  . LEU B 1 32 ? 14.985  4.354   6.949   1.000 17.613 0 209 LEU B CG  1 ? 
ATOM   679  C CD1 . LEU B 1 32 ? 15.761  3.303   6.156   1.000 19.677 0 209 LEU B CD1 1 ? 
ATOM   680  C CD2 . LEU B 1 32 ? 13.530  3.902   7.136   1.000 19.905 0 209 LEU B CD2 1 ? 
ATOM   681  N N   . ILE B 1 33 ? 16.599  5.992   10.930  1.000 18.482 0 210 ILE B N   1 ? 
ATOM   682  C CA  . ILE B 1 33 ? 17.087  5.896   12.310  1.000 20.838 0 210 ILE B CA  1 ? 
ATOM   683  C C   . ILE B 1 33 ? 16.233  6.774   13.234  1.000 19.704 0 210 ILE B C   1 ? 
ATOM   684  O O   . ILE B 1 33 ? 15.817  6.348   14.325  1.000 21.040 0 210 ILE B O   1 ? 
ATOM   685  C CB  . ILE B 1 33 ? 18.579  6.257   12.372  1.000 20.229 0 210 ILE B CB  1 ? 
ATOM   686  C CG1 . ILE B 1 33 ? 19.457  5.226   11.622  1.000 19.589 0 210 ILE B CG1 1 ? 
ATOM   687  C CG2 . ILE B 1 33 ? 19.057  6.472   13.815  1.000 22.884 0 210 ILE B CG2 1 ? 
ATOM   688  C CD1 . ILE B 1 33 ? 20.811  5.788   11.229  1.000 19.651 0 210 ILE B CD1 1 ? 
ATOM   689  N N   . ALA B 1 34 ? 15.901  7.966   12.763  1.000 18.609 0 211 ALA B N   1 ? 
ATOM   690  C CA  . ALA B 1 34 ? 15.126  8.903   13.557  1.000 20.274 0 211 ALA B CA  1 ? 
ATOM   691  C C   . ALA B 1 34 ? 13.705  8.372   13.810  1.000 23.538 0 211 ALA B C   1 ? 
ATOM   692  O O   . ALA B 1 34 ? 13.085  8.717   14.808  1.000 26.535 0 211 ALA B O   1 ? 
ATOM   693  C CB  . ALA B 1 34 ? 15.117  10.234  12.833  1.000 22.401 0 211 ALA B CB  1 ? 
ATOM   694  N N   . LEU B 1 35 ? 13.156  7.564   12.896  1.000 18.409 0 212 LEU B N   1 ? 
ATOM   695  C CA  . LEU B 1 35 ? 11.823  7.013   12.971  1.000 20.417 0 212 LEU B CA  1 ? 
ATOM   696  C C   . LEU B 1 35 ? 11.783  5.632   13.661  1.000 22.407 0 212 LEU B C   1 ? 
ATOM   697  O O   . LEU B 1 35 ? 10.701  5.076   13.811  1.000 23.320 0 212 LEU B O   1 ? 
ATOM   698  C CB  . LEU B 1 35 ? 11.278  6.912   11.559  1.000 20.535 0 212 LEU B CB  1 ? 
ATOM   699  C CG  . LEU B 1 35 ? 10.890  8.235   10.896  1.000 18.951 0 212 LEU B CG  1 ? 
ATOM   700  C CD1 . LEU B 1 35 ? 10.671  8.024   9.412   1.000 21.046 0 212 LEU B CD1 1 ? 
ATOM   701  C CD2 . LEU B 1 35 ? 9.636   8.875   11.506  1.000 23.321 0 212 LEU B CD2 1 ? 
ATOM   702  N N   . ASP B 1 36 ? 12.958  5.078   13.971  1.000 23.672 0 213 ASP B N   1 ? 
ATOM   703  C CA  . ASP B 1 36 ? 13.098  3.736   14.528  1.000 24.939 0 213 ASP B CA  1 ? 
ATOM   704  C C   . ASP B 1 36 ? 12.514  2.727   13.547  1.000 26.151 0 213 ASP B C   1 ? 
ATOM   705  O O   . ASP B 1 36 ? 11.768  1.807   13.906  1.000 25.318 0 213 ASP B O   1 ? 
ATOM   706  C CB  . ASP B 1 36 ? 12.456  3.647   15.913  1.000 31.767 0 213 ASP B CB  1 ? 
ATOM   707  C CG  . ASP B 1 36 ? 12.891  2.419   16.704  1.000 44.766 0 213 ASP B CG  1 ? 
ATOM   708  O OD1 . ASP B 1 36 ? 13.897  1.764   16.302  1.000 43.521 0 213 ASP B OD1 1 ? 
ATOM   709  O OD2 . ASP B 1 36 ? 12.189  2.086   17.691  1.000 55.955 0 213 ASP B OD2 1 ? 
ATOM   710  N N   . LYS B 1 37 ? 12.887  2.887   12.271  1.000 21.295 0 214 LYS B N   1 ? 
ATOM   711  C CA  . LYS B 1 37 ? 12.481  1.999   11.203  1.000 22.636 0 214 LYS B CA  1 ? 
ATOM   712  C C   . LYS B 1 37 ? 13.725  1.473   10.498  1.000 21.651 0 214 LYS B C   1 ? 
ATOM   713  O O   . LYS B 1 37 ? 14.830  2.009   10.650  1.000 22.891 0 214 LYS B O   1 ? 
ATOM   714  C CB  . LYS B 1 37 ? 11.580  2.814   10.271  1.000 22.238 0 214 LYS B CB  1 ? 
ATOM   715  C CG  . LYS B 1 37 ? 10.307  3.344   10.897  1.000 23.933 0 214 LYS B CG  1 ? 
ATOM   716  C CD  . LYS B 1 37 ? 9.239   2.288   11.148  1.000 25.545 0 214 LYS B CD  1 ? 
ATOM   717  C CE  . LYS B 1 37 ? 8.141   2.816   12.033  1.000 34.670 0 214 LYS B CE  1 ? 
ATOM   718  N NZ  . LYS B 1 37 ? 7.136   1.769   12.294  1.000 39.995 0 214 LYS B NZ  1 ? 
ATOM   719  N N   . THR B 1 38 ? 13.556  0.435   9.697   1.000 21.251 0 215 THR B N   1 ? 
ATOM   720  C CA  . THR B 1 38 ? 14.660  -0.171  8.966   1.000 21.162 0 215 THR B CA  1 ? 
ATOM   721  C C   . THR B 1 38 ? 14.311  -0.465  7.513   1.000 21.746 0 215 THR B C   1 ? 
ATOM   722  O O   . THR B 1 38 ? 13.110  -0.578  7.144   1.000 21.416 0 215 THR B O   1 ? 
ATOM   723  C CB  . THR B 1 38 ? 15.154  -1.488  9.606   1.000 24.787 0 215 THR B CB  1 ? 
ATOM   724  O OG1 . THR B 1 38 ? 14.130  -2.497  9.497   1.000 26.434 0 215 THR B OG1 1 ? 
ATOM   725  C CG2 . THR B 1 38 ? 15.573  -1.294  11.034  1.000 27.780 0 215 THR B CG2 1 ? 
ATOM   726  N N   . TRP B 1 39 ? 15.372  -0.624  6.715   1.000 22.011 0 216 TRP B N   1 ? 
ATOM   727  C CA  . TRP B 1 39 ? 15.245  -1.080  5.338   1.000 21.442 0 216 TRP B CA  1 ? 
ATOM   728  C C   . TRP B 1 39 ? 14.556  -2.434  5.290   1.000 25.723 0 216 TRP B C   1 ? 
ATOM   729  O O   . TRP B 1 39 ? 13.603  -2.630  4.522   1.000 24.319 0 216 TRP B O   1 ? 
ATOM   730  C CB  . TRP B 1 39 ? 16.607  -1.169  4.646   1.000 21.753 0 216 TRP B CB  1 ? 
ATOM   731  C CG  . TRP B 1 39 ? 17.150  0.151   4.188   1.000 20.770 0 216 TRP B CG  1 ? 
ATOM   732  C CD1 . TRP B 1 39 ? 18.134  0.899   4.780   1.000 22.097 0 216 TRP B CD1 1 ? 
ATOM   733  C CD2 . TRP B 1 39 ? 16.760  0.868   3.007   1.000 23.677 0 216 TRP B CD2 1 ? 
ATOM   734  N NE1 . TRP B 1 39 ? 18.317  2.069   4.075   1.000 23.794 0 216 TRP B NE1 1 ? 
ATOM   735  C CE2 . TRP B 1 39 ? 17.516  2.058   2.971   1.000 25.458 0 216 TRP B CE2 1 ? 
ATOM   736  C CE3 . TRP B 1 39 ? 15.834  0.628   1.982   1.000 27.608 0 216 TRP B CE3 1 ? 
ATOM   737  C CZ2 . TRP B 1 39 ? 17.389  2.984   1.937   1.000 26.760 0 216 TRP B CZ2 1 ? 
ATOM   738  C CZ3 . TRP B 1 39 ? 15.688  1.568   0.984   1.000 27.391 0 216 TRP B CZ3 1 ? 
ATOM   739  C CH2 . TRP B 1 39 ? 16.481  2.707   0.950   1.000 27.737 0 216 TRP B CH2 1 ? 
ATOM   740  N N   . ASP B 1 40 ? 15.079  -3.386  6.070   1.000 26.224 0 217 ASP B N   1 ? 
ATOM   741  C CA  . ASP B 1 40 ? 14.631  -4.772  5.910   1.000 30.070 0 217 ASP B CA  1 ? 
ATOM   742  C C   . ASP B 1 40 ? 13.179  -4.969  6.363   1.000 29.687 0 217 ASP B C   1 ? 
ATOM   743  O O   . ASP B 1 40 ? 12.410  -5.689  5.712   1.000 32.921 0 217 ASP B O   1 ? 
ATOM   744  C CB  . ASP B 1 40 ? 15.565  -5.741  6.632   1.000 33.906 0 217 ASP B CB  1 ? 
ATOM   745  C CG  . ASP B 1 40 ? 16.896  -6.014  5.935   1.000 43.594 0 217 ASP B CG  1 ? 
ATOM   746  O OD1 . ASP B 1 40 ? 17.117  -5.535  4.789   1.000 39.537 0 217 ASP B OD1 1 ? 
ATOM   747  O OD2 . ASP B 1 40 ? 17.722  -6.699  6.563   1.000 54.493 0 217 ASP B OD2 1 ? 
ATOM   748  N N   . ASP B 1 41 ? 12.785  -4.357  7.470   1.000 26.974 0 218 ASP B N   1 ? 
ATOM   749  C CA  . ASP B 1 41 ? 11.500  -4.593  8.095   1.000 30.313 0 218 ASP B CA  1 ? 
ATOM   750  C C   . ASP B 1 41 ? 10.412  -3.675  7.558   1.000 32.324 0 218 ASP B C   1 ? 
ATOM   751  O O   . ASP B 1 41 ? 9.244   -4.061  7.554   1.000 29.440 0 218 ASP B O   1 ? 
ATOM   752  C CB  . ASP B 1 41 ? 11.574  -4.324  9.592   1.000 34.112 0 218 ASP B CB  1 ? 
ATOM   753  C CG  . ASP B 1 41 ? 12.518  -5.294  10.258  1.000 45.856 0 218 ASP B CG  1 ? 
ATOM   754  O OD1 . ASP B 1 41 ? 12.154  -6.482  10.237  1.000 45.302 0 218 ASP B OD1 1 ? 
ATOM   755  O OD2 . ASP B 1 41 ? 13.623  -4.861  10.723  1.000 41.524 0 218 ASP B OD2 1 ? 
ATOM   756  N N   . ASP B 1 42 ? 10.797  -2.469  7.115   1.000 27.765 0 219 ASP B N   1 ? 
ATOM   757  C CA  . ASP B 1 42 ? 9.845   -1.401  6.930   1.000 23.297 0 219 ASP B CA  1 ? 
ATOM   758  C C   . ASP B 1 42 ? 9.909   -0.839  5.517   1.000 22.569 0 219 ASP B C   1 ? 
ATOM   759  O O   . ASP B 1 42 ? 8.884   -0.852  4.807   1.000 24.046 0 219 ASP B O   1 ? 
ATOM   760  C CB  . ASP B 1 42 ? 10.063  -0.317  7.993   1.000 24.071 0 219 ASP B CB  1 ? 
ATOM   761  C CG  . ASP B 1 42 ? 9.972   -0.816  9.424   1.000 29.434 0 219 ASP B CG  1 ? 
ATOM   762  O OD1 . ASP B 1 42 ? 8.842   -1.289  9.788   1.000 31.797 0 219 ASP B OD1 1 ? 
ATOM   763  O OD2 . ASP B 1 42 ? 11.005  -0.763  10.163  1.000 26.882 0 219 ASP B OD2 1 ? 
ATOM   764  N N   . LEU B 1 43 ? 11.072  -0.345  5.076   1.000 20.439 0 220 LEU B N   1 ? 
ATOM   765  C CA  . LEU B 1 43 ? 11.053  0.457   3.857   1.000 19.704 0 220 LEU B CA  1 ? 
ATOM   766  C C   . LEU B 1 43 ? 11.096  -0.392  2.584   1.000 21.208 0 220 LEU B C   1 ? 
ATOM   767  O O   . LEU B 1 43 ? 10.398  -0.046  1.624   1.000 21.943 0 220 LEU B O   1 ? 
ATOM   768  C CB  . LEU B 1 43 ? 12.210  1.464   3.854   1.000 19.458 0 220 LEU B CB  1 ? 
ATOM   769  C CG  . LEU B 1 43 ? 12.180  2.462   2.699   1.000 20.445 0 220 LEU B CG  1 ? 
ATOM   770  C CD1 . LEU B 1 43 ? 10.856  3.189   2.661   1.000 21.003 0 220 LEU B CD1 1 ? 
ATOM   771  C CD2 . LEU B 1 43 ? 13.345  3.438   2.886   1.000 22.194 0 220 LEU B CD2 1 ? 
ATOM   772  N N   . LEU B 1 44 ? 11.923  -1.447  2.529   1.000 21.779 0 221 LEU B N   1 ? 
ATOM   773  C CA  . LEU B 1 44 ? 12.006  -2.265  1.329   1.000 22.325 0 221 LEU B CA  1 ? 
ATOM   774  C C   . LEU B 1 44 ? 10.663  -2.953  1.058   1.000 23.233 0 221 LEU B C   1 ? 
ATOM   775  O O   . LEU B 1 44 ? 10.202  -2.921  -0.093  1.000 23.694 0 221 LEU B O   1 ? 
ATOM   776  C CB  . LEU B 1 44 ? 13.112  -3.318  1.422   1.000 25.236 0 221 LEU B CB  1 ? 
ATOM   777  C CG  . LEU B 1 44 ? 14.538  -2.780  1.344   1.000 28.241 0 221 LEU B CG  1 ? 
ATOM   778  C CD1 . LEU B 1 44 ? 15.552  -3.898  1.567   1.000 36.215 0 221 LEU B CD1 1 ? 
ATOM   779  C CD2 . LEU B 1 44 ? 14.792  -2.065  0.028   1.000 30.347 0 221 LEU B CD2 1 ? 
ATOM   780  N N   . PRO B 1 45 ? 9.958   -3.479  2.074   1.000 23.032 0 222 PRO B N   1 ? 
ATOM   781  C CA  . PRO B 1 45 ? 8.620   -4.046  1.809   1.000 25.199 0 222 PRO B CA  1 ? 
ATOM   782  C C   . PRO B 1 45 ? 7.644   -3.021  1.227   1.000 25.179 0 222 PRO B C   1 ? 
ATOM   783  O O   . PRO B 1 45 ? 6.914   -3.260  0.264   1.000 25.345 0 222 PRO B O   1 ? 
ATOM   784  C CB  . PRO B 1 45 ? 8.149   -4.535  3.168   1.000 26.991 0 222 PRO B CB  1 ? 
ATOM   785  C CG  . PRO B 1 45 ? 9.417   -4.823  3.943   1.000 26.914 0 222 PRO B CG  1 ? 
ATOM   786  C CD  . PRO B 1 45 ? 10.410  -3.805  3.425   1.000 23.129 0 222 PRO B CD  1 ? 
ATOM   787  N N   . LEU B 1 46 ? 7.617   -1.835  1.823   1.000 22.650 0 223 LEU B N   1 ? 
ATOM   788  C CA  . LEU B 1 46 ? 6.716   -0.808  1.357   1.000 23.112 0 223 LEU B CA  1 ? 
ATOM   789  C C   . LEU B 1 46 ? 7.071   -0.351  -0.051  1.000 23.185 0 223 LEU B C   1 ? 
ATOM   790  O O   . LEU B 1 46 ? 6.189   -0.159  -0.886  1.000 24.347 0 223 LEU B O   1 ? 
ATOM   791  C CB  . LEU B 1 46 ? 6.760   0.371   2.325   1.000 24.066 0 223 LEU B CB  1 ? 
ATOM   792  C CG  . LEU B 1 46 ? 5.760   1.468   2.017   1.000 25.269 0 223 LEU B CG  1 ? 
ATOM   793  C CD1 . LEU B 1 46 ? 4.330   0.921   1.986   1.000 26.970 0 223 LEU B CD1 1 ? 
ATOM   794  C CD2 . LEU B 1 46 ? 5.880   2.568   3.068   1.000 25.408 0 223 LEU B CD2 1 ? 
ATOM   795  N N   . CYS B 1 47 ? 8.359   -0.147  -0.346  1.000 22.716 0 224 CYS B N   1 ? 
ATOM   796  C CA  . CYS B 1 47 ? 8.779   0.204   -1.692  1.000 21.292 0 224 CYS B CA  1 ? 
ATOM   797  C C   . CYS B 1 47 ? 8.343   -0.900  -2.666  1.000 25.416 0 224 CYS B C   1 ? 
ATOM   798  O O   . CYS B 1 47 ? 7.905   -0.580  -3.756  1.000 25.151 0 224 CYS B O   1 ? 
ATOM   799  C CB  . CYS B 1 47 ? 10.282  0.381   -1.833  1.000 22.681 0 224 CYS B CB  1 ? 
ATOM   800  S SG  . CYS B 1 47 ? 10.871  1.894   -1.025  1.000 26.837 0 224 CYS B SG  1 ? 
ATOM   801  N N   . SER B 1 48 ? 8.477   -2.154  -2.258  1.000 24.617 0 225 SER B N   1 ? 
ATOM   802  C CA  . SER B 1 48 ? 8.064   -3.265  -3.130  1.000 29.316 0 225 SER B CA  1 ? 
ATOM   803  C C   . SER B 1 48 ? 6.583   -3.151  -3.477  1.000 29.558 0 225 SER B C   1 ? 
ATOM   804  O O   . SER B 1 48 ? 6.212   -3.344  -4.639  1.000 31.987 0 225 SER B O   1 ? 
ATOM   805  C CB  . SER B 1 48 ? 8.355   -4.599  -2.482  1.000 28.719 0 225 SER B CB  1 ? 
ATOM   806  O OG  . SER B 1 48 ? 9.756   -4.799  -2.329  1.000 33.719 0 225 SER B OG  1 ? 
ATOM   807  N N   . GLN B 1 49 ? 5.742   -2.819  -2.487  1.000 26.567 0 226 GLN B N   1 ? 
ATOM   808  C CA  . GLN B 1 49 ? 4.300   -2.685  -2.707  1.000 26.434 0 226 GLN B CA  1 ? 
ATOM   809  C C   . GLN B 1 49 ? 3.973   -1.468  -3.549  1.000 29.870 0 226 GLN B C   1 ? 
ATOM   810  O O   . GLN B 1 49 ? 3.129   -1.503  -4.458  1.000 29.030 0 226 GLN B O   1 ? 
ATOM   811  C CB  . GLN B 1 49 ? 3.522   -2.576  -1.411  1.000 26.913 0 226 GLN B CB  1 ? 
ATOM   812  C CG  . GLN B 1 49 ? 3.669   -3.775  -0.510  1.000 27.934 0 226 GLN B CG  1 ? 
ATOM   813  C CD  . GLN B 1 49 ? 2.933   -3.623  0.782   1.000 33.503 0 226 GLN B CD  1 ? 
ATOM   814  O OE1 . GLN B 1 49 ? 3.372   -2.888  1.666   1.000 32.353 0 226 GLN B OE1 1 ? 
ATOM   815  N NE2 . GLN B 1 49 ? 1.822   -4.345  0.914   1.000 27.599 0 226 GLN B NE2 1 ? 
ATOM   816  N N   . ILE B 1 50 ? 4.623   -0.351  -3.234  1.000 27.088 0 227 ILE B N   1 ? 
ATOM   817  C CA  . ILE B 1 50 ? 4.324   0.883   -3.941  1.000 27.287 0 227 ILE B CA  1 ? 
ATOM   818  C C   . ILE B 1 50 ? 4.811   0.838   -5.382  1.000 33.438 0 227 ILE B C   1 ? 
ATOM   819  O O   . ILE B 1 50 ? 4.085   1.278   -6.288  1.000 36.921 0 227 ILE B O   1 ? 
ATOM   820  C CB  . ILE B 1 50 ? 4.885   2.078   -3.168  1.000 27.307 0 227 ILE B CB  1 ? 
ATOM   821  C CG1 . ILE B 1 50 ? 4.069   2.232   -1.883  1.000 35.036 0 227 ILE B CG1 1 ? 
ATOM   822  C CG2 . ILE B 1 50 ? 4.867   3.310   -4.056  1.000 31.456 0 227 ILE B CG2 1 ? 
ATOM   823  C CD1 . ILE B 1 50 ? 4.289   3.507   -1.143  1.000 39.020 0 227 ILE B CD1 1 ? 
ATOM   824  N N   . PHE B 1 51 ? 5.999   0.275   -5.616  1.000 29.280 0 228 PHE B N   1 ? 
ATOM   825  C CA  . PHE B 1 51 ? 6.552   0.288   -6.959  1.000 30.667 0 228 PHE B CA  1 ? 
ATOM   826  C C   . PHE B 1 51 ? 6.149   -1.004  -7.662  1.000 33.426 0 228 PHE B C   1 ? 
ATOM   827  O O   . PHE B 1 51 ? 6.541   -1.198  -8.792  1.000 35.625 0 228 PHE B O   1 ? 
ATOM   828  C CB  . PHE B 1 51 ? 8.059   0.532   -6.960  1.000 31.902 0 228 PHE B CB  1 ? 
ATOM   829  C CG  . PHE B 1 51 ? 8.455   1.861   -6.355  1.000 30.703 0 228 PHE B CG  1 ? 
ATOM   830  C CD1 . PHE B 1 51 ? 7.850   3.031   -6.768  1.000 32.361 0 228 PHE B CD1 1 ? 
ATOM   831  C CD2 . PHE B 1 51 ? 9.412   1.933   -5.361  1.000 33.373 0 228 PHE B CD2 1 ? 
ATOM   832  C CE1 . PHE B 1 51 ? 8.186   4.248   -6.189  1.000 35.762 0 228 PHE B CE1 1 ? 
ATOM   833  C CE2 . PHE B 1 51 ? 9.745   3.149   -4.785  1.000 32.674 0 228 PHE B CE2 1 ? 
ATOM   834  C CZ  . PHE B 1 51 ? 9.138   4.304   -5.207  1.000 32.577 0 228 PHE B CZ  1 ? 
ATOM   835  N N   . ARG B 1 52 ? 5.368   -1.846  -6.984  1.000 36.529 0 229 ARG B N   1 ? 
ATOM   836  C CA  . ARG B 1 52 ? 4.835   -3.087  -7.531  1.000 42.054 0 229 ARG B CA  1 ? 
ATOM   837  C C   . ARG B 1 52 ? 5.928   -3.926  -8.191  1.000 41.683 0 229 ARG B C   1 ? 
ATOM   838  O O   . ARG B 1 52 ? 5.771   -4.348  -9.330  1.000 40.772 0 229 ARG B O   1 ? 
ATOM   839  C CB  . ARG B 1 52 ? 3.762   -2.813  -8.586  1.000 44.342 0 229 ARG B CB  1 ? 
ATOM   840  C CG  . ARG B 1 52 ? 2.693   -1.816  -8.179  1.000 48.818 0 229 ARG B CG  1 ? 
ATOM   841  C CD  . ARG B 1 52 ? 2.167   -1.140  -9.429  1.000 52.308 0 229 ARG B CD  1 ? 
ATOM   842  N NE  . ARG B 1 52 ? 2.127   0.289   -9.207  1.000 62.846 0 229 ARG B NE  1 ? 
ATOM   843  C CZ  . ARG B 1 52 ? 2.160   1.202   -10.167 1.000 76.747 0 229 ARG B CZ  1 ? 
ATOM   844  N NH1 . ARG B 1 52 ? 2.165   0.828   -11.436 1.000 81.635 0 229 ARG B NH1 1 ? 
ATOM   845  N NH2 . ARG B 1 52 ? 2.188   2.487   -9.846  1.000 78.947 0 229 ARG B NH2 1 ? 
ATOM   846  N N   . ARG B 1 53 ? 7.031   -4.166  -7.478  1.000 39.992 0 230 ARG B N   1 ? 
ATOM   847  C CA  . ARG B 1 53 ? 8.017   -5.165  -7.861  1.000 43.105 0 230 ARG B CA  1 ? 
ATOM   848  C C   . ARG B 1 53 ? 8.761   -5.615  -6.613  1.000 45.204 0 230 ARG B C   1 ? 
ATOM   849  O O   . ARG B 1 53 ? 8.699   -4.946  -5.586  1.000 38.581 0 230 ARG B O   1 ? 
ATOM   850  C CB  . ARG B 1 53 ? 8.988   -4.633  -8.913  1.000 42.850 0 230 ARG B CB  1 ? 
ATOM   851  C CG  . ARG B 1 53 ? 10.167  -3.846  -8.365  1.000 45.620 0 230 ARG B CG  1 ? 
ATOM   852  C CD  . ARG B 1 53 ? 11.336  -3.842  -9.348  1.000 48.041 0 230 ARG B CD  1 ? 
ATOM   853  N NE  . ARG B 1 53 ? 12.478  -3.025  -8.920  1.000 43.481 0 230 ARG B NE  1 ? 
ATOM   854  C CZ  . ARG B 1 53 ? 12.422  -1.702  -8.829  1.000 42.880 0 230 ARG B CZ  1 ? 
ATOM   855  N NH1 . ARG B 1 53 ? 11.292  -1.113  -9.139  1.000 40.532 0 230 ARG B NH1 1 ? 
ATOM   856  N NH2 . ARG B 1 53 ? 13.452  -0.984  -8.422  1.000 37.277 0 230 ARG B NH2 1 ? 
ATOM   857  N N   . ASP B 1 54 ? 9.465   -6.741  -6.717  1.000 42.724 0 231 ASP B N   1 ? 
ATOM   858  C CA  . ASP B 1 54 ? 10.221  -7.263  -5.600  1.000 49.403 0 231 ASP B CA  1 ? 
ATOM   859  C C   . ASP B 1 54 ? 11.534  -6.484  -5.493  1.000 44.578 0 231 ASP B C   1 ? 
ATOM   860  O O   . ASP B 1 54 ? 12.366  -6.543  -6.388  1.000 44.043 0 231 ASP B O   1 ? 
ATOM   861  C CB  . ASP B 1 54 ? 10.452  -8.763  -5.755  1.000 58.488 0 231 ASP B CB  1 ? 
ATOM   862  C CG  . ASP B 1 54 ? 10.107  -9.511  -4.485  1.000 72.540 0 231 ASP B CG  1 ? 
ATOM   863  O OD1 . ASP B 1 54 ? 8.892   -9.568  -4.158  1.000 81.620 0 231 ASP B OD1 1 ? 
ATOM   864  O OD2 . ASP B 1 54 ? 11.046  -9.987  -3.818  1.000 78.029 0 231 ASP B OD2 1 ? 
ATOM   865  N N   . ILE B 1 55 ? 11.699  -5.715  -4.401  1.000 39.413 0 232 ILE B N   1 ? 
ATOM   866  C CA  . ILE B 1 55 ? 12.908  -4.923  -4.184  1.000 36.080 0 232 ILE B CA  1 ? 
ATOM   867  C C   . ILE B 1 55 ? 13.561  -5.461  -2.923  1.000 35.825 0 232 ILE B C   1 ? 
ATOM   868  O O   . ILE B 1 55 ? 13.010  -5.330  -1.833  1.000 37.367 0 232 ILE B O   1 ? 
ATOM   869  C CB  . ILE B 1 55 ? 12.609  -3.410  -4.073  1.000 32.302 0 232 ILE B CB  1 ? 
ATOM   870  C CG1 . ILE B 1 55 ? 11.894  -2.896  -5.316  1.000 34.698 0 232 ILE B CG1 1 ? 
ATOM   871  C CG2 . ILE B 1 55 ? 13.894  -2.624  -3.805  1.000 33.357 0 232 ILE B CG2 1 ? 
ATOM   872  C CD1 . ILE B 1 55 ? 11.337  -1.504  -5.202  1.000 34.686 0 232 ILE B CD1 1 ? 
ATOM   873  N N   . ARG B 1 56 ? 14.726  -6.091  -3.100  1.000 35.788 0 233 ARG B N   1 ? 
ATOM   874  C CA  . ARG B 1 56 ? 15.314  -6.924  -2.073  1.000 35.762 0 233 ARG B CA  1 ? 
ATOM   875  C C   . ARG B 1 56 ? 16.503  -6.220  -1.416  1.000 34.979 0 233 ARG B C   1 ? 
ATOM   876  O O   . ARG B 1 56 ? 17.021  -6.671  -0.391  1.000 33.690 0 233 ARG B O   1 ? 
ATOM   877  C CB  . ARG B 1 56 ? 15.724  -8.274  -2.675  1.000 39.287 0 233 ARG B CB  1 ? 
ATOM   878  N N   . ALA B 1 57 ? 16.975  -5.133  -2.014  1.000 30.822 0 234 ALA B N   1 ? 
ATOM   879  C CA  . ALA B 1 57 ? 18.061  -4.380  -1.401  1.000 32.840 0 234 ALA B CA  1 ? 
ATOM   880  C C   . ALA B 1 57 ? 17.950  -2.934  -1.854  1.000 28.520 0 234 ALA B C   1 ? 
ATOM   881  O O   . ALA B 1 57 ? 17.377  -2.662  -2.911  1.000 32.000 0 234 ALA B O   1 ? 
ATOM   882  C CB  . ALA B 1 57 ? 19.396  -4.956  -1.807  1.000 37.344 0 234 ALA B CB  1 ? 
ATOM   883  N N   . SER B 1 58 ? 18.571  -2.042  -1.090  1.000 31.528 0 235 SER B N   1 ? 
ATOM   884  C CA  . SER B 1 58 ? 18.527  -0.627  -1.407  1.000 35.796 0 235 SER B CA  1 ? 
ATOM   885  C C   . SER B 1 58 ? 19.166  -0.318  -2.763  1.000 39.521 0 235 SER B C   1 ? 
ATOM   886  O O   . SER B 1 58 ? 18.664  0.553   -3.482  1.000 38.679 0 235 SER B O   1 ? 
ATOM   887  C CB  . SER B 1 58 ? 19.136  0.156   -0.299  1.000 40.074 0 235 SER B CB  1 ? 
ATOM   888  O OG  . SER B 1 58 ? 20.465  -0.280  -0.087  1.000 40.253 0 235 SER B OG  1 ? 
ATOM   889  N N   . SER B 1 59 ? 20.195  -1.082  -3.162  1.000 41.478 0 236 SER B N   1 ? 
ATOM   890  C CA  . SER B 1 59 ? 20.872  -0.909  -4.441  1.000 42.888 0 236 SER B CA  1 ? 
ATOM   891  C C   . SER B 1 59 ? 19.974  -1.201  -5.655  1.000 46.587 0 236 SER B C   1 ? 
ATOM   892  O O   . SER B 1 59 ? 20.315  -0.837  -6.786  1.000 49.420 0 236 SER B O   1 ? 
ATOM   893  C CB  . SER B 1 59 ? 22.131  -1.770  -4.471  1.000 47.370 0 236 SER B CB  1 ? 
ATOM   894  O OG  . SER B 1 59 ? 21.822  -3.155  -4.595  1.000 44.686 0 236 SER B OG  1 ? 
ATOM   895  N N   . GLU B 1 60 ? 18.815  -1.844  -5.449  1.000 38.278 0 237 GLU B N   1 ? 
ATOM   896  C CA  . GLU B 1 60 ? 17.869  -2.075  -6.533  1.000 36.444 0 237 GLU B CA  1 ? 
ATOM   897  C C   . GLU B 1 60 ? 16.908  -0.902  -6.749  1.000 33.181 0 237 GLU B C   1 ? 
ATOM   898  O O   . GLU B 1 60 ? 16.061  -0.957  -7.657  1.000 33.514 0 237 GLU B O   1 ? 
ATOM   899  C CB  . GLU B 1 60 ? 17.100  -3.365  -6.263  1.000 39.640 0 237 GLU B CB  1 ? 
ATOM   900  C CG  . GLU B 1 60 ? 17.974  -4.601  -6.305  1.000 47.084 0 237 GLU B CG  1 ? 
ATOM   901  C CD  . GLU B 1 60 ? 17.301  -5.851  -5.762  1.000 50.915 0 237 GLU B CD  1 ? 
ATOM   902  O OE1 . GLU B 1 60 ? 18.009  -6.845  -5.491  1.000 58.835 0 237 GLU B OE1 1 ? 
ATOM   903  O OE2 . GLU B 1 60 ? 16.063  -5.836  -5.644  1.000 51.246 0 237 GLU B OE2 1 ? 
ATOM   904  N N   . LEU B 1 61 ? 16.956  0.104   -5.853  1.000 33.406 0 238 LEU B N   1 ? 
ATOM   905  C CA  . LEU B 1 61 ? 16.152  1.305   -6.014  1.000 28.190 0 238 LEU B CA  1 ? 
ATOM   906  C C   . LEU B 1 61 ? 16.807  2.224   -7.026  1.000 27.111 0 238 LEU B C   1 ? 
ATOM   907  O O   . LEU B 1 61 ? 17.999  2.511   -6.918  1.000 29.804 0 238 LEU B O   1 ? 
ATOM   908  C CB  . LEU B 1 61 ? 16.060  2.092   -4.710  1.000 31.231 0 238 LEU B CB  1 ? 
ATOM   909  C CG  . LEU B 1 61 ? 15.047  1.658   -3.669  1.000 37.127 0 238 LEU B CG  1 ? 
ATOM   910  C CD1 . LEU B 1 61 ? 15.035  2.691   -2.553  1.000 37.350 0 238 LEU B CD1 1 ? 
ATOM   911  C CD2 . LEU B 1 61 ? 13.661  1.524   -4.257  1.000 33.902 0 238 LEU B CD2 1 ? 
ATOM   912  N N   . THR B 1 62 ? 15.972  2.812   -7.887  1.000 26.268 0 239 THR B N   1 ? 
ATOM   913  C CA  . THR B 1 62 ? 16.440  3.895   -8.730  1.000 28.453 0 239 THR B CA  1 ? 
ATOM   914  C C   . THR B 1 62 ? 16.476  5.174   -7.914  1.000 31.160 0 239 THR B C   1 ? 
ATOM   915  O O   . THR B 1 62 ? 15.770  5.293   -6.921  1.000 26.987 0 239 THR B O   1 ? 
ATOM   916  C CB  . THR B 1 62 ? 15.562  4.101   -9.957  1.000 31.066 0 239 THR B CB  1 ? 
ATOM   917  O OG1 . THR B 1 62 ? 14.286  4.611   -9.578  1.000 29.628 0 239 THR B OG1 1 ? 
ATOM   918  C CG2 . THR B 1 62 ? 15.376  2.811   -10.733 1.000 36.082 0 239 THR B CG2 1 ? 
ATOM   919  N N   . GLN B 1 63 ? 17.295  6.121   -8.356  1.000 30.491 0 240 GLN B N   1 ? 
ATOM   920  C CA  . GLN B 1 63 ? 17.344  7.402   -7.680  1.000 28.549 0 240 GLN B CA  1 ? 
ATOM   921  C C   . GLN B 1 63 ? 15.952  8.045   -7.674  1.000 29.653 0 240 GLN B C   1 ? 
ATOM   922  O O   . GLN B 1 63 ? 15.591  8.670   -6.686  1.000 26.883 0 240 GLN B O   1 ? 
ATOM   923  C CB  . GLN B 1 63 ? 18.456  8.248   -8.290  1.000 29.076 0 240 GLN B CB  1 ? 
ATOM   924  C CG  . GLN B 1 63 ? 18.426  9.691   -7.844  1.000 29.363 0 240 GLN B CG  1 ? 
ATOM   925  C CD  . GLN B 1 63 ? 18.913  9.851   -6.421  1.000 28.831 0 240 GLN B CD  1 ? 
ATOM   926  O OE1 . GLN B 1 63 ? 19.519  8.958   -5.822  1.000 28.665 0 240 GLN B OE1 1 ? 
ATOM   927  N NE2 . GLN B 1 63 ? 18.628  11.015  -5.878  1.000 28.182 0 240 GLN B NE2 1 ? 
ATOM   928  N N   . ALA B 1 64 ? 15.161  7.914   -8.756  1.000 30.435 0 241 ALA B N   1 ? 
ATOM   929  C CA  . ALA B 1 64 ? 13.851  8.540   -8.833  1.000 31.389 0 241 ALA B CA  1 ? 
ATOM   930  C C   . ALA B 1 64 ? 12.911  7.964   -7.779  1.000 27.224 0 241 ALA B C   1 ? 
ATOM   931  O O   . ALA B 1 64 ? 12.182  8.710   -7.148  1.000 30.787 0 241 ALA B O   1 ? 
ATOM   932  C CB  . ALA B 1 64 ? 13.275  8.360   -10.222 1.000 33.401 0 241 ALA B CB  1 ? 
ATOM   933  N N   . GLU B 1 65 ? 12.934  6.634   -7.623  1.000 25.012 0 242 GLU B N   1 ? 
ATOM   934  C CA  . GLU B 1 65 ? 12.226  5.925   -6.572  1.000 24.552 0 242 GLU B CA  1 ? 
ATOM   935  C C   . GLU B 1 65 ? 12.700  6.413   -5.200  1.000 23.956 0 242 GLU B C   1 ? 
ATOM   936  O O   . GLU B 1 65 ? 11.854  6.594   -4.318  1.000 24.015 0 242 GLU B O   1 ? 
ATOM   937  C CB  . GLU B 1 65 ? 12.401  4.410   -6.670  1.000 26.453 0 242 GLU B CB  1 ? 
ATOM   938  C CG  . GLU B 1 65 ? 11.551  3.765   -7.782  1.000 31.638 0 242 GLU B CG  1 ? 
ATOM   939  C CD  . GLU B 1 65 ? 12.007  2.386   -8.249  1.000 33.495 0 242 GLU B CD  1 ? 
ATOM   940  O OE1 . GLU B 1 65 ? 11.216  1.730   -8.988  1.000 35.235 0 242 GLU B OE1 1 ? 
ATOM   941  O OE2 . GLU B 1 65 ? 13.139  1.955   -7.889  1.000 31.288 0 242 GLU B OE2 1 ? 
ATOM   942  N N   . ALA B 1 66 ? 14.010  6.493   -5.002  1.000 23.856 0 243 ALA B N   1 ? 
ATOM   943  C CA  . ALA B 1 66 ? 14.549  6.824   -3.683  1.000 23.375 0 243 ALA B CA  1 ? 
ATOM   944  C C   . ALA B 1 66 ? 14.058  8.215   -3.301  1.000 25.311 0 243 ALA B C   1 ? 
ATOM   945  O O   . ALA B 1 66 ? 13.787  8.455   -2.135  1.000 21.562 0 243 ALA B O   1 ? 
ATOM   946  C CB  . ALA B 1 66 ? 16.049  6.737   -3.623  1.000 24.292 0 243 ALA B CB  1 ? 
ATOM   947  N N   . VAL B 1 67 ? 14.029  9.154   -4.258  1.000 22.648 0 244 VAL B N   1 ? 
ATOM   948  C CA  . VAL B 1 67 ? 13.567  10.500  -3.966  1.000 22.938 0 244 VAL B CA  1 ? 
ATOM   949  C C   . VAL B 1 67 ? 12.101  10.510  -3.502  1.000 23.037 0 244 VAL B C   1 ? 
ATOM   950  O O   . VAL B 1 67 ? 11.734  11.310  -2.635  1.000 23.226 0 244 VAL B O   1 ? 
ATOM   951  C CB  . VAL B 1 67 ? 13.817  11.378  -5.211  1.000 27.770 0 244 VAL B CB  1 ? 
ATOM   952  C CG1 . VAL B 1 67 ? 12.970  12.640  -5.247  1.000 36.916 0 244 VAL B CG1 1 ? 
ATOM   953  C CG2 . VAL B 1 67 ? 15.284  11.728  -5.310  1.000 28.461 0 244 VAL B CG2 1 ? 
ATOM   954  N N   . LYS B 1 68 ? 11.236  9.661   -4.067  1.000 22.543 0 245 LYS B N   1 ? 
ATOM   955  C CA  . LYS B 1 68 ? 9.850   9.550   -3.645  1.000 23.379 0 245 LYS B CA  1 ? 
ATOM   956  C C   . LYS B 1 68 ? 9.783   9.013   -2.213  1.000 19.879 0 245 LYS B C   1 ? 
ATOM   957  O O   . LYS B 1 68 ? 9.038   9.541   -1.377  1.000 20.502 0 245 LYS B O   1 ? 
ATOM   958  C CB  . LYS B 1 68 ? 9.053   8.670   -4.623  1.000 27.032 0 245 LYS B CB  1 ? 
ATOM   959  C CG  . LYS B 1 68 ? 8.842   9.309   -5.988  1.000 30.447 0 245 LYS B CG  1 ? 
ATOM   960  C CD  . LYS B 1 68 ? 8.102   8.400   -6.952  1.000 38.300 0 245 LYS B CD  1 ? 
ATOM   961  C CE  . LYS B 1 68 ? 7.740   9.107   -8.247  1.000 48.994 0 245 LYS B CE  1 ? 
ATOM   962  N NZ  . LYS B 1 68 ? 6.770   8.297   -9.025  1.000 55.384 0 245 LYS B NZ  1 ? 
ATOM   963  N N   . ALA B 1 69 ? 10.576  7.985   -1.946  1.000 20.445 0 246 ALA B N   1 ? 
ATOM   964  C CA  . ALA B 1 69 ? 10.629  7.398   -0.613  1.000 19.289 0 246 ALA B CA  1 ? 
ATOM   965  C C   . ALA B 1 69 ? 11.144  8.425   0.405   1.000 19.643 0 246 ALA B C   1 ? 
ATOM   966  O O   . ALA B 1 69 ? 10.608  8.498   1.523   1.000 19.446 0 246 ALA B O   1 ? 
ATOM   967  C CB  . ALA B 1 69 ? 11.492  6.165   -0.584  1.000 21.573 0 246 ALA B CB  1 ? 
ATOM   968  N N   . LEU B 1 70 ? 12.162  9.195   0.019   1.000 18.700 0 247 LEU B N   1 ? 
ATOM   969  C CA  . LEU B 1 70 ? 12.702  10.199  0.917   1.000 19.621 0 247 LEU B CA  1 ? 
ATOM   970  C C   . LEU B 1 70 ? 11.638  11.244  1.262   1.000 20.225 0 247 LEU B C   1 ? 
ATOM   971  O O   . LEU B 1 70 ? 11.564  11.660  2.413   1.000 17.772 0 247 LEU B O   1 ? 
ATOM   972  C CB  . LEU B 1 70 ? 13.961  10.820  0.299   1.000 20.266 0 247 LEU B CB  1 ? 
ATOM   973  C CG  . LEU B 1 70 ? 14.609  11.972  1.067   1.000 24.120 0 247 LEU B CG  1 ? 
ATOM   974  C CD1 . LEU B 1 70 ? 14.945  11.577  2.499   1.000 23.743 0 247 LEU B CD1 1 ? 
ATOM   975  C CD2 . LEU B 1 70 ? 15.857  12.432  0.348   1.000 24.570 0 247 LEU B CD2 1 ? 
ATOM   976  N N   . GLY B 1 71 ? 10.874  11.748  0.293   1.000 18.934 0 248 GLY B N   1 ? 
ATOM   977  C CA  . GLY B 1 71 ? 9.790   12.674  0.569   1.000 20.834 0 248 GLY B CA  1 ? 
ATOM   978  C C   . GLY B 1 71 ? 8.800   12.131  1.591   1.000 19.997 0 248 GLY B C   1 ? 
ATOM   979  O O   . GLY B 1 71 ? 8.326   12.823  2.467   1.000 21.419 0 248 GLY B O   1 ? 
ATOM   980  N N   . PHE B 1 72 ? 8.459   10.850  1.438   1.000 20.015 0 249 PHE B N   1 ? 
ATOM   981  C CA  . PHE B 1 72 ? 7.575   10.172  2.349   1.000 19.167 0 249 PHE B CA  1 ? 
ATOM   982  C C   . PHE B 1 72 ? 8.129   10.133  3.780   1.000 19.265 0 249 PHE B C   1 ? 
ATOM   983  O O   . PHE B 1 72 ? 7.413   10.458  4.761   1.000 20.056 0 249 PHE B O   1 ? 
ATOM   984  C CB  . PHE B 1 72 ? 7.295   8.772   1.809   1.000 20.845 0 249 PHE B CB  1 ? 
ATOM   985  C CG  . PHE B 1 72 ? 6.511   7.913   2.768   1.000 21.156 0 249 PHE B CG  1 ? 
ATOM   986  C CD1 . PHE B 1 72 ? 5.142   8.056   2.907   1.000 26.209 0 249 PHE B CD1 1 ? 
ATOM   987  C CD2 . PHE B 1 72 ? 7.159   6.944   3.504   1.000 23.008 0 249 PHE B CD2 1 ? 
ATOM   988  C CE1 . PHE B 1 72 ? 4.439   7.220   3.758   1.000 25.101 0 249 PHE B CE1 1 ? 
ATOM   989  C CE2 . PHE B 1 72 ? 6.456   6.113   4.368   1.000 23.317 0 249 PHE B CE2 1 ? 
ATOM   990  C CZ  . PHE B 1 72 ? 5.092   6.259   4.476   1.000 22.632 0 249 PHE B CZ  1 ? 
ATOM   991  N N   . LEU B 1 73 ? 9.416   9.812   3.894   1.000 19.122 0 250 LEU B N   1 ? 
ATOM   992  C CA  . LEU B 1 73 ? 10.062  9.700   5.195   1.000 19.371 0 250 LEU B CA  1 ? 
ATOM   993  C C   . LEU B 1 73 ? 10.112  11.087  5.829   1.000 17.090 0 250 LEU B C   1 ? 
ATOM   994  O O   . LEU B 1 73 ? 9.914   11.217  7.035   1.000 16.878 0 250 LEU B O   1 ? 
ATOM   995  C CB  . LEU B 1 73 ? 11.460  9.106   5.089   1.000 21.521 0 250 LEU B CB  1 ? 
ATOM   996  C CG  . LEU B 1 73 ? 11.494  7.657   4.612   1.000 20.347 0 250 LEU B CG  1 ? 
ATOM   997  C CD1 . LEU B 1 73 ? 12.925  7.186   4.459   1.000 21.994 0 250 LEU B CD1 1 ? 
ATOM   998  C CD2 . LEU B 1 73 ? 10.729  6.801   5.617   1.000 20.212 0 250 LEU B CD2 1 ? 
ATOM   999  N N   . LYS B 1 74 ? 10.373  12.102  5.000   1.000 16.006 0 251 LYS B N   1 ? 
ATOM   1000 C CA  . LYS B 1 74 ? 10.349  13.453  5.565   1.000 17.484 0 251 LYS B CA  1 ? 
ATOM   1001 C C   . LYS B 1 74 ? 8.955   13.818  6.114   1.000 16.916 0 251 LYS B C   1 ? 
ATOM   1002 O O   . LYS B 1 74 ? 8.845   14.477  7.145   1.000 18.209 0 251 LYS B O   1 ? 
ATOM   1003 C CB  . LYS B 1 74 ? 10.814  14.453  4.505   1.000 16.868 0 251 LYS B CB  1 ? 
ATOM   1004 C CG  . LYS B 1 74 ? 12.312  14.490  4.290   1.000 21.404 0 251 LYS B CG  1 ? 
ATOM   1005 C CD  . LYS B 1 74 ? 12.692  15.387  3.102   1.000 25.079 0 251 LYS B CD  1 ? 
ATOM   1006 C CE  . LYS B 1 74 ? 14.160  15.733  3.050   1.000 31.422 0 251 LYS B CE  1 ? 
ATOM   1007 N NZ  . LYS B 1 74 ? 14.387  16.769  2.012   1.000 38.810 0 251 LYS B NZ  1 ? 
ATOM   1008 N N   . GLN B 1 75 ? 7.866   13.425  5.437   1.000 16.654 0 252 GLN B N   1 ? 
ATOM   1009 C CA  . GLN B 1 75 ? 6.516   13.660  5.905   1.000 18.835 0 252 GLN B CA  1 ? 
ATOM   1010 C C   . GLN B 1 75 ? 6.345   12.954  7.225   1.000 18.149 0 252 GLN B C   1 ? 
ATOM   1011 O O   . GLN B 1 75 ? 5.851   13.528  8.176   1.000 19.010 0 252 GLN B O   1 ? 
ATOM   1012 C CB  . GLN B 1 75 ? 5.507   13.210  4.866   1.000 19.963 0 252 GLN B CB  1 ? 
ATOM   1013 C CG  . GLN B 1 75 ? 4.059   13.430  5.264   1.000 22.163 0 252 GLN B CG  1 ? 
ATOM   1014 C CD  . GLN B 1 75 ? 3.661   14.887  5.312   1.000 26.885 0 252 GLN B CD  1 ? 
ATOM   1015 O OE1 . GLN B 1 75 ? 3.940   15.644  4.394   1.000 27.266 0 252 GLN B OE1 1 ? 
ATOM   1016 N NE2 . GLN B 1 75 ? 2.927   15.255  6.349   1.000 33.193 0 252 GLN B NE2 1 ? 
ATOM   1017 N N   . LYS B 1 76 ? 6.789   11.707  7.298   1.000 17.106 0 253 LYS B N   1 ? 
ATOM   1018 C CA  . LYS B 1 76 ? 6.579   10.952  8.521   1.000 19.230 0 253 LYS B CA  1 ? 
ATOM   1019 C C   . LYS B 1 76 ? 7.317   11.580  9.701   1.000 19.397 0 253 LYS B C   1 ? 
ATOM   1020 O O   . LYS B 1 76 ? 6.762   11.630  10.820  1.000 21.435 0 253 LYS B O   1 ? 
ATOM   1021 C CB  . LYS B 1 76 ? 7.021   9.501   8.357   1.000 20.993 0 253 LYS B CB  1 ? 
ATOM   1022 C CG  . LYS B 1 76 ? 6.229   8.682   7.351   1.000 24.613 0 253 LYS B CG  1 ? 
ATOM   1023 C CD  . LYS B 1 76 ? 4.758   8.577   7.605   1.000 28.332 0 253 LYS B CD  1 ? 
ATOM   1024 C CE  . LYS B 1 76 ? 3.943   9.474   6.716   1.000 36.723 0 253 LYS B CE  1 ? 
ATOM   1025 N NZ  . LYS B 1 76 ? 2.509   9.130   6.852   1.000 44.004 0 253 LYS B NZ  1 ? 
ATOM   1026 N N   . ALA B 1 77 ? 8.552   12.005  9.464   1.000 17.532 0 254 ALA B N   1 ? 
ATOM   1027 C CA  . ALA B 1 77 ? 9.397   12.572  10.516  1.000 17.734 0 254 ALA B CA  1 ? 
ATOM   1028 C C   . ALA B 1 77 ? 8.883   13.953  10.934  1.000 20.207 0 254 ALA B C   1 ? 
ATOM   1029 O O   . ALA B 1 77 ? 9.063   14.364  12.082  1.000 21.605 0 254 ALA B O   1 ? 
ATOM   1030 C CB  . ALA B 1 77 ? 10.826  12.612  10.081  1.000 19.130 0 254 ALA B CB  1 ? 
ATOM   1031 N N   . ALA B 1 78 ? 8.313   14.701  9.992   1.000 17.360 0 255 ALA B N   1 ? 
ATOM   1032 C CA  . ALA B 1 78 ? 7.772   16.022  10.335  1.000 19.688 0 255 ALA B CA  1 ? 
ATOM   1033 C C   . ALA B 1 78 ? 6.420   16.019  11.028  1.000 22.316 0 255 ALA B C   1 ? 
ATOM   1034 O O   . ALA B 1 78 ? 5.988   17.032  11.608  1.000 20.782 0 255 ALA B O   1 ? 
ATOM   1035 C CB  . ALA B 1 78 ? 7.644   16.846  9.077   1.000 19.736 0 255 ALA B CB  1 ? 
ATOM   1036 N N   . GLU B 1 79 ? 5.636   14.970  10.806  1.000 23.034 0 256 GLU B N   1 ? 
ATOM   1037 C CA  . GLU B 1 79 ? 4.235   14.955  11.201  1.000 28.897 0 256 GLU B CA  1 ? 
ATOM   1038 C C   . GLU B 1 79 ? 4.022   14.937  12.706  1.000 27.215 0 256 GLU B C   1 ? 
ATOM   1039 O O   . GLU B 1 79 ? 3.087   15.562  13.215  1.000 28.494 0 256 GLU B O   1 ? 
ATOM   1040 C CB  . GLU B 1 79 ? 3.570   13.689  10.694  1.000 33.305 0 256 GLU B CB  1 ? 
ATOM   1041 C CG  . GLU B 1 79 ? 2.801   13.970  9.486   1.000 35.036 0 256 GLU B CG  1 ? 
ATOM   1042 C CD  . GLU B 1 79 ? 2.314   12.705  8.809   1.000 35.405 0 256 GLU B CD  1 ? 
ATOM   1043 O OE1 . GLU B 1 79 ? 1.811   12.888  7.712   1.000 34.978 0 256 GLU B OE1 1 ? 
ATOM   1044 O OE2 . GLU B 1 79 ? 2.495   11.546  9.376   1.000 39.030 0 256 GLU B OE2 1 ? 
ATOM   1045 N N   . GLN B 1 80 ? 4.795   14.083  13.366  1.000 26.399 0 257 GLN B N   1 ? 
ATOM   1046 C CA  . GLN B 1 80 ? 4.576   13.806  14.770  1.000 30.239 0 257 GLN B CA  1 ? 
ATOM   1047 C C   . GLN B 1 80 ? 5.849   13.292  15.405  1.000 30.406 0 257 GLN B C   1 ? 
ATOM   1048 O O   . GLN B 1 80 ? 6.798   12.899  14.732  1.000 31.292 0 257 GLN B O   1 ? 
ATOM   1049 C CB  . GLN B 1 80 ? 3.427   12.810  14.916  1.000 35.454 0 257 GLN B CB  1 ? 
ATOM   1050 C CG  . GLN B 1 80 ? 3.753   11.445  14.355  1.000 37.062 0 257 GLN B CG  1 ? 
ATOM   1051 C CD  . GLN B 1 80 ? 2.562   10.545  14.541  1.000 45.588 0 257 GLN B CD  1 ? 
ATOM   1052 O OE1 . GLN B 1 80 ? 2.102   10.329  15.653  1.000 46.021 0 257 GLN B OE1 1 ? 
ATOM   1053 N NE2 . GLN B 1 80 ? 2.004   10.089  13.440  1.000 45.927 0 257 GLN B NE2 1 ? 
ATOM   1054 N N   . LYS B 1 81 ? 5.854   13.328  16.739  1.000 29.499 0 258 LYS B N   1 ? 
ATOM   1055 C CA  . LYS B 1 81 ? 6.959   12.832  17.519  1.000 34.748 0 258 LYS B CA  1 ? 
ATOM   1056 C C   . LYS B 1 81 ? 6.982   11.313  17.410  1.000 32.435 0 258 LYS B C   1 ? 
ATOM   1057 O O   . LYS B 1 81 ? 5.954   10.691  17.129  1.000 34.253 0 258 LYS B O   1 ? 
ATOM   1058 C CB  . LYS B 1 81 ? 6.777   13.238  18.985  1.000 43.340 0 258 LYS B CB  1 ? 
ATOM   1059 C CG  . LYS B 1 81 ? 6.986   14.716  19.290  1.000 54.386 0 258 LYS B CG  1 ? 
ATOM   1060 C CD  . LYS B 1 81 ? 8.203   15.327  18.615  1.000 71.723 0 258 LYS B CD  1 ? 
ATOM   1061 C CE  . LYS B 1 81 ? 9.506   14.562  18.789  1.000 87.146 0 258 LYS B CE  1 ? 
ATOM   1062 N NZ  . LYS B 1 81 ? 10.307  15.055  19.938  1.000 92.384 0 258 LYS B NZ  1 ? 
ATOM   1063 N N   . VAL B 1 82 ? 8.161   10.732  17.631  1.000 35.236 0 259 VAL B N   1 ? 
ATOM   1064 C CA  . VAL B 1 82 ? 8.267   9.277   17.662  1.000 41.256 0 259 VAL B CA  1 ? 
ATOM   1065 C C   . VAL B 1 82 ? 7.889   8.858   19.094  1.000 47.026 0 259 VAL B C   1 ? 
ATOM   1066 O O   . VAL B 1 82 ? 8.526   9.311   20.042  1.000 51.483 0 259 VAL B O   1 ? 
ATOM   1067 C CB  . VAL B 1 82 ? 9.674   8.810   17.222  1.000 43.006 0 259 VAL B CB  1 ? 
ATOM   1068 C CG1 . VAL B 1 82 ? 9.780   7.297   17.165  1.000 43.463 0 259 VAL B CG1 1 ? 
ATOM   1069 C CG2 . VAL B 1 82 ? 10.066  9.400   15.868  1.000 41.866 0 259 VAL B CG2 1 ? 
ATOM   1070 N N   . ALA B 1 83 ? 6.835   8.037   19.237  1.000 56.683 0 260 ALA B N   1 ? 
ATOM   1071 C CA  . ALA B 1 83 ? 6.164   7.809   20.520  1.000 60.292 0 260 ALA B CA  1 ? 
ATOM   1072 C C   . ALA B 1 83 ? 7.139   7.274   21.580  1.000 68.775 0 260 ALA B C   1 ? 
ATOM   1073 O O   . ALA B 1 83 ? 7.947   6.389   21.227  1.000 73.200 0 260 ALA B O   1 ? 
ATOM   1074 C CB  . ALA B 1 83 ? 4.999   6.863   20.332  1.000 58.320 0 260 ALA B CB  1 ? 
ATOM   1075 N N   . TRP C 2 1  ? -3.597  2.987   -7.568  1.000 59.648 0 168 TRP C N   1 ? 
ATOM   1076 C CA  . TRP C 2 1  ? -2.396  2.500   -6.846  1.000 52.346 0 168 TRP C CA  1 ? 
ATOM   1077 C C   . TRP C 2 1  ? -2.055  3.447   -5.695  1.000 47.220 0 168 TRP C C   1 ? 
ATOM   1078 O O   . TRP C 2 1  ? -1.900  4.643   -5.922  1.000 53.942 0 168 TRP C O   1 ? 
ATOM   1079 C CB  . TRP C 2 1  ? -1.225  2.397   -7.826  1.000 53.969 0 168 TRP C CB  1 ? 
ATOM   1080 C CG  . TRP C 2 1  ? -1.495  1.542   -9.031  1.000 54.587 0 168 TRP C CG  1 ? 
ATOM   1081 C CD1 . TRP C 2 1  ? -1.852  1.978   -10.275 1.000 56.582 0 168 TRP C CD1 1 ? 
ATOM   1082 C CD2 . TRP C 2 1  ? -1.382  0.103   -9.118  1.000 50.062 0 168 TRP C CD2 1 ? 
ATOM   1083 N NE1 . TRP C 2 1  ? -1.969  0.912   -11.126 1.000 55.300 0 168 TRP C NE1 1 ? 
ATOM   1084 C CE2 . TRP C 2 1  ? -1.700  -0.251  -10.449 1.000 55.765 0 168 TRP C CE2 1 ? 
ATOM   1085 C CE3 . TRP C 2 1  ? -1.073  -0.915  -8.208  1.000 47.574 0 168 TRP C CE3 1 ? 
ATOM   1086 C CZ2 . TRP C 2 1  ? -1.704  -1.579  -10.880 1.000 53.502 0 168 TRP C CZ2 1 ? 
ATOM   1087 C CZ3 . TRP C 2 1  ? -1.092  -2.226  -8.633  1.000 48.787 0 168 TRP C CZ3 1 ? 
ATOM   1088 C CH2 . TRP C 2 1  ? -1.396  -2.551  -9.953  1.000 49.088 0 168 TRP C CH2 1 ? 
ATOM   1089 N N   . MET C 2 2  ? -1.984  2.909   -4.468  1.000 43.845 0 169 MET C N   1 ? 
ATOM   1090 C CA  . MET C 2 2  ? -1.347  3.580   -3.339  1.000 45.480 0 169 MET C CA  1 ? 
ATOM   1091 C C   . MET C 2 2  ? 0.072   3.984   -3.745  1.000 38.456 0 169 MET C C   1 ? 
ATOM   1092 O O   . MET C 2 2  ? 0.779   3.228   -4.405  1.000 34.043 0 169 MET C O   1 ? 
ATOM   1093 C CB  . MET C 2 2  ? -1.290  2.649   -2.121  1.000 48.243 0 169 MET C CB  1 ? 
ATOM   1094 C CG  . MET C 2 2  ? -1.657  3.280   -0.773  1.000 64.867 0 169 MET C CG  1 ? 
ATOM   1095 S SD  . MET C 2 2  ? -3.011  4.502   -0.730  1.000 79.552 0 169 MET C SD  1 ? 
ATOM   1096 C CE  . MET C 2 2  ? -4.373  3.585   -1.464  1.000 76.538 0 169 MET C CE  1 ? 
ATOM   1097 N N   . ASP C 2 3  ? 0.485   5.213   -3.404  1.000 37.673 0 170 ASP C N   1 ? 
ATOM   1098 C CA  . ASP C 2 3  ? 1.827   5.657   -3.734  1.000 37.694 0 170 ASP C CA  1 ? 
ATOM   1099 C C   . ASP C 2 3  ? 2.329   6.507   -2.568  1.000 30.101 0 170 ASP C C   1 ? 
ATOM   1100 O O   . ASP C 2 3  ? 1.625   6.664   -1.574  1.000 32.199 0 170 ASP C O   1 ? 
ATOM   1101 C CB  . ASP C 2 3  ? 1.874   6.357   -5.093  1.000 43.944 0 170 ASP C CB  1 ? 
ATOM   1102 C CG  . ASP C 2 3  ? 1.042   7.619   -5.180  1.000 55.483 0 170 ASP C CG  1 ? 
ATOM   1103 O OD1 . ASP C 2 3  ? 1.124   8.441   -4.243  1.000 66.427 0 170 ASP C OD1 1 ? 
ATOM   1104 O OD2 . ASP C 2 3  ? 0.335   7.786   -6.201  1.000 61.771 0 170 ASP C OD2 1 ? 
ATOM   1105 N N   . PHE C 2 4  ? 3.565   6.994   -2.692  1.000 31.147 0 171 PHE C N   1 ? 
ATOM   1106 C CA  . PHE C 2 4  ? 4.232   7.628   -1.570  1.000 32.562 0 171 PHE C CA  1 ? 
ATOM   1107 C C   . PHE C 2 4  ? 3.667   9.017   -1.270  1.000 41.577 0 171 PHE C C   1 ? 
ATOM   1108 O O   . PHE C 2 4  ? 3.997   9.587   -0.228  1.000 36.926 0 171 PHE C O   1 ? 
ATOM   1109 C CB  . PHE C 2 4  ? 5.731   7.661   -1.836  1.000 28.773 0 171 PHE C CB  1 ? 
ATOM   1110 C CG  . PHE C 2 4  ? 6.472   6.441   -1.397  1.000 25.424 0 171 PHE C CG  1 ? 
ATOM   1111 C CD1 . PHE C 2 4  ? 6.400   5.975   -0.096  1.000 24.252 0 171 PHE C CD1 1 ? 
ATOM   1112 C CD2 . PHE C 2 4  ? 7.279   5.747   -2.277  1.000 25.594 0 171 PHE C CD2 1 ? 
ATOM   1113 C CE1 . PHE C 2 4  ? 7.135   4.879   0.319   1.000 24.736 0 171 PHE C CE1 1 ? 
ATOM   1114 C CE2 . PHE C 2 4  ? 8.002   4.642   -1.859  1.000 29.169 0 171 PHE C CE2 1 ? 
ATOM   1115 C CZ  . PHE C 2 4  ? 7.920   4.192   -0.571  1.000 27.218 0 171 PHE C CZ  1 ? 
ATOM   1116 N N   . ASP C 2 5  ? 2.814   9.541   -2.155  1.000 40.676 0 172 ASP C N   1 ? 
ATOM   1117 C CA  . ASP C 2 5  ? 2.160   10.818  -1.918  1.000 47.707 0 172 ASP C CA  1 ? 
ATOM   1118 C C   . ASP C 2 5  ? 0.912   10.619  -1.069  1.000 48.530 0 172 ASP C C   1 ? 
ATOM   1119 O O   . ASP C 2 5  ? 0.306   11.599  -0.655  1.000 47.498 0 172 ASP C O   1 ? 
ATOM   1120 C CB  . ASP C 2 5  ? 1.781   11.521  -3.228  1.000 55.290 0 172 ASP C CB  1 ? 
ATOM   1121 C CG  . ASP C 2 5  ? 2.963   11.857  -4.127  1.000 67.364 0 172 ASP C CG  1 ? 
ATOM   1122 O OD1 . ASP C 2 5  ? 4.109   11.944  -3.611  1.000 71.135 0 172 ASP C OD1 1 ? 
ATOM   1123 O OD2 . ASP C 2 5  ? 2.739   12.002  -5.350  1.000 79.912 0 172 ASP C OD2 1 ? 
ATOM   1124 N N   . ASP C 2 6  ? 0.521   9.363   -0.825  1.000 40.625 0 173 ASP C N   1 ? 
ATOM   1125 C CA  . ASP C 2 6  ? -0.640  9.078   0.004   1.000 45.510 0 173 ASP C CA  1 ? 
ATOM   1126 C C   . ASP C 2 6  ? -0.237  9.074   1.478   1.000 43.185 0 173 ASP C C   1 ? 
ATOM   1127 O O   . ASP C 2 6  ? 0.936   8.917   1.826   1.000 41.743 0 173 ASP C O   1 ? 
ATOM   1128 C CB  . ASP C 2 6  ? -1.320  7.770   -0.426  1.000 48.314 0 173 ASP C CB  1 ? 
ATOM   1129 C CG  . ASP C 2 6  ? -1.872  7.798   -1.846  1.000 56.643 0 173 ASP C CG  1 ? 
ATOM   1130 O OD1 . ASP C 2 6  ? -2.542  8.780   -2.203  1.000 66.471 0 173 ASP C OD1 1 ? 
ATOM   1131 O OD2 . ASP C 2 6  ? -1.635  6.840   -2.595  1.000 58.160 0 173 ASP C OD2 1 ? 
ATOM   1132 N N   . ASP C 2 7  ? -1.241  9.257   2.340   1.000 44.381 0 174 ASP C N   1 ? 
ATOM   1133 C CA  . ASP C 2 7  ? -1.057  9.252   3.780   1.000 43.710 0 174 ASP C CA  1 ? 
ATOM   1134 C C   . ASP C 2 7  ? -1.105  7.803   4.267   1.000 44.012 0 174 ASP C C   1 ? 
ATOM   1135 O O   . ASP C 2 7  ? -2.076  7.374   4.887   1.000 45.926 0 174 ASP C O   1 ? 
ATOM   1136 C CB  . ASP C 2 7  ? -2.079  10.169  4.462   1.000 47.873 0 174 ASP C CB  1 ? 
ATOM   1137 C CG  . ASP C 2 7  ? -1.960  10.268  5.976   1.000 53.258 0 174 ASP C CG  1 ? 
ATOM   1138 O OD1 . ASP C 2 7  ? -0.960  9.764   6.553   1.000 53.876 0 174 ASP C OD1 1 ? 
ATOM   1139 O OD2 . ASP C 2 7  ? -2.877  10.845  6.577   1.000 65.148 0 174 ASP C OD2 1 ? 
ATOM   1140 N N   . ILE C 2 8  ? -0.021  7.081   3.967   1.000 44.473 0 175 ILE C N   1 ? 
ATOM   1141 C CA  . ILE C 2 8  ? 0.225   5.718   4.406   1.000 44.209 0 175 ILE C CA  1 ? 
ATOM   1142 C C   . ILE C 2 8  ? 0.807   5.791   5.810   1.000 44.949 0 175 ILE C C   1 ? 
ATOM   1143 O O   . ILE C 2 8  ? 1.639   6.658   6.100   1.000 39.709 0 175 ILE C O   1 ? 
ATOM   1144 C CB  . ILE C 2 8  ? 1.237   5.043   3.457   1.000 51.562 0 175 ILE C CB  1 ? 
ATOM   1145 C CG1 . ILE C 2 8  ? 0.856   5.205   1.989   1.000 57.209 0 175 ILE C CG1 1 ? 
ATOM   1146 C CG2 . ILE C 2 8  ? 1.472   3.582   3.814   1.000 57.305 0 175 ILE C CG2 1 ? 
ATOM   1147 C CD1 . ILE C 2 8  ? 1.980   4.860   1.061   1.000 58.423 0 175 ILE C CD1 1 ? 
ATOM   1148 N N   . PRO C 2 9  ? 0.416   4.900   6.737   1.000 42.936 0 176 PRO C N   1 ? 
ATOM   1149 C CA  . PRO C 2 9  ? 1.152   4.765   7.984   1.000 47.392 0 176 PRO C CA  1 ? 
ATOM   1150 C C   . PRO C 2 9  ? 2.503   4.118   7.681   1.000 46.310 0 176 PRO C C   1 ? 
ATOM   1151 O O   . PRO C 2 9  ? 2.736   3.585   6.601   1.000 41.477 0 176 PRO C O   1 ? 
ATOM   1152 C CB  . PRO C 2 9  ? 0.273   3.867   8.859   1.000 47.953 0 176 PRO C CB  1 ? 
ATOM   1153 C CG  . PRO C 2 9  ? -0.517  3.063   7.857   1.000 45.999 0 176 PRO C CG  1 ? 
ATOM   1154 C CD  . PRO C 2 9  ? -0.701  3.951   6.644   1.000 48.677 0 176 PRO C CD  1 ? 
ATOM   1155 N N   . PHE C 2 10 ? 3.384   4.174   8.665   1.000 48.145 0 177 PHE C N   1 ? 
ATOM   1156 C CA  . PHE C 2 10 ? 4.665   3.520   8.550   1.000 47.493 0 177 PHE C CA  1 ? 
ATOM   1157 C C   . PHE C 2 10 ? 5.136   3.068   9.934   1.000 56.325 0 177 PHE C C   1 ? 
ATOM   1158 O O   . PHE C 2 10 ? 5.032   3.891   10.877  1.000 64.345 0 177 PHE C O   1 ? 
ATOM   1159 C CB  . PHE C 2 10 ? 5.644   4.506   7.937   1.000 37.185 0 177 PHE C CB  1 ? 
ATOM   1160 C CG  . PHE C 2 10 ? 6.989   3.959   7.554   1.000 28.314 0 177 PHE C CG  1 ? 
ATOM   1161 C CD1 . PHE C 2 10 ? 7.114   2.932   6.638   1.000 28.507 0 177 PHE C CD1 1 ? 
ATOM   1162 C CD2 . PHE C 2 10 ? 8.144   4.599   7.971   1.000 26.907 0 177 PHE C CD2 1 ? 
ATOM   1163 C CE1 . PHE C 2 10 ? 8.370   2.517   6.208   1.000 30.024 0 177 PHE C CE1 1 ? 
ATOM   1164 C CE2 . PHE C 2 10 ? 9.382   4.179   7.554   1.000 25.839 0 177 PHE C CE2 1 ? 
ATOM   1165 C CZ  . PHE C 2 10 ? 9.505   3.156   6.652   1.000 26.184 0 177 PHE C CZ  1 ? 
ATOM   1166 O OXT . PHE C 2 10 ? 5.605   1.914   10.010  1.000 56.998 0 177 PHE C OXT 1 ? 
ATOM   1167 N N   . TRP D 2 1  ? 4.876   -4.513  5.733   1.000 62.284 0 168 TRP D N   1 ? 
ATOM   1168 C CA  . TRP D 2 1  ? 3.843   -4.509  4.668   1.000 56.746 0 168 TRP D CA  1 ? 
ATOM   1169 C C   . TRP D 2 1  ? 2.613   -3.709  5.106   1.000 52.910 0 168 TRP D C   1 ? 
ATOM   1170 O O   . TRP D 2 1  ? 2.060   -3.986  6.163   1.000 54.735 0 168 TRP D O   1 ? 
ATOM   1171 C CB  . TRP D 2 1  ? 3.436   -5.949  4.333   1.000 58.145 0 168 TRP D CB  1 ? 
ATOM   1172 C CG  . TRP D 2 1  ? 4.577   -6.902  4.097   1.000 57.150 0 168 TRP D CG  1 ? 
ATOM   1173 C CD1 . TRP D 2 1  ? 5.024   -7.833  4.984   1.000 62.976 0 168 TRP D CD1 1 ? 
ATOM   1174 C CD2 . TRP D 2 1  ? 5.374   -7.069  2.899   1.000 52.484 0 168 TRP D CD2 1 ? 
ATOM   1175 N NE1 . TRP D 2 1  ? 6.057   -8.550  4.439   1.000 67.986 0 168 TRP D NE1 1 ? 
ATOM   1176 C CE2 . TRP D 2 1  ? 6.292   -8.112  3.161   1.000 61.539 0 168 TRP D CE2 1 ? 
ATOM   1177 C CE3 . TRP D 2 1  ? 5.414   -6.444  1.647   1.000 46.432 0 168 TRP D CE3 1 ? 
ATOM   1178 C CZ2 . TRP D 2 1  ? 7.230   -8.538  2.219   1.000 53.941 0 168 TRP D CZ2 1 ? 
ATOM   1179 C CZ3 . TRP D 2 1  ? 6.344   -6.861  0.716   1.000 47.554 0 168 TRP D CZ3 1 ? 
ATOM   1180 C CH2 . TRP D 2 1  ? 7.232   -7.899  0.999   1.000 52.953 0 168 TRP D CH2 1 ? 
ATOM   1181 N N   . MET D 2 2  ? 2.237   -2.697  4.304   1.000 47.391 0 169 MET D N   1 ? 
ATOM   1182 C CA  . MET D 2 2  ? 0.881   -2.146  4.206   1.000 41.224 0 169 MET D CA  1 ? 
ATOM   1183 C C   . MET D 2 2  ? -0.098  -3.337  4.142   1.000 38.777 0 169 MET D C   1 ? 
ATOM   1184 O O   . MET D 2 2  ? 0.106   -4.265  3.357   1.000 36.768 0 169 MET D O   1 ? 
ATOM   1185 C CB  . MET D 2 2  ? 0.827   -1.289  2.918   1.000 46.507 0 169 MET D CB  1 ? 
ATOM   1186 C CG  . MET D 2 2  ? -0.233  -0.144  2.783   1.000 47.375 0 169 MET D CG  1 ? 
ATOM   1187 S SD  . MET D 2 2  ? -0.327  0.815   1.132   1.000 46.953 0 169 MET D SD  1 ? 
ATOM   1188 C CE  . MET D 2 2  ? 0.839   -0.103  0.122   1.000 53.567 0 169 MET D CE  1 ? 
ATOM   1189 N N   . ASP D 2 3  ? -1.112  -3.408  5.012   1.000 40.193 0 170 ASP D N   1 ? 
ATOM   1190 C CA  . ASP D 2 3  ? -2.164  -4.411  4.820   1.000 39.997 0 170 ASP D CA  1 ? 
ATOM   1191 C C   . ASP D 2 3  ? -3.534  -3.845  5.210   1.000 31.586 0 170 ASP D C   1 ? 
ATOM   1192 O O   . ASP D 2 3  ? -3.660  -2.661  5.495   1.000 34.526 0 170 ASP D O   1 ? 
ATOM   1193 C CB  . ASP D 2 3  ? -1.788  -5.736  5.482   1.000 44.170 0 170 ASP D CB  1 ? 
ATOM   1194 C CG  . ASP D 2 3  ? -1.826  -5.726  6.997   1.000 52.369 0 170 ASP D CG  1 ? 
ATOM   1195 O OD1 . ASP D 2 3  ? -2.367  -4.758  7.567   1.000 58.818 0 170 ASP D OD1 1 ? 
ATOM   1196 O OD2 . ASP D 2 3  ? -1.288  -6.679  7.586   1.000 55.500 0 170 ASP D OD2 1 ? 
ATOM   1197 N N   . PHE D 2 4  ? -4.598  -4.647  5.075   1.000 27.832 0 171 PHE D N   1 ? 
ATOM   1198 C CA  . PHE D 2 4  ? -5.946  -4.098  5.128   1.000 33.190 0 171 PHE D CA  1 ? 
ATOM   1199 C C   . PHE D 2 4  ? -6.349  -3.713  6.551   1.000 38.334 0 171 PHE D C   1 ? 
ATOM   1200 O O   . PHE D 2 4  ? -7.288  -2.953  6.718   1.000 45.372 0 171 PHE D O   1 ? 
ATOM   1201 C CB  . PHE D 2 4  ? -6.954  -5.062  4.504   1.000 29.318 0 171 PHE D CB  1 ? 
ATOM   1202 C CG  . PHE D 2 4  ? -7.116  -4.907  3.023   1.000 29.377 0 171 PHE D CG  1 ? 
ATOM   1203 C CD1 . PHE D 2 4  ? -7.494  -3.690  2.471   1.000 27.424 0 171 PHE D CD1 1 ? 
ATOM   1204 C CD2 . PHE D 2 4  ? -6.907  -5.975  2.169   1.000 28.673 0 171 PHE D CD2 1 ? 
ATOM   1205 C CE1 . PHE D 2 4  ? -7.693  -3.562  1.108   1.000 29.365 0 171 PHE D CE1 1 ? 
ATOM   1206 C CE2 . PHE D 2 4  ? -7.068  -5.828  0.806   1.000 31.439 0 171 PHE D CE2 1 ? 
ATOM   1207 C CZ  . PHE D 2 4  ? -7.487  -4.635  0.282   1.000 26.554 0 171 PHE D CZ  1 ? 
ATOM   1208 N N   . ASP D 2 5  ? -5.601  -4.191  7.551   1.000 42.637 0 172 ASP D N   1 ? 
ATOM   1209 C CA  . ASP D 2 5  ? -5.737  -3.715  8.927   1.000 49.943 0 172 ASP D CA  1 ? 
ATOM   1210 C C   . ASP D 2 5  ? -5.226  -2.293  9.133   1.000 54.020 0 172 ASP D C   1 ? 
ATOM   1211 O O   . ASP D 2 5  ? -5.535  -1.695  10.163  1.000 57.676 0 172 ASP D O   1 ? 
ATOM   1212 C CB  . ASP D 2 5  ? -4.915  -4.553  9.908   1.000 55.190 0 172 ASP D CB  1 ? 
ATOM   1213 C CG  . ASP D 2 5  ? -5.583  -5.854  10.281  1.000 62.121 0 172 ASP D CG  1 ? 
ATOM   1214 O OD1 . ASP D 2 5  ? -6.799  -5.969  10.032  1.000 62.322 0 172 ASP D OD1 1 ? 
ATOM   1215 O OD2 . ASP D 2 5  ? -4.879  -6.737  10.813  1.000 70.130 0 172 ASP D OD2 1 ? 
ATOM   1216 N N   . ASP D 2 6  ? -4.399  -1.786  8.208   1.000 46.807 0 173 ASP D N   1 ? 
ATOM   1217 C CA  . ASP D 2 6  ? -3.789  -0.477  8.350   1.000 47.686 0 173 ASP D CA  1 ? 
ATOM   1218 C C   . ASP D 2 6  ? -4.772  0.577   7.861   1.000 47.830 0 173 ASP D C   1 ? 
ATOM   1219 O O   . ASP D 2 6  ? -5.680  0.270   7.091   1.000 46.651 0 173 ASP D O   1 ? 
ATOM   1220 C CB  . ASP D 2 6  ? -2.448  -0.417  7.615   1.000 50.720 0 173 ASP D CB  1 ? 
ATOM   1221 C CG  . ASP D 2 6  ? -1.417  -1.369  8.193   1.000 54.622 0 173 ASP D CG  1 ? 
ATOM   1222 O OD1 . ASP D 2 6  ? -1.276  -1.380  9.427   1.000 51.983 0 173 ASP D OD1 1 ? 
ATOM   1223 O OD2 . ASP D 2 6  ? -0.773  -2.104  7.413   1.000 59.013 0 173 ASP D OD2 1 ? 
ATOM   1224 N N   . ASP D 2 7  ? -4.580  1.817   8.331   1.000 44.634 0 174 ASP D N   1 ? 
ATOM   1225 C CA  . ASP D 2 7  ? -5.421  2.933   7.932   1.000 46.817 0 174 ASP D CA  1 ? 
ATOM   1226 C C   . ASP D 2 7  ? -4.891  3.508   6.619   1.000 45.193 0 174 ASP D C   1 ? 
ATOM   1227 O O   . ASP D 2 7  ? -4.151  4.482   6.614   1.000 48.432 0 174 ASP D O   1 ? 
ATOM   1228 C CB  . ASP D 2 7  ? -5.535  3.989   9.036   1.000 50.021 0 174 ASP D CB  1 ? 
ATOM   1229 C CG  . ASP D 2 7  ? -6.519  5.103   8.712   1.000 57.928 0 174 ASP D CG  1 ? 
ATOM   1230 O OD1 . ASP D 2 7  ? -7.288  4.954   7.733   1.000 66.622 0 174 ASP D OD1 1 ? 
ATOM   1231 O OD2 . ASP D 2 7  ? -6.493  6.132   9.422   1.000 71.015 0 174 ASP D OD2 1 ? 
ATOM   1232 N N   . ILE D 2 8  ? -5.275  2.858   5.519   1.000 45.183 0 175 ILE D N   1 ? 
ATOM   1233 C CA  . ILE D 2 8  ? -4.926  3.254   4.161   1.000 47.342 0 175 ILE D CA  1 ? 
ATOM   1234 C C   . ILE D 2 8  ? -6.000  4.192   3.641   1.000 45.603 0 175 ILE D C   1 ? 
ATOM   1235 O O   . ILE D 2 8  ? -7.183  3.907   3.812   1.000 45.017 0 175 ILE D O   1 ? 
ATOM   1236 C CB  . ILE D 2 8  ? -4.902  2.038   3.219   1.000 51.779 0 175 ILE D CB  1 ? 
ATOM   1237 C CG1 . ILE D 2 8  ? -4.081  0.875   3.765   1.000 55.314 0 175 ILE D CG1 1 ? 
ATOM   1238 C CG2 . ILE D 2 8  ? -4.446  2.446   1.825   1.000 57.993 0 175 ILE D CG2 1 ? 
ATOM   1239 C CD1 . ILE D 2 8  ? -4.369  -0.422  3.049   1.000 56.596 0 175 ILE D CD1 1 ? 
ATOM   1240 N N   . PRO D 2 9  ? -5.659  5.249   2.880   1.000 42.325 0 176 PRO D N   1 ? 
ATOM   1241 C CA  . PRO D 2 9  ? -6.686  5.981   2.157   1.000 45.125 0 176 PRO D CA  1 ? 
ATOM   1242 C C   . PRO D 2 9  ? -7.253  5.062   1.072   1.000 44.255 0 176 PRO D C   1 ? 
ATOM   1243 O O   . PRO D 2 9  ? -6.606  4.126   0.603   1.000 45.272 0 176 PRO D O   1 ? 
ATOM   1244 C CB  . PRO D 2 9  ? -5.965  7.213   1.595   1.000 47.095 0 176 PRO D CB  1 ? 
ATOM   1245 C CG  . PRO D 2 9  ? -4.517  6.800   1.549   1.000 49.189 0 176 PRO D CG  1 ? 
ATOM   1246 C CD  . PRO D 2 9  ? -4.316  5.805   2.673   1.000 45.149 0 176 PRO D CD  1 ? 
ATOM   1247 N N   . PHE D 2 10 ? -8.466  5.385   0.650   1.000 43.073 0 177 PHE D N   1 ? 
ATOM   1248 C CA  . PHE D 2 10 ? -9.078  4.642   -0.427  1.000 43.117 0 177 PHE D CA  1 ? 
ATOM   1249 C C   . PHE D 2 10 ? -9.925  5.580   -1.294  1.000 47.804 0 177 PHE D C   1 ? 
ATOM   1250 O O   . PHE D 2 10 ? -10.854 6.201   -0.704  1.000 52.798 0 177 PHE D O   1 ? 
ATOM   1251 C CB  . PHE D 2 10 ? -9.950  3.557   0.175   1.000 35.152 0 177 PHE D CB  1 ? 
ATOM   1252 C CG  . PHE D 2 10 ? -10.540 2.633   -0.855  1.000 28.748 0 177 PHE D CG  1 ? 
ATOM   1253 C CD1 . PHE D 2 10 ? -9.728  1.965   -1.748  1.000 28.341 0 177 PHE D CD1 1 ? 
ATOM   1254 C CD2 . PHE D 2 10 ? -11.911 2.406   -0.879  1.000 25.507 0 177 PHE D CD2 1 ? 
ATOM   1255 C CE1 . PHE D 2 10 ? -10.279 1.047   -2.633  1.000 26.787 0 177 PHE D CE1 1 ? 
ATOM   1256 C CE2 . PHE D 2 10 ? -12.457 1.540   -1.807  1.000 24.787 0 177 PHE D CE2 1 ? 
ATOM   1257 C CZ  . PHE D 2 10 ? -11.641 0.840   -2.655  1.000 24.188 0 177 PHE D CZ  1 ? 
ATOM   1258 O OXT . PHE D 2 10 ? -9.632  5.651   -2.517  1.000 45.750 0 177 PHE D OXT 1 ? 
HETATM 1259 O O   . HOH E 3 .  ? -21.913 -6.354  4.307   1.000 39.452 0 301 HOH A O   1 ? 
HETATM 1260 O O   . HOH E 3 .  ? -20.824 6.334   -8.878  1.000 44.648 0 302 HOH A O   1 ? 
HETATM 1261 O O   . HOH E 3 .  ? -28.981 -9.807  -5.273  1.000 37.805 0 303 HOH A O   1 ? 
HETATM 1262 O O   . HOH E 3 .  ? -12.881 5.429   -8.694  1.000 41.954 0 304 HOH A O   1 ? 
HETATM 1263 O O   . HOH E 3 .  ? -3.167  -13.757 -0.270  1.000 45.690 0 305 HOH A O   1 ? 
HETATM 1264 O O   . HOH E 3 .  ? -20.651 -9.308  6.214   1.000 45.134 0 306 HOH A O   1 ? 
HETATM 1265 O O   . HOH E 3 .  ? 0.536   -6.978  3.196   1.000 52.940 0 307 HOH A O   1 ? 
HETATM 1266 O O   . HOH E 3 .  ? -9.398  -14.356 -14.148 1.000 50.697 0 308 HOH A O   1 ? 
HETATM 1267 O O   . HOH E 3 .  ? -22.270 9.207   2.893   1.000 58.924 0 309 HOH A O   1 ? 
HETATM 1268 O O   . HOH E 3 .  ? -23.087 6.403   -0.492  1.000 45.379 0 310 HOH A O   1 ? 
HETATM 1269 O O   . HOH E 3 .  ? -17.349 6.792   3.450   1.000 36.444 0 311 HOH A O   1 ? 
HETATM 1270 O O   . HOH E 3 .  ? -9.440  -13.694 5.843   1.000 36.381 0 312 HOH A O   1 ? 
HETATM 1271 O O   . HOH E 3 .  ? -9.816  -6.296  6.960   1.000 30.634 0 313 HOH A O   1 ? 
HETATM 1272 O O   . HOH E 3 .  ? -15.090 -10.941 -11.905 1.000 48.362 0 314 HOH A O   1 ? 
HETATM 1273 O O   . HOH E 3 .  ? -20.346 6.225   4.141   1.000 38.204 0 315 HOH A O   1 ? 
HETATM 1274 O O   . HOH E 3 .  ? -12.961 2.323   -14.717 1.000 43.741 0 316 HOH A O   1 ? 
HETATM 1275 O O   . HOH E 3 .  ? -16.831 -11.242 -9.525  1.000 39.732 0 317 HOH A O   1 ? 
HETATM 1276 O O   . HOH E 3 .  ? -7.843  -19.477 -5.610  1.000 38.115 0 318 HOH A O   1 ? 
HETATM 1277 O O   . HOH E 3 .  ? -18.925 1.993   -8.305  1.000 24.754 0 319 HOH A O   1 ? 
HETATM 1278 O O   . HOH E 3 .  ? -5.980  -16.956 0.701   1.000 42.639 0 320 HOH A O   1 ? 
HETATM 1279 O O   . HOH E 3 .  ? -17.885 4.658   -9.431  1.000 42.576 0 321 HOH A O   1 ? 
HETATM 1280 O O   . HOH E 3 .  ? -8.423  -17.378 -7.066  1.000 39.157 0 322 HOH A O   1 ? 
HETATM 1281 O O   . HOH E 3 .  ? -7.281  -24.344 -0.201  1.000 49.609 0 323 HOH A O   1 ? 
HETATM 1282 O O   . HOH E 3 .  ? -22.333 -4.871  1.634   1.000 30.603 0 324 HOH A O   1 ? 
HETATM 1283 O O   . HOH E 3 .  ? -13.960 7.718   -6.566  1.000 58.146 0 325 HOH A O   1 ? 
HETATM 1284 O O   . HOH E 3 .  ? -14.284 -16.557 -7.357  1.000 36.794 0 326 HOH A O   1 ? 
HETATM 1285 O O   . HOH E 3 .  ? -24.664 0.222   -2.640  1.000 25.324 0 327 HOH A O   1 ? 
HETATM 1286 O O   . HOH E 3 .  ? -9.667  -18.613 0.835   1.000 29.933 0 328 HOH A O   1 ? 
HETATM 1287 O O   . HOH E 3 .  ? -8.756  -4.178  -14.428 1.000 53.065 0 329 HOH A O   1 ? 
HETATM 1288 O O   . HOH E 3 .  ? -18.899 -12.569 3.536   1.000 43.273 0 330 HOH A O   1 ? 
HETATM 1289 O O   . HOH E 3 .  ? -17.770 -14.985 -6.506  1.000 50.938 0 331 HOH A O   1 ? 
HETATM 1290 O O   . HOH E 3 .  ? -6.342  2.036   -4.764  1.000 38.722 0 332 HOH A O   1 ? 
HETATM 1291 O O   . HOH E 3 .  ? -24.359 -10.804 -0.188  1.000 36.949 0 333 HOH A O   1 ? 
HETATM 1292 O O   . HOH E 3 .  ? -15.409 7.144   -1.019  1.000 31.220 0 334 HOH A O   1 ? 
HETATM 1293 O O   . HOH E 3 .  ? -17.383 13.204  4.513   1.000 48.771 0 335 HOH A O   1 ? 
HETATM 1294 O O   . HOH E 3 .  ? -11.408 6.807   -6.598  1.000 52.633 0 336 HOH A O   1 ? 
HETATM 1295 O O   . HOH E 3 .  ? -14.705 -3.477  9.464   1.000 26.488 0 337 HOH A O   1 ? 
HETATM 1296 O O   . HOH E 3 .  ? -17.422 14.739  -7.483  1.000 46.207 0 338 HOH A O   1 ? 
HETATM 1297 O O   . HOH E 3 .  ? -14.053 6.772   4.831   1.000 42.444 0 339 HOH A O   1 ? 
HETATM 1298 O O   . HOH E 3 .  ? -20.312 -18.724 -4.688  1.000 42.419 0 340 HOH A O   1 ? 
HETATM 1299 O O   . HOH E 3 .  ? -7.955  5.403   -8.110  1.000 45.658 0 341 HOH A O   1 ? 
HETATM 1300 O O   . HOH E 3 .  ? -10.734 -17.714 -8.619  1.000 44.857 0 342 HOH A O   1 ? 
HETATM 1301 O O   . HOH E 3 .  ? -11.702 0.411   -16.056 1.000 47.561 0 343 HOH A O   1 ? 
HETATM 1302 O O   . HOH E 3 .  ? -3.929  -12.733 -13.026 1.000 55.073 0 344 HOH A O   1 ? 
HETATM 1303 O O   . HOH E 3 .  ? -15.547 5.713   -9.305  1.000 44.807 0 345 HOH A O   1 ? 
HETATM 1304 O O   . HOH E 3 .  ? -16.444 -19.913 0.348   1.000 47.179 0 346 HOH A O   1 ? 
HETATM 1305 O O   . HOH E 3 .  ? -15.541 -16.693 4.788   1.000 40.052 0 347 HOH A O   1 ? 
HETATM 1306 O O   . HOH E 3 .  ? -13.384 -7.426  -11.808 1.000 32.469 0 348 HOH A O   1 ? 
HETATM 1307 O O   . HOH E 3 .  ? -12.094 -8.719  7.877   1.000 52.614 0 349 HOH A O   1 ? 
HETATM 1308 O O   . HOH E 3 .  ? -20.967 4.032   -7.663  1.000 35.982 0 350 HOH A O   1 ? 
HETATM 1309 O O   . HOH E 3 .  ? -19.352 -16.647 3.243   1.000 48.273 0 351 HOH A O   1 ? 
HETATM 1310 O O   . HOH E 3 .  ? -11.536 -19.314 3.091   1.000 51.036 0 352 HOH A O   1 ? 
HETATM 1311 O O   . HOH E 3 .  ? -21.797 -11.585 -6.839  1.000 41.841 0 353 HOH A O   1 ? 
HETATM 1312 O O   . HOH E 3 .  ? -24.784 -8.043  -0.739  1.000 46.627 0 354 HOH A O   1 ? 
HETATM 1313 O O   . HOH E 3 .  ? -25.111 3.041   -2.932  1.000 33.439 0 355 HOH A O   1 ? 
HETATM 1314 O O   . HOH E 3 .  ? -25.876 -12.689 -1.805  1.000 48.728 0 356 HOH A O   1 ? 
HETATM 1315 O O   . HOH E 3 .  ? -24.727 -6.176  1.125   1.000 41.927 0 357 HOH A O   1 ? 
HETATM 1316 O O   . HOH E 3 .  ? -25.267 -7.417  3.620   1.000 58.390 0 358 HOH A O   1 ? 
HETATM 1317 O O   . HOH E 3 .  ? -12.475 -17.088 4.900   1.000 51.083 0 359 HOH A O   1 ? 
HETATM 1318 O O   . HOH E 3 .  ? -14.376 -20.659 1.797   1.000 53.301 0 360 HOH A O   1 ? 
HETATM 1319 O O   . HOH E 3 .  ? -15.780 7.834   1.595   1.000 45.155 0 361 HOH A O   1 ? 
HETATM 1320 O O   . HOH E 3 .  ? -25.111 4.990   -0.814  1.000 56.615 0 362 HOH A O   1 ? 
HETATM 1321 O O   . HOH E 3 .  ? -17.082 -12.081 -12.182 1.000 54.110 0 363 HOH A O   1 ? 
HETATM 1322 O O   . HOH E 3 .  ? -25.722 0.343   -0.125  1.000 38.283 0 364 HOH A O   1 ? 
HETATM 1323 O O   . HOH E 3 .  ? -23.965 0.162   1.614   1.000 40.251 0 365 HOH A O   1 ? 
HETATM 1324 O O   . HOH E 3 .  ? -26.080 -1.094  -4.719  1.000 33.780 0 366 HOH A O   1 ? 
HETATM 1325 O O   . HOH E 3 .  ? -22.153 -3.853  4.998   1.000 35.847 0 367 HOH A O   1 ? 
HETATM 1326 O O   . HOH E 3 .  ? -23.465 -2.731  2.591   1.000 34.687 0 368 HOH A O   1 ? 
HETATM 1327 O O   . HOH E 3 .  ? -23.301 3.348   -9.149  1.000 37.230 0 369 HOH A O   1 ? 
HETATM 1328 O O   . HOH F 3 .  ? 17.066  14.923  4.375   1.000 42.258 0 301 HOH B O   1 ? 
HETATM 1329 O O   . HOH F 3 .  ? 13.647  10.247  16.728  1.000 48.279 0 302 HOH B O   1 ? 
HETATM 1330 O O   . HOH F 3 .  ? 11.438  -1.923  12.364  1.000 45.598 0 303 HOH B O   1 ? 
HETATM 1331 O O   . HOH F 3 .  ? 15.667  -6.291  11.173  1.000 46.585 0 304 HOH B O   1 ? 
HETATM 1332 O O   . HOH F 3 .  ? 13.121  5.144   -11.768 1.000 38.860 0 305 HOH B O   1 ? 
HETATM 1333 O O   . HOH F 3 .  ? 9.346   2.694   -10.408 1.000 46.071 0 306 HOH B O   1 ? 
HETATM 1334 O O   . HOH F 3 .  ? 28.324  11.319  7.318   1.000 37.087 0 307 HOH B O   1 ? 
HETATM 1335 O O   . HOH F 3 .  ? 7.583   10.741  13.542  1.000 36.946 0 308 HOH B O   1 ? 
HETATM 1336 O O   . HOH F 3 .  ? 1.171   11.117  5.855   1.000 48.501 0 309 HOH B O   1 ? 
HETATM 1337 O O   . HOH F 3 .  ? 16.728  16.235  0.574   1.000 47.450 0 310 HOH B O   1 ? 
HETATM 1338 O O   . HOH F 3 .  ? 7.194   11.344  -1.995  1.000 31.940 0 311 HOH B O   1 ? 
HETATM 1339 O O   . HOH F 3 .  ? 11.353  11.016  -8.198  1.000 38.651 0 312 HOH B O   1 ? 
HETATM 1340 O O   . HOH F 3 .  ? 15.943  -2.846  -9.536  1.000 40.273 0 313 HOH B O   1 ? 
HETATM 1341 O O   . HOH F 3 .  ? 9.645   12.990  14.296  1.000 41.154 0 314 HOH B O   1 ? 
HETATM 1342 O O   . HOH F 3 .  ? 16.718  2.184   12.538  1.000 23.704 0 315 HOH B O   1 ? 
HETATM 1343 O O   . HOH F 3 .  ? 15.158  0.409   14.347  1.000 45.319 0 316 HOH B O   1 ? 
HETATM 1344 O O   . HOH F 3 .  ? 6.377   -1.430  5.630   1.000 38.471 0 317 HOH B O   1 ? 
HETATM 1345 O O   . HOH F 3 .  ? 2.030   2.861   -7.108  1.000 41.929 0 318 HOH B O   1 ? 
HETATM 1346 O O   . HOH F 3 .  ? 8.104   5.876   13.604  1.000 32.734 0 319 HOH B O   1 ? 
HETATM 1347 O O   . HOH F 3 .  ? 18.637  13.472  -2.107  1.000 44.263 0 320 HOH B O   1 ? 
HETATM 1348 O O   . HOH F 3 .  ? 18.907  10.104  12.727  1.000 27.470 0 321 HOH B O   1 ? 
HETATM 1349 O O   . HOH F 3 .  ? 22.006  -4.245  -7.124  1.000 53.521 0 322 HOH B O   1 ? 
HETATM 1350 O O   . HOH F 3 .  ? 4.056   10.050  19.038  1.000 55.817 0 323 HOH B O   1 ? 
HETATM 1351 O O   . HOH F 3 .  ? 16.974  5.044   -19.394 1.000 45.934 0 324 HOH B O   1 ? 
HETATM 1352 O O   . HOH F 3 .  ? 7.965   15.585  2.311   1.000 22.981 0 325 HOH B O   1 ? 
HETATM 1353 O O   . HOH F 3 .  ? 23.388  12.945  2.718   1.000 38.223 0 326 HOH B O   1 ? 
HETATM 1354 O O   . HOH F 3 .  ? 4.041   10.073  11.204  1.000 39.837 0 327 HOH B O   1 ? 
HETATM 1355 O O   . HOH F 3 .  ? 16.569  3.746   15.120  1.000 39.277 0 328 HOH B O   1 ? 
HETATM 1356 O O   . HOH F 3 .  ? 8.225   -0.945  12.549  1.000 47.770 0 329 HOH B O   1 ? 
HETATM 1357 O O   . HOH F 3 .  ? 17.843  13.093  6.367   1.000 28.631 0 330 HOH B O   1 ? 
HETATM 1358 O O   . HOH F 3 .  ? 6.035   3.461   14.440  1.000 56.369 0 331 HOH B O   1 ? 
HETATM 1359 O O   . HOH F 3 .  ? 26.552  7.998   -5.382  1.000 52.616 0 332 HOH B O   1 ? 
HETATM 1360 O O   . HOH F 3 .  ? 8.042   -4.086  10.340  1.000 60.486 0 333 HOH B O   1 ? 
HETATM 1361 O O   . HOH F 3 .  ? 18.512  5.403   -17.173 1.000 46.081 0 334 HOH B O   1 ? 
HETATM 1362 O O   . HOH F 3 .  ? 16.580  7.327   -11.363 1.000 36.050 0 335 HOH B O   1 ? 
HETATM 1363 O O   . HOH F 3 .  ? 22.394  2.166   -5.354  1.000 46.053 0 336 HOH B O   1 ? 
HETATM 1364 O O   . HOH F 3 .  ? -0.669  14.489  7.331   1.000 53.678 0 337 HOH B O   1 ? 
HETATM 1365 O O   . HOH F 3 .  ? 13.066  -0.877  14.160  1.000 42.333 0 338 HOH B O   1 ? 
HETATM 1366 O O   . HOH F 3 .  ? 16.637  -7.710  9.193   1.000 52.599 0 339 HOH B O   1 ? 
HETATM 1367 O O   . HOH F 3 .  ? 10.149  4.257   18.511  1.000 51.619 0 340 HOH B O   1 ? 
HETATM 1368 O O   . HOH F 3 .  ? 11.262  -6.588  0.402   1.000 47.111 0 341 HOH B O   1 ? 
HETATM 1369 O O   . HOH F 3 .  ? 9.420   6.756   -9.552  1.000 55.720 0 342 HOH B O   1 ? 
HETATM 1370 O O   . HOH F 3 .  ? 22.195  1.544   -2.165  1.000 61.404 0 343 HOH B O   1 ? 
HETATM 1371 O O   . HOH F 3 .  ? 19.392  8.085   -17.371 1.000 51.648 0 344 HOH B O   1 ? 
HETATM 1372 O O   . HOH F 3 .  ? 4.893   5.809   -7.585  1.000 51.061 0 345 HOH B O   1 ? 
HETATM 1373 O O   . HOH F 3 .  ? 20.641  13.760  6.487   1.000 40.421 0 346 HOH B O   1 ? 
HETATM 1374 O O   . HOH F 3 .  ? 16.090  7.696   17.570  1.000 60.312 0 347 HOH B O   1 ? 
HETATM 1375 O O   . HOH F 3 .  ? 22.555  12.767  5.433   1.000 40.307 0 348 HOH B O   1 ? 
HETATM 1376 O O   . HOH F 3 .  ? 17.945  9.896   15.204  1.000 36.265 0 349 HOH B O   1 ? 
HETATM 1377 O O   . HOH F 3 .  ? 25.979  12.776  2.332   1.000 51.415 0 350 HOH B O   1 ? 
HETATM 1378 O O   . HOH F 3 .  ? 6.748   8.335   14.131  1.000 38.111 0 351 HOH B O   1 ? 
HETATM 1379 O O   . HOH F 3 .  ? 4.173   14.105  0.766   1.000 60.371 0 352 HOH B O   1 ? 
HETATM 1380 O O   . HOH F 3 .  ? 16.119  13.145  10.997  1.000 39.553 0 353 HOH B O   1 ? 
HETATM 1381 O O   . HOH F 3 .  ? 16.229  11.314  16.438  1.000 53.214 0 354 HOH B O   1 ? 
HETATM 1382 O O   . HOH F 3 .  ? 13.249  12.581  -9.180  1.000 46.597 0 355 HOH B O   1 ? 
HETATM 1383 O O   . HOH F 3 .  ? 19.270  3.647   16.235  1.000 35.405 0 356 HOH B O   1 ? 
HETATM 1384 O O   . HOH F 3 .  ? 16.911  14.236  8.479   1.000 32.039 0 357 HOH B O   1 ? 
HETATM 1385 O O   . HOH G 3 .  ? -0.647  7.920   8.285   1.000 59.482 0 201 HOH C O   1 ? 
HETATM 1386 O O   . HOH G 3 .  ? 2.704   10.651  2.601   1.000 53.812 0 202 HOH C O   1 ? 
HETATM 1387 O O   . HOH G 3 .  ? 6.627   -0.195  8.616   1.000 43.871 0 203 HOH C O   1 ? 
HETATM 1388 O O   . HOH G 3 .  ? 2.761   6.280   10.446  1.000 44.798 0 204 HOH C O   1 ? 
HETATM 1389 O O   . HOH G 3 .  ? 5.165   7.034   -5.055  1.000 36.084 0 205 HOH C O   1 ? 
HETATM 1390 O O   . HOH G 3 .  ? 5.362   12.027  0.364   1.000 45.824 0 206 HOH C O   1 ? 
HETATM 1391 O O   . HOH G 3 .  ? 6.646   6.354   11.252  1.000 43.122 0 207 HOH C O   1 ? 
HETATM 1392 O O   . HOH G 3 .  ? 3.806   0.289   5.776   1.000 54.154 0 208 HOH C O   1 ? 
HETATM 1393 O O   . HOH G 3 .  ? -1.603  12.988  2.031   1.000 55.098 0 209 HOH C O   1 ? 
HETATM 1394 O O   . HOH H 3 .  ? -8.580  4.519   -4.549  1.000 40.679 0 201 HOH D O   1 ? 
HETATM 1395 O O   . HOH H 3 .  ? 1.300   -3.861  8.630   1.000 46.437 0 202 HOH D O   1 ? 
HETATM 1396 O O   . HOH H 3 .  ? -7.222  -7.267  7.819   1.000 49.514 0 203 HOH D O   1 ? 
HETATM 1397 O O   . HOH H 3 .  ? 7.184   -6.674  5.866   1.000 54.069 0 204 HOH D O   1 ? 
HETATM 1398 O O   . HOH H 3 .  ? -7.301  6.912   5.942   1.000 55.569 0 205 HOH D O   1 ? 
HETATM 1399 O O   . HOH H 3 .  ? -8.248  0.439   7.762   1.000 52.860 0 206 HOH D O   1 ? 
HETATM 1400 O O   . HOH H 3 .  ? -6.083  -1.805  12.763  1.000 61.508 0 207 HOH D O   1 ? 
HETATM 1401 O O   . HOH H 3 .  ? -2.816  2.240   10.535  1.000 48.036 0 208 HOH D O   1 ? 
HETATM 1402 O O   . HOH H 3 .  ? -13.450 5.649   0.531   1.000 39.926 0 209 HOH D O   1 ? 
HETATM 1403 O O   . HOH H 3 .  ? -4.581  -7.606  4.690   1.000 38.027 0 210 HOH D O   1 ? 
HETATM 1404 O O   . HOH H 3 .  ? -10.081 6.909   2.712   1.000 49.084 0 211 HOH D O   1 ? 
HETATM 1405 O O   . HOH H 3 .  ? 0.221   0.505   5.569   1.000 52.973 0 212 HOH D O   1 ? 
HETATM 1406 O O   . HOH H 3 .  ? 1.613   0.684   9.962   1.000 49.418 0 213 HOH D O   1 ? 
HETATM 1407 O O   . HOH H 3 .  ? -12.635 6.760   2.395   1.000 52.554 0 214 HOH D O   1 ? 
# 
